data_3GSK
# 
_entry.id   3GSK 
# 
_audit_conform.dict_name       mmcif_pdbx.dic 
_audit_conform.dict_version    5.387 
_audit_conform.dict_location   http://mmcif.pdb.org/dictionaries/ascii/mmcif_pdbx.dic 
# 
loop_
_database_2.database_id 
_database_2.database_code 
_database_2.pdbx_database_accession 
_database_2.pdbx_DOI 
PDB   3GSK         pdb_00003gsk 10.2210/pdb3gsk/pdb 
NDB   DD0109       ?            ?                   
RCSB  RCSB052256   ?            ?                   
WWPDB D_1000052256 ?            ?                   
# 
loop_
_pdbx_audit_revision_history.ordinal 
_pdbx_audit_revision_history.data_content_type 
_pdbx_audit_revision_history.major_revision 
_pdbx_audit_revision_history.minor_revision 
_pdbx_audit_revision_history.revision_date 
1 'Structure model' 1 0 2009-05-19 
2 'Structure model' 1 1 2011-07-13 
3 'Structure model' 1 2 2018-02-14 
4 'Structure model' 1 3 2024-02-21 
5 'Structure model' 1 4 2024-03-13 
# 
_pdbx_audit_revision_details.ordinal             1 
_pdbx_audit_revision_details.revision_ordinal    1 
_pdbx_audit_revision_details.data_content_type   'Structure model' 
_pdbx_audit_revision_details.provider            repository 
_pdbx_audit_revision_details.type                'Initial release' 
_pdbx_audit_revision_details.description         ? 
_pdbx_audit_revision_details.details             ? 
# 
loop_
_pdbx_audit_revision_group.ordinal 
_pdbx_audit_revision_group.revision_ordinal 
_pdbx_audit_revision_group.data_content_type 
_pdbx_audit_revision_group.group 
1 2 'Structure model' 'Non-polymer description'   
2 2 'Structure model' 'Version format compliance' 
3 3 'Structure model' 'Experimental preparation'  
4 4 'Structure model' 'Data collection'           
5 4 'Structure model' 'Database references'       
6 4 'Structure model' 'Derived calculations'      
7 5 'Structure model' 'Source and taxonomy'       
8 5 'Structure model' 'Structure summary'         
# 
loop_
_pdbx_audit_revision_category.ordinal 
_pdbx_audit_revision_category.revision_ordinal 
_pdbx_audit_revision_category.data_content_type 
_pdbx_audit_revision_category.category 
1 3 'Structure model' exptl_crystal_grow  
2 4 'Structure model' chem_comp_atom      
3 4 'Structure model' chem_comp_bond      
4 4 'Structure model' database_2          
5 4 'Structure model' struct_site         
6 5 'Structure model' entity              
7 5 'Structure model' pdbx_entity_src_syn 
# 
loop_
_pdbx_audit_revision_item.ordinal 
_pdbx_audit_revision_item.revision_ordinal 
_pdbx_audit_revision_item.data_content_type 
_pdbx_audit_revision_item.item 
1 3 'Structure model' '_exptl_crystal_grow.pdbx_details'    
2 3 'Structure model' '_exptl_crystal_grow.temp'            
3 4 'Structure model' '_database_2.pdbx_DOI'                
4 4 'Structure model' '_database_2.pdbx_database_accession' 
5 4 'Structure model' '_struct_site.pdbx_auth_asym_id'      
6 4 'Structure model' '_struct_site.pdbx_auth_comp_id'      
7 4 'Structure model' '_struct_site.pdbx_auth_seq_id'       
8 5 'Structure model' '_entity.details'                     
# 
_pdbx_database_status.status_code                     REL 
_pdbx_database_status.entry_id                        3GSK 
_pdbx_database_status.recvd_initial_deposition_date   2009-03-27 
_pdbx_database_status.deposit_site                    RCSB 
_pdbx_database_status.process_site                    RCSB 
_pdbx_database_status.status_code_sf                  REL 
_pdbx_database_status.status_code_mr                  ? 
_pdbx_database_status.SG_entry                        ? 
_pdbx_database_status.pdb_format_compatible           Y 
_pdbx_database_status.status_code_cs                  ? 
_pdbx_database_status.methods_development_category    ? 
_pdbx_database_status.status_code_nmr_data            ? 
# 
loop_
_pdbx_database_related.db_name 
_pdbx_database_related.db_id 
_pdbx_database_related.details 
_pdbx_database_related.content_type 
PDB 2o1i . unspecified 
PDB 3GSJ . unspecified 
# 
loop_
_audit_author.name 
_audit_author.pdbx_ordinal 
'Zeglis, B.M.' 1 
'Pierre, V.C.' 2 
'Kaiser, J.T.' 3 
'Barton, J.K.' 4 
# 
_citation.id                        primary 
_citation.title                     
'A bulky rhodium complex bound to an adenosine-adenosine DNA mismatch: general architecture of the metalloinsertion binding mode' 
_citation.journal_abbrev            Biochemistry 
_citation.journal_volume            48 
_citation.page_first                4247 
_citation.page_last                 4253 
_citation.year                      2009 
_citation.journal_id_ASTM           BICHAW 
_citation.country                   US 
_citation.journal_id_ISSN           0006-2960 
_citation.journal_id_CSD            0033 
_citation.book_publisher            ? 
_citation.pdbx_database_id_PubMed   19374348 
_citation.pdbx_database_id_DOI      10.1021/bi900194e 
# 
loop_
_citation_author.citation_id 
_citation_author.name 
_citation_author.ordinal 
_citation_author.identifier_ORCID 
primary 'Zeglis, B.M.' 1 ? 
primary 'Pierre, V.C.' 2 ? 
primary 'Kaiser, J.T.' 3 ? 
primary 'Barton, J.K.' 4 ? 
# 
loop_
_entity.id 
_entity.type 
_entity.src_method 
_entity.pdbx_description 
_entity.formula_weight 
_entity.pdbx_number_of_molecules 
_entity.pdbx_ec 
_entity.pdbx_mutation 
_entity.pdbx_fragment 
_entity.details 
1 polymer     syn "5'-D(*CP*GP*GP*AP*AP*AP*TP*TP*AP*CP*CP*G)-3'"                                                3671.418 2  ? ? ? 
?              
2 non-polymer syn "bis(2,2'-bipyridine-kappa~2~N~1~,N~1'~)[chrysene-5,6-diiminato(2-)-kappa~2~N,N']rhodium(4+)" 669.559  2  ? ? ? 
ORGANOMETALLIC 
3 non-polymer syn 'CACODYLATE ION'                                                                              136.989  1  ? ? ? 
?              
4 water       nat water                                                                                         18.015   89 ? ? ? 
?              
# 
_entity_poly.entity_id                      1 
_entity_poly.type                           polydeoxyribonucleotide 
_entity_poly.nstd_linkage                   no 
_entity_poly.nstd_monomer                   no 
_entity_poly.pdbx_seq_one_letter_code       '(DC)(DG)(DG)(DA)(DA)(DA)(DT)(DT)(DA)(DC)(DC)(DG)' 
_entity_poly.pdbx_seq_one_letter_code_can   CGGAAATTACCG 
_entity_poly.pdbx_strand_id                 B,A 
_entity_poly.pdbx_target_identifier         ? 
# 
loop_
_pdbx_entity_nonpoly.entity_id 
_pdbx_entity_nonpoly.name 
_pdbx_entity_nonpoly.comp_id 
2 "bis(2,2'-bipyridine-kappa~2~N~1~,N~1'~)[chrysene-5,6-diiminato(2-)-kappa~2~N,N']rhodium(4+)" R1C 
3 'CACODYLATE ION'                                                                              CAC 
4 water                                                                                         HOH 
# 
loop_
_entity_poly_seq.entity_id 
_entity_poly_seq.num 
_entity_poly_seq.mon_id 
_entity_poly_seq.hetero 
1 1  DC n 
1 2  DG n 
1 3  DG n 
1 4  DA n 
1 5  DA n 
1 6  DA n 
1 7  DT n 
1 8  DT n 
1 9  DA n 
1 10 DC n 
1 11 DC n 
1 12 DG n 
# 
_pdbx_entity_src_syn.entity_id              1 
_pdbx_entity_src_syn.pdbx_src_id            1 
_pdbx_entity_src_syn.pdbx_alt_source_flag   sample 
_pdbx_entity_src_syn.pdbx_beg_seq_num       ? 
_pdbx_entity_src_syn.pdbx_end_seq_num       ? 
_pdbx_entity_src_syn.organism_scientific    ? 
_pdbx_entity_src_syn.organism_common_name   ? 
_pdbx_entity_src_syn.ncbi_taxonomy_id       ? 
_pdbx_entity_src_syn.details                'Synthetic DNA' 
# 
loop_
_chem_comp.id 
_chem_comp.type 
_chem_comp.mon_nstd_flag 
_chem_comp.name 
_chem_comp.pdbx_synonyms 
_chem_comp.formula 
_chem_comp.formula_weight 
CAC non-polymer   . 'CACODYLATE ION'                                                                              dimethylarsinate 
'C2 H6 As O2 -1'  136.989 
DA  'DNA linking' y "2'-DEOXYADENOSINE-5'-MONOPHOSPHATE"                                                          ? 
'C10 H14 N5 O6 P' 331.222 
DC  'DNA linking' y "2'-DEOXYCYTIDINE-5'-MONOPHOSPHATE"                                                           ? 
'C9 H14 N3 O7 P'  307.197 
DG  'DNA linking' y "2'-DEOXYGUANOSINE-5'-MONOPHOSPHATE"                                                          ? 
'C10 H14 N5 O7 P' 347.221 
DT  'DNA linking' y "THYMIDINE-5'-MONOPHOSPHATE"                                                                  ? 
'C10 H15 N2 O8 P' 322.208 
HOH non-polymer   . WATER                                                                                         ? 'H2 O' 18.015  
R1C non-polymer   . "bis(2,2'-bipyridine-kappa~2~N~1~,N~1'~)[chrysene-5,6-diiminato(2-)-kappa~2~N,N']rhodium(4+)" 
;DELTA-Rhodium(III)- bis-(2,2'-bipyridyl)-5,6-chrysenequinone diimine
;
'C38 H26 N6 Rh 4' 669.559 
# 
loop_
_pdbx_poly_seq_scheme.asym_id 
_pdbx_poly_seq_scheme.entity_id 
_pdbx_poly_seq_scheme.seq_id 
_pdbx_poly_seq_scheme.mon_id 
_pdbx_poly_seq_scheme.ndb_seq_num 
_pdbx_poly_seq_scheme.pdb_seq_num 
_pdbx_poly_seq_scheme.auth_seq_num 
_pdbx_poly_seq_scheme.pdb_mon_id 
_pdbx_poly_seq_scheme.auth_mon_id 
_pdbx_poly_seq_scheme.pdb_strand_id 
_pdbx_poly_seq_scheme.pdb_ins_code 
_pdbx_poly_seq_scheme.hetero 
A 1 1  DC 1  1  1  DC DC B . n 
A 1 2  DG 2  2  2  DG DG B . n 
A 1 3  DG 3  3  3  DG DG B . n 
A 1 4  DA 4  4  4  DA DA B . n 
A 1 5  DA 5  5  5  DA DA B . n 
A 1 6  DA 6  6  6  DA DA B . n 
A 1 7  DT 7  7  7  DT DT B . n 
A 1 8  DT 8  8  8  DT DT B . n 
A 1 9  DA 9  9  9  DA DA B . n 
A 1 10 DC 10 10 10 DC DC B . n 
A 1 11 DC 11 11 11 DC DC B . n 
A 1 12 DG 12 12 12 DG DG B . n 
B 1 1  DC 1  1  1  DC DC A . n 
B 1 2  DG 2  2  2  DG DG A . n 
B 1 3  DG 3  3  3  DG DG A . n 
B 1 4  DA 4  4  4  DA DA A . n 
B 1 5  DA 5  5  5  DA DA A . n 
B 1 6  DA 6  6  6  DA DA A . n 
B 1 7  DT 7  7  7  DT DT A . n 
B 1 8  DT 8  8  8  DT DT A . n 
B 1 9  DA 9  9  9  DA DA A . n 
B 1 10 DC 10 10 10 DC DC A . n 
B 1 11 DC 11 11 11 DC DC A . n 
B 1 12 DG 12 12 12 DG DG A . n 
# 
loop_
_pdbx_nonpoly_scheme.asym_id 
_pdbx_nonpoly_scheme.entity_id 
_pdbx_nonpoly_scheme.mon_id 
_pdbx_nonpoly_scheme.ndb_seq_num 
_pdbx_nonpoly_scheme.pdb_seq_num 
_pdbx_nonpoly_scheme.auth_seq_num 
_pdbx_nonpoly_scheme.pdb_mon_id 
_pdbx_nonpoly_scheme.auth_mon_id 
_pdbx_nonpoly_scheme.pdb_strand_id 
_pdbx_nonpoly_scheme.pdb_ins_code 
C 2 R1C 1  2001 2001 R1C R1C B . 
D 3 CAC 1  13   1    CAC CAC B . 
E 2 R1C 1  2002 2002 R1C R1C A . 
F 4 HOH 1  14   1    HOH HOH B . 
F 4 HOH 2  15   15   HOH HOH B . 
F 4 HOH 3  16   16   HOH HOH B . 
F 4 HOH 4  17   3    HOH HOH B . 
F 4 HOH 5  18   18   HOH HOH B . 
F 4 HOH 6  19   4    HOH HOH B . 
F 4 HOH 7  20   20   HOH HOH B . 
F 4 HOH 8  21   21   HOH HOH B . 
F 4 HOH 9  22   22   HOH HOH B . 
F 4 HOH 10 23   7    HOH HOH B . 
F 4 HOH 11 24   24   HOH HOH B . 
F 4 HOH 12 25   8    HOH HOH B . 
F 4 HOH 13 26   9    HOH HOH B . 
F 4 HOH 14 27   27   HOH HOH B . 
F 4 HOH 15 28   10   HOH HOH B . 
F 4 HOH 16 29   29   HOH HOH B . 
F 4 HOH 17 30   30   HOH HOH B . 
F 4 HOH 18 31   31   HOH HOH B . 
F 4 HOH 19 32   11   HOH HOH B . 
F 4 HOH 20 33   33   HOH HOH B . 
F 4 HOH 21 34   34   HOH HOH B . 
F 4 HOH 22 35   13   HOH HOH B . 
F 4 HOH 23 36   36   HOH HOH B . 
F 4 HOH 24 38   38   HOH HOH B . 
F 4 HOH 25 39   39   HOH HOH B . 
F 4 HOH 26 40   40   HOH HOH B . 
F 4 HOH 27 42   42   HOH HOH B . 
F 4 HOH 28 44   44   HOH HOH B . 
F 4 HOH 29 45   45   HOH HOH B . 
F 4 HOH 30 55   55   HOH HOH B . 
F 4 HOH 31 56   56   HOH HOH B . 
F 4 HOH 32 61   61   HOH HOH B . 
F 4 HOH 33 62   62   HOH HOH B . 
F 4 HOH 34 63   63   HOH HOH B . 
F 4 HOH 35 65   65   HOH HOH B . 
F 4 HOH 36 66   66   HOH HOH B . 
F 4 HOH 37 67   67   HOH HOH B . 
F 4 HOH 38 68   68   HOH HOH B . 
F 4 HOH 39 70   70   HOH HOH B . 
F 4 HOH 40 72   72   HOH HOH B . 
F 4 HOH 41 75   75   HOH HOH B . 
F 4 HOH 42 76   76   HOH HOH B . 
F 4 HOH 43 80   80   HOH HOH B . 
F 4 HOH 44 81   81   HOH HOH B . 
F 4 HOH 45 82   82   HOH HOH B . 
F 4 HOH 46 83   83   HOH HOH B . 
F 4 HOH 47 84   84   HOH HOH B . 
F 4 HOH 48 85   85   HOH HOH B . 
G 4 HOH 1  13   2    HOH HOH A . 
G 4 HOH 2  14   14   HOH HOH A . 
G 4 HOH 3  15   5    HOH HOH A . 
G 4 HOH 4  16   6    HOH HOH A . 
G 4 HOH 5  17   17   HOH HOH A . 
G 4 HOH 6  18   12   HOH HOH A . 
G 4 HOH 7  19   19   HOH HOH A . 
G 4 HOH 8  23   23   HOH HOH A . 
G 4 HOH 9  25   25   HOH HOH A . 
G 4 HOH 10 26   26   HOH HOH A . 
G 4 HOH 11 28   28   HOH HOH A . 
G 4 HOH 12 32   32   HOH HOH A . 
G 4 HOH 13 35   35   HOH HOH A . 
G 4 HOH 14 37   37   HOH HOH A . 
G 4 HOH 15 41   41   HOH HOH A . 
G 4 HOH 16 43   43   HOH HOH A . 
G 4 HOH 17 46   46   HOH HOH A . 
G 4 HOH 18 47   47   HOH HOH A . 
G 4 HOH 19 48   48   HOH HOH A . 
G 4 HOH 20 49   49   HOH HOH A . 
G 4 HOH 21 50   50   HOH HOH A . 
G 4 HOH 22 51   51   HOH HOH A . 
G 4 HOH 23 52   52   HOH HOH A . 
G 4 HOH 24 53   53   HOH HOH A . 
G 4 HOH 25 54   54   HOH HOH A . 
G 4 HOH 26 57   57   HOH HOH A . 
G 4 HOH 27 58   58   HOH HOH A . 
G 4 HOH 28 59   59   HOH HOH A . 
G 4 HOH 29 60   60   HOH HOH A . 
G 4 HOH 30 64   64   HOH HOH A . 
G 4 HOH 31 69   69   HOH HOH A . 
G 4 HOH 32 71   71   HOH HOH A . 
G 4 HOH 33 73   73   HOH HOH A . 
G 4 HOH 34 74   74   HOH HOH A . 
G 4 HOH 35 77   77   HOH HOH A . 
G 4 HOH 36 78   78   HOH HOH A . 
G 4 HOH 37 79   79   HOH HOH A . 
G 4 HOH 38 86   86   HOH HOH A . 
G 4 HOH 39 87   87   HOH HOH A . 
G 4 HOH 40 88   88   HOH HOH A . 
G 4 HOH 41 89   89   HOH HOH A . 
# 
loop_
_software.name 
_software.classification 
_software.version 
_software.citation_id 
_software.pdbx_ordinal 
_software.date 
_software.type 
_software.location 
_software.language 
Blu-Ice 'data collection' .                 ? 1 ? ? ? ? 
SHELXD  phasing           .                 ? 2 ? ? ? ? 
PHENIX  refinement        '(phenix.refine)' ? 3 ? ? ? ? 
MOSFLM  'data reduction'  .                 ? 4 ? ? ? ? 
SCALA   'data scaling'    .                 ? 5 ? ? ? ? 
# 
_cell.entry_id           3GSK 
_cell.length_a           48.337 
_cell.length_b           48.337 
_cell.length_c           69.505 
_cell.angle_alpha        90.00 
_cell.angle_beta         90.00 
_cell.angle_gamma        120.00 
_cell.Z_PDB              12 
_cell.pdbx_unique_axis   ? 
_cell.length_a_esd       ? 
_cell.length_b_esd       ? 
_cell.length_c_esd       ? 
_cell.angle_alpha_esd    ? 
_cell.angle_beta_esd     ? 
_cell.angle_gamma_esd    ? 
# 
_symmetry.entry_id                         3GSK 
_symmetry.space_group_name_H-M             'P 32 2 1' 
_symmetry.pdbx_full_space_group_name_H-M   ? 
_symmetry.cell_setting                     ? 
_symmetry.Int_Tables_number                154 
_symmetry.space_group_name_Hall            ? 
# 
_exptl.entry_id          3GSK 
_exptl.method            'X-RAY DIFFRACTION' 
_exptl.crystals_number   1 
# 
_exptl_crystal.id                    1 
_exptl_crystal.density_meas          ? 
_exptl_crystal.density_Matthews      3.19 
_exptl_crystal.density_percent_sol   61.47 
_exptl_crystal.description           ? 
_exptl_crystal.F_000                 ? 
_exptl_crystal.preparation           ? 
# 
_exptl_crystal_grow.crystal_id      1 
_exptl_crystal_grow.method          'VAPOR DIFFUSION' 
_exptl_crystal_grow.temp            298 
_exptl_crystal_grow.temp_details    ? 
_exptl_crystal_grow.pH              7 
_exptl_crystal_grow.pdbx_details    
;20 mM sodium cacodylate, 6 mM spermine,  4HCl,40 mM NaCl,  
5% 2-methyl-2,4-pentanediol, pH 7, VAPOR DIFFUSION
;
_exptl_crystal_grow.pdbx_pH_range   ? 
# 
_diffrn.id                     1 
_diffrn.ambient_temp           100 
_diffrn.ambient_temp_details   ? 
_diffrn.crystal_id             1 
# 
_diffrn_detector.diffrn_id              1 
_diffrn_detector.detector               CCD 
_diffrn_detector.type                   'MARMOSAIC 325 mm CCD' 
_diffrn_detector.pdbx_collection_date   ? 
_diffrn_detector.details                ? 
# 
_diffrn_radiation.diffrn_id                        1 
_diffrn_radiation.wavelength_id                    1 
_diffrn_radiation.pdbx_monochromatic_or_laue_m_l   M 
_diffrn_radiation.monochromator                    ? 
_diffrn_radiation.pdbx_diffrn_protocol             'SINGLE WAVELENGTH' 
_diffrn_radiation.pdbx_scattering_type             x-ray 
# 
_diffrn_radiation_wavelength.id           1 
_diffrn_radiation_wavelength.wavelength   1.0046 
_diffrn_radiation_wavelength.wt           1.0 
# 
_diffrn_source.diffrn_id                   1 
_diffrn_source.source                      SYNCHROTRON 
_diffrn_source.type                        'SSRL BEAMLINE BL11-1' 
_diffrn_source.pdbx_synchrotron_site       SSRL 
_diffrn_source.pdbx_synchrotron_beamline   BL11-1 
_diffrn_source.pdbx_wavelength             ? 
_diffrn_source.pdbx_wavelength_list        1.0046 
# 
_reflns.entry_id                     3GSK 
_reflns.observed_criterion_sigma_I   ? 
_reflns.observed_criterion_sigma_F   ? 
_reflns.d_resolution_low             35 
_reflns.d_resolution_high            1.6 
_reflns.number_obs                   22677 
_reflns.number_all                   ? 
_reflns.percent_possible_obs         99.5 
_reflns.pdbx_Rmerge_I_obs            0.035 
_reflns.pdbx_Rsym_value              ? 
_reflns.pdbx_netI_over_sigmaI        26.7 
_reflns.B_iso_Wilson_estimate        ? 
_reflns.pdbx_redundancy              7.9 
_reflns.R_free_details               ? 
_reflns.limit_h_max                  ? 
_reflns.limit_h_min                  ? 
_reflns.limit_k_max                  ? 
_reflns.limit_k_min                  ? 
_reflns.limit_l_max                  ? 
_reflns.limit_l_min                  ? 
_reflns.observed_criterion_F_max     ? 
_reflns.observed_criterion_F_min     ? 
_reflns.pdbx_chi_squared             ? 
_reflns.pdbx_scaling_rejects         ? 
_reflns.pdbx_ordinal                 1 
_reflns.pdbx_diffrn_id               1 
# 
_reflns_shell.d_res_high             1.60 
_reflns_shell.d_res_low              1.69 
_reflns_shell.percent_possible_all   98.9 
_reflns_shell.Rmerge_I_obs           0.499 
_reflns_shell.pdbx_Rsym_value        ? 
_reflns_shell.meanI_over_sigI_obs    2.0 
_reflns_shell.pdbx_redundancy        4.2 
_reflns_shell.percent_possible_obs   ? 
_reflns_shell.number_unique_all      ? 
_reflns_shell.number_measured_all    ? 
_reflns_shell.number_measured_obs    ? 
_reflns_shell.number_unique_obs      ? 
_reflns_shell.pdbx_chi_squared       ? 
_reflns_shell.pdbx_ordinal           1 
_reflns_shell.pdbx_diffrn_id         1 
# 
_refine.entry_id                                 3GSK 
_refine.ls_number_reflns_obs                     22677 
_refine.ls_number_reflns_all                     ? 
_refine.pdbx_ls_sigma_I                          ? 
_refine.pdbx_ls_sigma_F                          1.11 
_refine.pdbx_data_cutoff_high_absF               ? 
_refine.pdbx_data_cutoff_low_absF                ? 
_refine.pdbx_data_cutoff_high_rms_absF           ? 
_refine.ls_d_res_low                             20.271 
_refine.ls_d_res_high                            1.600 
_refine.ls_percent_reflns_obs                    94.66 
_refine.ls_R_factor_obs                          0.1859 
_refine.ls_R_factor_all                          ? 
_refine.ls_R_factor_R_work                       0.1838 
_refine.ls_R_factor_R_free                       0.2274 
_refine.ls_R_factor_R_free_error                 ? 
_refine.ls_R_factor_R_free_error_details         ? 
_refine.ls_percent_reflns_R_free                 4.99 
_refine.ls_number_reflns_R_free                  1131 
_refine.ls_number_parameters                     ? 
_refine.ls_number_restraints                     ? 
_refine.occupancy_min                            ? 
_refine.occupancy_max                            ? 
_refine.correlation_coeff_Fo_to_Fc               ? 
_refine.correlation_coeff_Fo_to_Fc_free          ? 
_refine.B_iso_mean                               ? 
_refine.aniso_B[1][1]                            ? 
_refine.aniso_B[2][2]                            ? 
_refine.aniso_B[3][3]                            ? 
_refine.aniso_B[1][2]                            ? 
_refine.aniso_B[1][3]                            ? 
_refine.aniso_B[2][3]                            ? 
_refine.solvent_model_details                    'FLAT BULK SOLVENT MODEL' 
_refine.solvent_model_param_ksol                 0.429 
_refine.solvent_model_param_bsol                 76.070 
_refine.pdbx_solvent_vdw_probe_radii             1.11 
_refine.pdbx_solvent_ion_probe_radii             ? 
_refine.pdbx_solvent_shrinkage_radii             0.90 
_refine.pdbx_ls_cross_valid_method               ? 
_refine.details                                  ? 
_refine.pdbx_starting_model                      ? 
_refine.pdbx_method_to_determine_struct          SAD 
_refine.pdbx_isotropic_thermal_model             ? 
_refine.pdbx_stereochemistry_target_values       ML 
_refine.pdbx_stereochem_target_val_spec_case     ? 
_refine.pdbx_R_Free_selection_details            ? 
_refine.pdbx_overall_ESU_R                       ? 
_refine.pdbx_overall_ESU_R_Free                  ? 
_refine.overall_SU_ML                            0.30 
_refine.overall_SU_B                             ? 
_refine.ls_redundancy_reflns_obs                 ? 
_refine.B_iso_min                                ? 
_refine.B_iso_max                                ? 
_refine.overall_SU_R_Cruickshank_DPI             ? 
_refine.overall_SU_R_free                        ? 
_refine.ls_wR_factor_R_free                      ? 
_refine.ls_wR_factor_R_work                      ? 
_refine.overall_FOM_free_R_set                   ? 
_refine.overall_FOM_work_R_set                   ? 
_refine.pdbx_overall_phase_error                 ? 
_refine.pdbx_refine_id                           'X-RAY DIFFRACTION' 
_refine.pdbx_diffrn_id                           1 
_refine.pdbx_TLS_residual_ADP_flag               ? 
_refine.pdbx_overall_SU_R_free_Cruickshank_DPI   ? 
_refine.pdbx_overall_SU_R_Blow_DPI               ? 
_refine.pdbx_overall_SU_R_free_Blow_DPI          ? 
# 
_refine_hist.pdbx_refine_id                   'X-RAY DIFFRACTION' 
_refine_hist.cycle_id                         LAST 
_refine_hist.pdbx_number_atoms_protein        0 
_refine_hist.pdbx_number_atoms_nucleic_acid   488 
_refine_hist.pdbx_number_atoms_ligand         95 
_refine_hist.number_atoms_solvent             89 
_refine_hist.number_atoms_total               672 
_refine_hist.d_res_high                       1.600 
_refine_hist.d_res_low                        20.271 
# 
loop_
_refine_ls_shell.pdbx_total_number_of_bins_used 
_refine_ls_shell.d_res_high 
_refine_ls_shell.d_res_low 
_refine_ls_shell.number_reflns_R_work 
_refine_ls_shell.R_factor_R_work 
_refine_ls_shell.percent_reflns_obs 
_refine_ls_shell.R_factor_R_free 
_refine_ls_shell.R_factor_R_free_error 
_refine_ls_shell.percent_reflns_R_free 
_refine_ls_shell.number_reflns_R_free 
_refine_ls_shell.number_reflns_all 
_refine_ls_shell.R_factor_all 
_refine_ls_shell.number_reflns_obs 
_refine_ls_shell.redundancy_reflns_obs 
_refine_ls_shell.pdbx_refine_id 
. 1.600  1.6729  2541 0.2546 89.00  0.3126 . . 128 . . . . 'X-RAY DIFFRACTION' 
. 1.6729 1.7610  2554 0.2179 91.00  0.2959 . . 148 . . . . 'X-RAY DIFFRACTION' 
. 1.7610 1.8713  2627 0.1892 92.00  0.2229 . . 142 . . . . 'X-RAY DIFFRACTION' 
. 1.8713 2.0156  2690 0.1878 93.00  0.2682 . . 138 . . . . 'X-RAY DIFFRACTION' 
. 2.0156 2.2183  2685 0.1909 96.00  0.2422 . . 130 . . . . 'X-RAY DIFFRACTION' 
. 2.2183 2.5387  2791 0.1738 98.00  0.2202 . . 165 . . . . 'X-RAY DIFFRACTION' 
. 2.5387 3.1965  2798 0.1881 99.00  0.2720 . . 150 . . . . 'X-RAY DIFFRACTION' 
. 3.1965 20.2723 2860 0.1711 100.00 0.1821 . . 130 . . . . 'X-RAY DIFFRACTION' 
# 
_struct.entry_id                  3GSK 
_struct.title                     'A Bulky Rhodium Complex Bound to an Adenosine-Adenosine DNA Mismatch' 
_struct.pdbx_model_details        ? 
_struct.pdbx_CASP_flag            ? 
_struct.pdbx_model_type_details   ? 
# 
_struct_keywords.entry_id        3GSK 
_struct_keywords.pdbx_keywords   DNA 
_struct_keywords.text            'DNA MISMATCH, METALLOINTERCALATOR, DNA RECOGNITION, DNA' 
# 
loop_
_struct_asym.id 
_struct_asym.pdbx_blank_PDB_chainid_flag 
_struct_asym.pdbx_modified 
_struct_asym.entity_id 
_struct_asym.details 
A N N 1 ? 
B N N 1 ? 
C N N 2 ? 
D N N 3 ? 
E N N 2 ? 
F N N 4 ? 
G N N 4 ? 
# 
_struct_ref.id                         1 
_struct_ref.db_name                    PDB 
_struct_ref.db_code                    3GSK 
_struct_ref.pdbx_db_accession          3GSK 
_struct_ref.entity_id                  1 
_struct_ref.pdbx_align_begin           1 
_struct_ref.pdbx_seq_one_letter_code   CGGAAATTACCG 
_struct_ref.pdbx_db_isoform            ? 
# 
loop_
_struct_ref_seq.align_id 
_struct_ref_seq.ref_id 
_struct_ref_seq.pdbx_PDB_id_code 
_struct_ref_seq.pdbx_strand_id 
_struct_ref_seq.seq_align_beg 
_struct_ref_seq.pdbx_seq_align_beg_ins_code 
_struct_ref_seq.seq_align_end 
_struct_ref_seq.pdbx_seq_align_end_ins_code 
_struct_ref_seq.pdbx_db_accession 
_struct_ref_seq.db_align_beg 
_struct_ref_seq.pdbx_db_align_beg_ins_code 
_struct_ref_seq.db_align_end 
_struct_ref_seq.pdbx_db_align_end_ins_code 
_struct_ref_seq.pdbx_auth_seq_align_beg 
_struct_ref_seq.pdbx_auth_seq_align_end 
1 1 3GSK B 1 ? 12 ? 3GSK 1 ? 12 ? 1 12 
2 1 3GSK A 1 ? 12 ? 3GSK 1 ? 12 ? 1 12 
# 
_pdbx_struct_assembly.id                   1 
_pdbx_struct_assembly.details              author_defined_assembly 
_pdbx_struct_assembly.method_details       ? 
_pdbx_struct_assembly.oligomeric_details   dimeric 
_pdbx_struct_assembly.oligomeric_count     2 
# 
_pdbx_struct_assembly_gen.assembly_id       1 
_pdbx_struct_assembly_gen.oper_expression   1 
_pdbx_struct_assembly_gen.asym_id_list      A,B,C,D,E,F,G 
# 
_pdbx_struct_oper_list.id                   1 
_pdbx_struct_oper_list.type                 'identity operation' 
_pdbx_struct_oper_list.name                 1_555 
_pdbx_struct_oper_list.symmetry_operation   x,y,z 
_pdbx_struct_oper_list.matrix[1][1]         1.0000000000 
_pdbx_struct_oper_list.matrix[1][2]         0.0000000000 
_pdbx_struct_oper_list.matrix[1][3]         0.0000000000 
_pdbx_struct_oper_list.vector[1]            0.0000000000 
_pdbx_struct_oper_list.matrix[2][1]         0.0000000000 
_pdbx_struct_oper_list.matrix[2][2]         1.0000000000 
_pdbx_struct_oper_list.matrix[2][3]         0.0000000000 
_pdbx_struct_oper_list.vector[2]            0.0000000000 
_pdbx_struct_oper_list.matrix[3][1]         0.0000000000 
_pdbx_struct_oper_list.matrix[3][2]         0.0000000000 
_pdbx_struct_oper_list.matrix[3][3]         1.0000000000 
_pdbx_struct_oper_list.vector[3]            0.0000000000 
# 
loop_
_struct_conn.id 
_struct_conn.conn_type_id 
_struct_conn.pdbx_leaving_atom_flag 
_struct_conn.pdbx_PDB_id 
_struct_conn.ptnr1_label_asym_id 
_struct_conn.ptnr1_label_comp_id 
_struct_conn.ptnr1_label_seq_id 
_struct_conn.ptnr1_label_atom_id 
_struct_conn.pdbx_ptnr1_label_alt_id 
_struct_conn.pdbx_ptnr1_PDB_ins_code 
_struct_conn.pdbx_ptnr1_standard_comp_id 
_struct_conn.ptnr1_symmetry 
_struct_conn.ptnr2_label_asym_id 
_struct_conn.ptnr2_label_comp_id 
_struct_conn.ptnr2_label_seq_id 
_struct_conn.ptnr2_label_atom_id 
_struct_conn.pdbx_ptnr2_label_alt_id 
_struct_conn.pdbx_ptnr2_PDB_ins_code 
_struct_conn.ptnr1_auth_asym_id 
_struct_conn.ptnr1_auth_comp_id 
_struct_conn.ptnr1_auth_seq_id 
_struct_conn.ptnr2_auth_asym_id 
_struct_conn.ptnr2_auth_comp_id 
_struct_conn.ptnr2_auth_seq_id 
_struct_conn.ptnr2_symmetry 
_struct_conn.pdbx_ptnr3_label_atom_id 
_struct_conn.pdbx_ptnr3_label_seq_id 
_struct_conn.pdbx_ptnr3_label_comp_id 
_struct_conn.pdbx_ptnr3_label_asym_id 
_struct_conn.pdbx_ptnr3_label_alt_id 
_struct_conn.pdbx_ptnr3_PDB_ins_code 
_struct_conn.details 
_struct_conn.pdbx_dist_value 
_struct_conn.pdbx_value_order 
_struct_conn.pdbx_role 
hydrog1  hydrog ? ? A DC 1  N3 ? ? ? 1_555 B DG 12 N1 ? ? B DC 1  A DG 12 1_555 ? ? ? ? ? ? WATSON-CRICK ? ? ? 
hydrog2  hydrog ? ? A DC 1  N4 ? ? ? 1_555 B DG 12 O6 ? ? B DC 1  A DG 12 1_555 ? ? ? ? ? ? WATSON-CRICK ? ? ? 
hydrog3  hydrog ? ? A DC 1  O2 ? ? ? 1_555 B DG 12 N2 ? ? B DC 1  A DG 12 1_555 ? ? ? ? ? ? WATSON-CRICK ? ? ? 
hydrog4  hydrog ? ? A DG 2  N1 ? ? ? 1_555 B DC 11 N3 ? ? B DG 2  A DC 11 1_555 ? ? ? ? ? ? WATSON-CRICK ? ? ? 
hydrog5  hydrog ? ? A DG 2  N2 ? ? ? 1_555 B DC 11 O2 ? ? B DG 2  A DC 11 1_555 ? ? ? ? ? ? WATSON-CRICK ? ? ? 
hydrog6  hydrog ? ? A DG 2  O6 ? ? ? 1_555 B DC 11 N4 ? ? B DG 2  A DC 11 1_555 ? ? ? ? ? ? WATSON-CRICK ? ? ? 
hydrog7  hydrog ? ? A DG 3  N1 ? ? ? 1_555 B DC 10 N3 ? ? B DG 3  A DC 10 1_555 ? ? ? ? ? ? WATSON-CRICK ? ? ? 
hydrog8  hydrog ? ? A DG 3  N2 ? ? ? 1_555 B DC 10 O2 ? ? B DG 3  A DC 10 1_555 ? ? ? ? ? ? WATSON-CRICK ? ? ? 
hydrog9  hydrog ? ? A DG 3  O6 ? ? ? 1_555 B DC 10 N4 ? ? B DG 3  A DC 10 1_555 ? ? ? ? ? ? WATSON-CRICK ? ? ? 
hydrog10 hydrog ? ? A DA 5  N1 ? ? ? 1_555 B DT 8  N3 ? ? B DA 5  A DT 8  1_555 ? ? ? ? ? ? WATSON-CRICK ? ? ? 
hydrog11 hydrog ? ? A DA 5  N6 ? ? ? 1_555 B DT 8  O4 ? ? B DA 5  A DT 8  1_555 ? ? ? ? ? ? WATSON-CRICK ? ? ? 
hydrog12 hydrog ? ? A DA 6  N1 ? ? ? 1_555 B DT 7  N3 ? ? B DA 6  A DT 7  1_555 ? ? ? ? ? ? WATSON-CRICK ? ? ? 
hydrog13 hydrog ? ? A DA 6  N6 ? ? ? 1_555 B DT 7  O4 ? ? B DA 6  A DT 7  1_555 ? ? ? ? ? ? WATSON-CRICK ? ? ? 
hydrog14 hydrog ? ? A DT 7  N3 ? ? ? 1_555 B DA 6  N1 ? ? B DT 7  A DA 6  1_555 ? ? ? ? ? ? WATSON-CRICK ? ? ? 
hydrog15 hydrog ? ? A DT 7  O4 ? ? ? 1_555 B DA 6  N6 ? ? B DT 7  A DA 6  1_555 ? ? ? ? ? ? WATSON-CRICK ? ? ? 
hydrog16 hydrog ? ? A DT 8  N3 ? ? ? 1_555 B DA 5  N1 ? ? B DT 8  A DA 5  1_555 ? ? ? ? ? ? WATSON-CRICK ? ? ? 
hydrog17 hydrog ? ? A DT 8  O4 ? ? ? 1_555 B DA 5  N6 ? ? B DT 8  A DA 5  1_555 ? ? ? ? ? ? WATSON-CRICK ? ? ? 
hydrog18 hydrog ? ? A DC 10 N3 ? ? ? 1_555 B DG 3  N1 ? ? B DC 10 A DG 3  1_555 ? ? ? ? ? ? WATSON-CRICK ? ? ? 
hydrog19 hydrog ? ? A DC 10 N4 ? ? ? 1_555 B DG 3  O6 ? ? B DC 10 A DG 3  1_555 ? ? ? ? ? ? WATSON-CRICK ? ? ? 
hydrog20 hydrog ? ? A DC 10 O2 ? ? ? 1_555 B DG 3  N2 ? ? B DC 10 A DG 3  1_555 ? ? ? ? ? ? WATSON-CRICK ? ? ? 
hydrog21 hydrog ? ? A DC 11 N3 ? ? ? 1_555 B DG 2  N1 ? ? B DC 11 A DG 2  1_555 ? ? ? ? ? ? WATSON-CRICK ? ? ? 
hydrog22 hydrog ? ? A DC 11 N4 ? ? ? 1_555 B DG 2  O6 ? ? B DC 11 A DG 2  1_555 ? ? ? ? ? ? WATSON-CRICK ? ? ? 
hydrog23 hydrog ? ? A DC 11 O2 ? ? ? 1_555 B DG 2  N2 ? ? B DC 11 A DG 2  1_555 ? ? ? ? ? ? WATSON-CRICK ? ? ? 
hydrog24 hydrog ? ? A DG 12 N1 ? ? ? 1_555 B DC 1  N3 ? ? B DG 12 A DC 1  1_555 ? ? ? ? ? ? WATSON-CRICK ? ? ? 
hydrog25 hydrog ? ? A DG 12 N2 ? ? ? 1_555 B DC 1  O2 ? ? B DG 12 A DC 1  1_555 ? ? ? ? ? ? WATSON-CRICK ? ? ? 
hydrog26 hydrog ? ? A DG 12 O6 ? ? ? 1_555 B DC 1  N4 ? ? B DG 12 A DC 1  1_555 ? ? ? ? ? ? WATSON-CRICK ? ? ? 
# 
_struct_conn_type.id          hydrog 
_struct_conn_type.criteria    ? 
_struct_conn_type.reference   ? 
# 
loop_
_struct_site.id 
_struct_site.pdbx_evidence_code 
_struct_site.pdbx_auth_asym_id 
_struct_site.pdbx_auth_comp_id 
_struct_site.pdbx_auth_seq_id 
_struct_site.pdbx_auth_ins_code 
_struct_site.pdbx_num_residues 
_struct_site.details 
AC1 Software B R1C 2001 ? 8 'BINDING SITE FOR RESIDUE R1C B 2001' 
AC2 Software A R1C 2002 ? 8 'BINDING SITE FOR RESIDUE R1C A 2002' 
AC3 Software B CAC 13   ? 1 'BINDING SITE FOR RESIDUE CAC B 13'   
1   ?        ? ?   ?    ? ? ?                                     
# 
loop_
_struct_site_gen.id 
_struct_site_gen.site_id 
_struct_site_gen.pdbx_num_res 
_struct_site_gen.label_comp_id 
_struct_site_gen.label_asym_id 
_struct_site_gen.label_seq_id 
_struct_site_gen.pdbx_auth_ins_code 
_struct_site_gen.auth_comp_id 
_struct_site_gen.auth_asym_id 
_struct_site_gen.auth_seq_id 
_struct_site_gen.label_atom_id 
_struct_site_gen.label_alt_id 
_struct_site_gen.symmetry 
_struct_site_gen.details 
1  AC1 8 DA  B 4  ? DA  A 4  . ? 5_665 ? 
2  AC1 8 DT  B 8  ? DT  A 8  . ? 1_555 ? 
3  AC1 8 DA  B 9  ? DA  A 9  . ? 1_555 ? 
4  AC1 8 DC  B 10 ? DC  A 10 . ? 1_555 ? 
5  AC1 8 DC  B 11 ? DC  A 11 . ? 1_555 ? 
6  AC1 8 DG  A 3  ? DG  B 3  . ? 1_555 ? 
7  AC1 8 DA  A 5  ? DA  B 5  . ? 1_555 ? 
8  AC1 8 HOH F .  ? HOH B 31 . ? 1_555 ? 
9  AC2 8 DG  B 3  ? DG  A 3  . ? 1_555 ? 
10 AC2 8 DA  B 5  ? DA  A 5  . ? 1_555 ? 
11 AC2 8 HOH G .  ? HOH A 49 . ? 1_555 ? 
12 AC2 8 DA  A 4  ? DA  B 4  . ? 5_565 ? 
13 AC2 8 DT  A 8  ? DT  B 8  . ? 1_555 ? 
14 AC2 8 DA  A 9  ? DA  B 9  . ? 1_555 ? 
15 AC2 8 DC  A 10 ? DC  B 10 . ? 1_555 ? 
16 AC2 8 DC  A 11 ? DC  B 11 . ? 1_555 ? 
17 AC3 1 DG  A 12 ? DG  B 12 . ? 1_555 ? 
# 
loop_
_pdbx_validate_rmsd_bond.id 
_pdbx_validate_rmsd_bond.PDB_model_num 
_pdbx_validate_rmsd_bond.auth_atom_id_1 
_pdbx_validate_rmsd_bond.auth_asym_id_1 
_pdbx_validate_rmsd_bond.auth_comp_id_1 
_pdbx_validate_rmsd_bond.auth_seq_id_1 
_pdbx_validate_rmsd_bond.PDB_ins_code_1 
_pdbx_validate_rmsd_bond.label_alt_id_1 
_pdbx_validate_rmsd_bond.auth_atom_id_2 
_pdbx_validate_rmsd_bond.auth_asym_id_2 
_pdbx_validate_rmsd_bond.auth_comp_id_2 
_pdbx_validate_rmsd_bond.auth_seq_id_2 
_pdbx_validate_rmsd_bond.PDB_ins_code_2 
_pdbx_validate_rmsd_bond.label_alt_id_2 
_pdbx_validate_rmsd_bond.bond_value 
_pdbx_validate_rmsd_bond.bond_target_value 
_pdbx_validate_rmsd_bond.bond_deviation 
_pdbx_validate_rmsd_bond.bond_standard_deviation 
_pdbx_validate_rmsd_bond.linker_flag 
1 1 C5    B DG 3 ? ? N7    B DG 3 ? ? 1.426 1.388 0.038  0.006 N 
2 1 "O3'" A DG 3 ? ? "C3'" A DG 3 ? ? 1.362 1.419 -0.057 0.006 N 
# 
loop_
_pdbx_validate_rmsd_angle.id 
_pdbx_validate_rmsd_angle.PDB_model_num 
_pdbx_validate_rmsd_angle.auth_atom_id_1 
_pdbx_validate_rmsd_angle.auth_asym_id_1 
_pdbx_validate_rmsd_angle.auth_comp_id_1 
_pdbx_validate_rmsd_angle.auth_seq_id_1 
_pdbx_validate_rmsd_angle.PDB_ins_code_1 
_pdbx_validate_rmsd_angle.label_alt_id_1 
_pdbx_validate_rmsd_angle.auth_atom_id_2 
_pdbx_validate_rmsd_angle.auth_asym_id_2 
_pdbx_validate_rmsd_angle.auth_comp_id_2 
_pdbx_validate_rmsd_angle.auth_seq_id_2 
_pdbx_validate_rmsd_angle.PDB_ins_code_2 
_pdbx_validate_rmsd_angle.label_alt_id_2 
_pdbx_validate_rmsd_angle.auth_atom_id_3 
_pdbx_validate_rmsd_angle.auth_asym_id_3 
_pdbx_validate_rmsd_angle.auth_comp_id_3 
_pdbx_validate_rmsd_angle.auth_seq_id_3 
_pdbx_validate_rmsd_angle.PDB_ins_code_3 
_pdbx_validate_rmsd_angle.label_alt_id_3 
_pdbx_validate_rmsd_angle.angle_value 
_pdbx_validate_rmsd_angle.angle_target_value 
_pdbx_validate_rmsd_angle.angle_deviation 
_pdbx_validate_rmsd_angle.angle_standard_deviation 
_pdbx_validate_rmsd_angle.linker_flag 
1  1 "O4'" B DC 1  ? ? "C1'" B DC 1  ? ? N1    B DC 1  ? ? 102.42 108.00 -5.58  0.70 N 
2  1 "O4'" B DG 3  ? ? "C1'" B DG 3  ? ? "C2'" B DG 3  ? ? 111.08 106.80 4.28   0.50 N 
3  1 N1    B DG 3  ? ? C2    B DG 3  ? ? N3    B DG 3  ? ? 127.78 123.90 3.88   0.60 N 
4  1 C2    B DG 3  ? ? N3    B DG 3  ? ? C4    B DG 3  ? ? 108.13 111.90 -3.77  0.50 N 
5  1 "C3'" B DA 5  ? ? "C2'" B DA 5  ? ? "C1'" B DA 5  ? ? 96.58  102.40 -5.82  0.80 N 
6  1 N1    B DA 5  ? ? C6    B DA 5  ? ? N6    B DA 5  ? ? 123.80 118.60 5.20   0.60 N 
7  1 "O4'" B DA 6  ? ? "C1'" B DA 6  ? ? N9    B DA 6  ? ? 103.07 108.00 -4.93  0.70 N 
8  1 C5    B DA 6  ? ? C6    B DA 6  ? ? N1    B DA 6  ? ? 114.69 117.70 -3.01  0.50 N 
9  1 N1    B DA 6  ? ? C6    B DA 6  ? ? N6    B DA 6  ? ? 122.46 118.60 3.86   0.60 N 
10 1 "O4'" B DT 7  ? ? "C1'" B DT 7  ? ? N1    B DT 7  ? ? 103.00 108.00 -5.00  0.70 N 
11 1 "O4'" B DA 9  ? ? "C1'" B DA 9  ? ? N9    B DA 9  ? ? 99.23  108.00 -8.77  0.70 N 
12 1 "O4'" B DC 10 ? ? "C1'" B DC 10 ? ? "C2'" B DC 10 ? ? 110.09 106.80 3.29   0.50 N 
13 1 "O4'" B DG 12 ? ? "C1'" B DG 12 ? ? N9    B DG 12 ? ? 96.96  108.00 -11.04 0.70 N 
14 1 "O4'" A DC 1  ? ? "C4'" A DC 1  ? ? "C3'" A DC 1  ? ? 101.95 104.50 -2.55  0.40 N 
15 1 "O4'" A DC 1  ? ? "C1'" A DC 1  ? ? N1    A DC 1  ? ? 110.39 108.30 2.09   0.30 N 
16 1 "O4'" A DA 4  ? ? "C1'" A DA 4  ? ? N9    A DA 4  ? ? 102.36 108.00 -5.64  0.70 N 
17 1 N1    A DA 4  ? ? C6    A DA 4  ? ? N6    A DA 4  ? ? 122.38 118.60 3.78   0.60 N 
18 1 C6    A DA 5  ? ? N1    A DA 5  ? ? C2    A DA 5  ? ? 124.21 118.60 5.61   0.60 N 
19 1 C5    A DA 5  ? ? C6    A DA 5  ? ? N1    A DA 5  ? ? 114.70 117.70 -3.00  0.50 N 
20 1 N1    A DA 5  ? ? C6    A DA 5  ? ? N6    A DA 5  ? ? 122.27 118.60 3.67   0.60 N 
21 1 "O4'" A DA 6  ? ? "C1'" A DA 6  ? ? N9    A DA 6  ? ? 101.26 108.00 -6.74  0.70 N 
22 1 N1    A DA 6  ? ? C6    A DA 6  ? ? N6    A DA 6  ? ? 123.14 118.60 4.54   0.60 N 
23 1 "O4'" A DT 7  ? ? "C1'" A DT 7  ? ? N1    A DT 7  ? ? 103.58 108.00 -4.42  0.70 N 
24 1 "O4'" A DA 9  ? ? "C1'" A DA 9  ? ? N9    A DA 9  ? ? 103.22 108.00 -4.78  0.70 N 
25 1 "O5'" A DC 11 ? ? P     A DC 11 ? ? OP1   A DC 11 ? ? 98.64  105.70 -7.06  0.90 N 
26 1 "O4'" A DG 12 ? ? "C1'" A DG 12 ? ? N9    A DG 12 ? ? 100.30 108.00 -7.70  0.70 N 
# 
_struct_site_keywords.site_id   1 
_struct_site_keywords.text      INTERCALATION 
# 
loop_
_chem_comp_atom.comp_id 
_chem_comp_atom.atom_id 
_chem_comp_atom.type_symbol 
_chem_comp_atom.pdbx_aromatic_flag 
_chem_comp_atom.pdbx_stereo_config 
_chem_comp_atom.pdbx_ordinal 
CAC AS     AS N N 1   
CAC O1     O  N N 2   
CAC O2     O  N N 3   
CAC C1     C  N N 4   
CAC C2     C  N N 5   
CAC H11    H  N N 6   
CAC H12    H  N N 7   
CAC H13    H  N N 8   
CAC H21    H  N N 9   
CAC H22    H  N N 10  
CAC H23    H  N N 11  
DA  OP3    O  N N 12  
DA  P      P  N N 13  
DA  OP1    O  N N 14  
DA  OP2    O  N N 15  
DA  "O5'"  O  N N 16  
DA  "C5'"  C  N N 17  
DA  "C4'"  C  N R 18  
DA  "O4'"  O  N N 19  
DA  "C3'"  C  N S 20  
DA  "O3'"  O  N N 21  
DA  "C2'"  C  N N 22  
DA  "C1'"  C  N R 23  
DA  N9     N  Y N 24  
DA  C8     C  Y N 25  
DA  N7     N  Y N 26  
DA  C5     C  Y N 27  
DA  C6     C  Y N 28  
DA  N6     N  N N 29  
DA  N1     N  Y N 30  
DA  C2     C  Y N 31  
DA  N3     N  Y N 32  
DA  C4     C  Y N 33  
DA  HOP3   H  N N 34  
DA  HOP2   H  N N 35  
DA  "H5'"  H  N N 36  
DA  "H5''" H  N N 37  
DA  "H4'"  H  N N 38  
DA  "H3'"  H  N N 39  
DA  "HO3'" H  N N 40  
DA  "H2'"  H  N N 41  
DA  "H2''" H  N N 42  
DA  "H1'"  H  N N 43  
DA  H8     H  N N 44  
DA  H61    H  N N 45  
DA  H62    H  N N 46  
DA  H2     H  N N 47  
DC  OP3    O  N N 48  
DC  P      P  N N 49  
DC  OP1    O  N N 50  
DC  OP2    O  N N 51  
DC  "O5'"  O  N N 52  
DC  "C5'"  C  N N 53  
DC  "C4'"  C  N R 54  
DC  "O4'"  O  N N 55  
DC  "C3'"  C  N S 56  
DC  "O3'"  O  N N 57  
DC  "C2'"  C  N N 58  
DC  "C1'"  C  N R 59  
DC  N1     N  N N 60  
DC  C2     C  N N 61  
DC  O2     O  N N 62  
DC  N3     N  N N 63  
DC  C4     C  N N 64  
DC  N4     N  N N 65  
DC  C5     C  N N 66  
DC  C6     C  N N 67  
DC  HOP3   H  N N 68  
DC  HOP2   H  N N 69  
DC  "H5'"  H  N N 70  
DC  "H5''" H  N N 71  
DC  "H4'"  H  N N 72  
DC  "H3'"  H  N N 73  
DC  "HO3'" H  N N 74  
DC  "H2'"  H  N N 75  
DC  "H2''" H  N N 76  
DC  "H1'"  H  N N 77  
DC  H41    H  N N 78  
DC  H42    H  N N 79  
DC  H5     H  N N 80  
DC  H6     H  N N 81  
DG  OP3    O  N N 82  
DG  P      P  N N 83  
DG  OP1    O  N N 84  
DG  OP2    O  N N 85  
DG  "O5'"  O  N N 86  
DG  "C5'"  C  N N 87  
DG  "C4'"  C  N R 88  
DG  "O4'"  O  N N 89  
DG  "C3'"  C  N S 90  
DG  "O3'"  O  N N 91  
DG  "C2'"  C  N N 92  
DG  "C1'"  C  N R 93  
DG  N9     N  Y N 94  
DG  C8     C  Y N 95  
DG  N7     N  Y N 96  
DG  C5     C  Y N 97  
DG  C6     C  N N 98  
DG  O6     O  N N 99  
DG  N1     N  N N 100 
DG  C2     C  N N 101 
DG  N2     N  N N 102 
DG  N3     N  N N 103 
DG  C4     C  Y N 104 
DG  HOP3   H  N N 105 
DG  HOP2   H  N N 106 
DG  "H5'"  H  N N 107 
DG  "H5''" H  N N 108 
DG  "H4'"  H  N N 109 
DG  "H3'"  H  N N 110 
DG  "HO3'" H  N N 111 
DG  "H2'"  H  N N 112 
DG  "H2''" H  N N 113 
DG  "H1'"  H  N N 114 
DG  H8     H  N N 115 
DG  H1     H  N N 116 
DG  H21    H  N N 117 
DG  H22    H  N N 118 
DT  OP3    O  N N 119 
DT  P      P  N N 120 
DT  OP1    O  N N 121 
DT  OP2    O  N N 122 
DT  "O5'"  O  N N 123 
DT  "C5'"  C  N N 124 
DT  "C4'"  C  N R 125 
DT  "O4'"  O  N N 126 
DT  "C3'"  C  N S 127 
DT  "O3'"  O  N N 128 
DT  "C2'"  C  N N 129 
DT  "C1'"  C  N R 130 
DT  N1     N  N N 131 
DT  C2     C  N N 132 
DT  O2     O  N N 133 
DT  N3     N  N N 134 
DT  C4     C  N N 135 
DT  O4     O  N N 136 
DT  C5     C  N N 137 
DT  C7     C  N N 138 
DT  C6     C  N N 139 
DT  HOP3   H  N N 140 
DT  HOP2   H  N N 141 
DT  "H5'"  H  N N 142 
DT  "H5''" H  N N 143 
DT  "H4'"  H  N N 144 
DT  "H3'"  H  N N 145 
DT  "HO3'" H  N N 146 
DT  "H2'"  H  N N 147 
DT  "H2''" H  N N 148 
DT  "H1'"  H  N N 149 
DT  H3     H  N N 150 
DT  H71    H  N N 151 
DT  H72    H  N N 152 
DT  H73    H  N N 153 
DT  H6     H  N N 154 
HOH O      O  N N 155 
HOH H1     H  N N 156 
HOH H2     H  N N 157 
R1C RH     RH N N 158 
R1C N5     N  N N 159 
R1C N6     N  N N 160 
R1C C21    C  Y N 161 
R1C C22    C  Y N 162 
R1C C23    C  Y N 163 
R1C C24    C  Y N 164 
R1C C25    C  Y N 165 
R1C C26    C  Y N 166 
R1C C27    C  Y N 167 
R1C C28    C  Y N 168 
R1C C29    C  Y N 169 
R1C C30    C  Y N 170 
R1C C31    C  Y N 171 
R1C C32    C  Y N 172 
R1C C33    C  Y N 173 
R1C C34    C  Y N 174 
R1C C35    C  Y N 175 
R1C C36    C  Y N 176 
R1C C37    C  Y N 177 
R1C C38    C  Y N 178 
R1C N1     N  Y N 179 
R1C N2     N  Y N 180 
R1C N3     N  Y N 181 
R1C N4     N  Y N 182 
R1C C1     C  Y N 183 
R1C C2     C  Y N 184 
R1C C3     C  Y N 185 
R1C C4     C  Y N 186 
R1C C5     C  Y N 187 
R1C C6     C  Y N 188 
R1C C7     C  Y N 189 
R1C C8     C  Y N 190 
R1C C9     C  Y N 191 
R1C C10    C  Y N 192 
R1C C11    C  Y N 193 
R1C C12    C  Y N 194 
R1C C13    C  Y N 195 
R1C C14    C  Y N 196 
R1C C15    C  Y N 197 
R1C C16    C  Y N 198 
R1C C17    C  Y N 199 
R1C C18    C  Y N 200 
R1C C19    C  Y N 201 
R1C C20    C  Y N 202 
R1C H25    H  N N 203 
R1C H26    H  N N 204 
R1C H27    H  N N 205 
R1C H28    H  N N 206 
R1C H30    H  N N 207 
R1C H31    H  N N 208 
R1C H34    H  N N 209 
R1C H35    H  N N 210 
R1C H36    H  N N 211 
R1C H37    H  N N 212 
R1C H1     H  N N 213 
R1C H2     H  N N 214 
R1C H3     H  N N 215 
R1C H4     H  N N 216 
R1C H7     H  N N 217 
R1C H8     H  N N 218 
R1C H9     H  N N 219 
R1C H10    H  N N 220 
R1C H11    H  N N 221 
R1C H12    H  N N 222 
R1C H13    H  N N 223 
R1C H14    H  N N 224 
R1C H17    H  N N 225 
R1C H18    H  N N 226 
R1C H19    H  N N 227 
R1C H20    H  N N 228 
# 
loop_
_chem_comp_bond.comp_id 
_chem_comp_bond.atom_id_1 
_chem_comp_bond.atom_id_2 
_chem_comp_bond.value_order 
_chem_comp_bond.pdbx_aromatic_flag 
_chem_comp_bond.pdbx_stereo_config 
_chem_comp_bond.pdbx_ordinal 
CAC AS    O1     doub N N 1   
CAC AS    O2     sing N N 2   
CAC AS    C1     sing N N 3   
CAC AS    C2     sing N N 4   
CAC C1    H11    sing N N 5   
CAC C1    H12    sing N N 6   
CAC C1    H13    sing N N 7   
CAC C2    H21    sing N N 8   
CAC C2    H22    sing N N 9   
CAC C2    H23    sing N N 10  
DA  OP3   P      sing N N 11  
DA  OP3   HOP3   sing N N 12  
DA  P     OP1    doub N N 13  
DA  P     OP2    sing N N 14  
DA  P     "O5'"  sing N N 15  
DA  OP2   HOP2   sing N N 16  
DA  "O5'" "C5'"  sing N N 17  
DA  "C5'" "C4'"  sing N N 18  
DA  "C5'" "H5'"  sing N N 19  
DA  "C5'" "H5''" sing N N 20  
DA  "C4'" "O4'"  sing N N 21  
DA  "C4'" "C3'"  sing N N 22  
DA  "C4'" "H4'"  sing N N 23  
DA  "O4'" "C1'"  sing N N 24  
DA  "C3'" "O3'"  sing N N 25  
DA  "C3'" "C2'"  sing N N 26  
DA  "C3'" "H3'"  sing N N 27  
DA  "O3'" "HO3'" sing N N 28  
DA  "C2'" "C1'"  sing N N 29  
DA  "C2'" "H2'"  sing N N 30  
DA  "C2'" "H2''" sing N N 31  
DA  "C1'" N9     sing N N 32  
DA  "C1'" "H1'"  sing N N 33  
DA  N9    C8     sing Y N 34  
DA  N9    C4     sing Y N 35  
DA  C8    N7     doub Y N 36  
DA  C8    H8     sing N N 37  
DA  N7    C5     sing Y N 38  
DA  C5    C6     sing Y N 39  
DA  C5    C4     doub Y N 40  
DA  C6    N6     sing N N 41  
DA  C6    N1     doub Y N 42  
DA  N6    H61    sing N N 43  
DA  N6    H62    sing N N 44  
DA  N1    C2     sing Y N 45  
DA  C2    N3     doub Y N 46  
DA  C2    H2     sing N N 47  
DA  N3    C4     sing Y N 48  
DC  OP3   P      sing N N 49  
DC  OP3   HOP3   sing N N 50  
DC  P     OP1    doub N N 51  
DC  P     OP2    sing N N 52  
DC  P     "O5'"  sing N N 53  
DC  OP2   HOP2   sing N N 54  
DC  "O5'" "C5'"  sing N N 55  
DC  "C5'" "C4'"  sing N N 56  
DC  "C5'" "H5'"  sing N N 57  
DC  "C5'" "H5''" sing N N 58  
DC  "C4'" "O4'"  sing N N 59  
DC  "C4'" "C3'"  sing N N 60  
DC  "C4'" "H4'"  sing N N 61  
DC  "O4'" "C1'"  sing N N 62  
DC  "C3'" "O3'"  sing N N 63  
DC  "C3'" "C2'"  sing N N 64  
DC  "C3'" "H3'"  sing N N 65  
DC  "O3'" "HO3'" sing N N 66  
DC  "C2'" "C1'"  sing N N 67  
DC  "C2'" "H2'"  sing N N 68  
DC  "C2'" "H2''" sing N N 69  
DC  "C1'" N1     sing N N 70  
DC  "C1'" "H1'"  sing N N 71  
DC  N1    C2     sing N N 72  
DC  N1    C6     sing N N 73  
DC  C2    O2     doub N N 74  
DC  C2    N3     sing N N 75  
DC  N3    C4     doub N N 76  
DC  C4    N4     sing N N 77  
DC  C4    C5     sing N N 78  
DC  N4    H41    sing N N 79  
DC  N4    H42    sing N N 80  
DC  C5    C6     doub N N 81  
DC  C5    H5     sing N N 82  
DC  C6    H6     sing N N 83  
DG  OP3   P      sing N N 84  
DG  OP3   HOP3   sing N N 85  
DG  P     OP1    doub N N 86  
DG  P     OP2    sing N N 87  
DG  P     "O5'"  sing N N 88  
DG  OP2   HOP2   sing N N 89  
DG  "O5'" "C5'"  sing N N 90  
DG  "C5'" "C4'"  sing N N 91  
DG  "C5'" "H5'"  sing N N 92  
DG  "C5'" "H5''" sing N N 93  
DG  "C4'" "O4'"  sing N N 94  
DG  "C4'" "C3'"  sing N N 95  
DG  "C4'" "H4'"  sing N N 96  
DG  "O4'" "C1'"  sing N N 97  
DG  "C3'" "O3'"  sing N N 98  
DG  "C3'" "C2'"  sing N N 99  
DG  "C3'" "H3'"  sing N N 100 
DG  "O3'" "HO3'" sing N N 101 
DG  "C2'" "C1'"  sing N N 102 
DG  "C2'" "H2'"  sing N N 103 
DG  "C2'" "H2''" sing N N 104 
DG  "C1'" N9     sing N N 105 
DG  "C1'" "H1'"  sing N N 106 
DG  N9    C8     sing Y N 107 
DG  N9    C4     sing Y N 108 
DG  C8    N7     doub Y N 109 
DG  C8    H8     sing N N 110 
DG  N7    C5     sing Y N 111 
DG  C5    C6     sing N N 112 
DG  C5    C4     doub Y N 113 
DG  C6    O6     doub N N 114 
DG  C6    N1     sing N N 115 
DG  N1    C2     sing N N 116 
DG  N1    H1     sing N N 117 
DG  C2    N2     sing N N 118 
DG  C2    N3     doub N N 119 
DG  N2    H21    sing N N 120 
DG  N2    H22    sing N N 121 
DG  N3    C4     sing N N 122 
DT  OP3   P      sing N N 123 
DT  OP3   HOP3   sing N N 124 
DT  P     OP1    doub N N 125 
DT  P     OP2    sing N N 126 
DT  P     "O5'"  sing N N 127 
DT  OP2   HOP2   sing N N 128 
DT  "O5'" "C5'"  sing N N 129 
DT  "C5'" "C4'"  sing N N 130 
DT  "C5'" "H5'"  sing N N 131 
DT  "C5'" "H5''" sing N N 132 
DT  "C4'" "O4'"  sing N N 133 
DT  "C4'" "C3'"  sing N N 134 
DT  "C4'" "H4'"  sing N N 135 
DT  "O4'" "C1'"  sing N N 136 
DT  "C3'" "O3'"  sing N N 137 
DT  "C3'" "C2'"  sing N N 138 
DT  "C3'" "H3'"  sing N N 139 
DT  "O3'" "HO3'" sing N N 140 
DT  "C2'" "C1'"  sing N N 141 
DT  "C2'" "H2'"  sing N N 142 
DT  "C2'" "H2''" sing N N 143 
DT  "C1'" N1     sing N N 144 
DT  "C1'" "H1'"  sing N N 145 
DT  N1    C2     sing N N 146 
DT  N1    C6     sing N N 147 
DT  C2    O2     doub N N 148 
DT  C2    N3     sing N N 149 
DT  N3    C4     sing N N 150 
DT  N3    H3     sing N N 151 
DT  C4    O4     doub N N 152 
DT  C4    C5     sing N N 153 
DT  C5    C7     sing N N 154 
DT  C5    C6     doub N N 155 
DT  C7    H71    sing N N 156 
DT  C7    H72    sing N N 157 
DT  C7    H73    sing N N 158 
DT  C6    H6     sing N N 159 
HOH O     H1     sing N N 160 
HOH O     H2     sing N N 161 
R1C C27   C26    doub Y N 162 
R1C C27   C28    sing Y N 163 
R1C C2    C3     doub Y N 164 
R1C C2    C1     sing Y N 165 
R1C C26   C25    sing Y N 166 
R1C C28   C29    doub Y N 167 
R1C C3    C4     sing Y N 168 
R1C C12   C11    doub Y N 169 
R1C C12   C13    sing Y N 170 
R1C C1    N1     doub Y N 171 
R1C C25   C24    doub Y N 172 
R1C C29   C24    sing Y N 173 
R1C C29   C30    sing Y N 174 
R1C C11   N3     sing Y N 175 
R1C C4    C5     doub Y N 176 
R1C C13   C14    doub Y N 177 
R1C C24   C23    sing Y N 178 
R1C C30   C31    doub Y N 179 
R1C N1    C5     sing Y N 180 
R1C N1    RH     sing N N 181 
R1C C5    C6     sing Y N 182 
R1C N6    C22    doub N N 183 
R1C N6    RH     sing N N 184 
R1C N3    C15    doub Y N 185 
R1C N3    RH     sing N N 186 
R1C C23   C22    sing Y N 187 
R1C C23   C32    doub Y N 188 
R1C C14   C15    sing Y N 189 
R1C C31   C32    sing Y N 190 
R1C C22   C21    sing Y N 191 
R1C C32   C33    sing Y N 192 
R1C C15   C16    sing Y N 193 
R1C RH    N2     sing N N 194 
R1C RH    N5     sing N N 195 
R1C RH    N4     sing N N 196 
R1C C6    N2     doub Y N 197 
R1C C6    C7     sing Y N 198 
R1C C21   N5     doub N N 199 
R1C C21   C38    sing Y N 200 
R1C N2    C10    sing Y N 201 
R1C C33   C38    doub Y N 202 
R1C C33   C34    sing Y N 203 
R1C C7    C8     doub Y N 204 
R1C C38   C37    sing Y N 205 
R1C C16   N4     doub Y N 206 
R1C C16   C17    sing Y N 207 
R1C C34   C35    doub Y N 208 
R1C N4    C20    sing Y N 209 
R1C C10   C9     doub Y N 210 
R1C C8    C9     sing Y N 211 
R1C C17   C18    doub Y N 212 
R1C C37   C36    doub Y N 213 
R1C C35   C36    sing Y N 214 
R1C C20   C19    doub Y N 215 
R1C C18   C19    sing Y N 216 
R1C C25   H25    sing N N 217 
R1C C26   H26    sing N N 218 
R1C C27   H27    sing N N 219 
R1C C28   H28    sing N N 220 
R1C C30   H30    sing N N 221 
R1C C31   H31    sing N N 222 
R1C C34   H34    sing N N 223 
R1C C35   H35    sing N N 224 
R1C C36   H36    sing N N 225 
R1C C37   H37    sing N N 226 
R1C C1    H1     sing N N 227 
R1C C2    H2     sing N N 228 
R1C C3    H3     sing N N 229 
R1C C4    H4     sing N N 230 
R1C C7    H7     sing N N 231 
R1C C8    H8     sing N N 232 
R1C C9    H9     sing N N 233 
R1C C10   H10    sing N N 234 
R1C C11   H11    sing N N 235 
R1C C12   H12    sing N N 236 
R1C C13   H13    sing N N 237 
R1C C14   H14    sing N N 238 
R1C C17   H17    sing N N 239 
R1C C18   H18    sing N N 240 
R1C C19   H19    sing N N 241 
R1C C20   H20    sing N N 242 
# 
loop_
_ndb_struct_conf_na.entry_id 
_ndb_struct_conf_na.feature 
3GSK 'b-form double helix'  
3GSK 'mismatched base pair' 
# 
loop_
_ndb_struct_na_base_pair.model_number 
_ndb_struct_na_base_pair.i_label_asym_id 
_ndb_struct_na_base_pair.i_label_comp_id 
_ndb_struct_na_base_pair.i_label_seq_id 
_ndb_struct_na_base_pair.i_symmetry 
_ndb_struct_na_base_pair.j_label_asym_id 
_ndb_struct_na_base_pair.j_label_comp_id 
_ndb_struct_na_base_pair.j_label_seq_id 
_ndb_struct_na_base_pair.j_symmetry 
_ndb_struct_na_base_pair.shear 
_ndb_struct_na_base_pair.stretch 
_ndb_struct_na_base_pair.stagger 
_ndb_struct_na_base_pair.buckle 
_ndb_struct_na_base_pair.propeller 
_ndb_struct_na_base_pair.opening 
_ndb_struct_na_base_pair.pair_number 
_ndb_struct_na_base_pair.pair_name 
_ndb_struct_na_base_pair.i_auth_asym_id 
_ndb_struct_na_base_pair.i_auth_seq_id 
_ndb_struct_na_base_pair.i_PDB_ins_code 
_ndb_struct_na_base_pair.j_auth_asym_id 
_ndb_struct_na_base_pair.j_auth_seq_id 
_ndb_struct_na_base_pair.j_PDB_ins_code 
_ndb_struct_na_base_pair.hbond_type_28 
_ndb_struct_na_base_pair.hbond_type_12 
1 A DC 1  1_555 B DG 12 1_555 0.121  -0.135 0.931  -9.858  -2.464 -2.847 1  B_DC1:DG12_A B 1  ? A 12 ? 19 1 
1 A DG 2  1_555 B DC 11 1_555 -0.239 -0.139 -0.037 -0.287  1.145  -3.841 2  B_DG2:DC11_A B 2  ? A 11 ? 19 1 
1 A DG 3  1_555 B DC 10 1_555 -0.397 -0.135 0.597  15.624  -7.185 -1.367 3  B_DG3:DC10_A B 3  ? A 10 ? 19 1 
1 A DA 5  1_555 B DT 8  1_555 -0.061 -0.130 0.020  -8.577  7.212  1.518  4  B_DA5:DT8_A  B 5  ? A 8  ? 20 1 
1 A DA 6  1_555 B DT 7  1_555 0.141  -0.054 0.142  -0.058  -8.277 3.224  5  B_DA6:DT7_A  B 6  ? A 7  ? 20 1 
1 A DT 7  1_555 B DA 6  1_555 -0.045 -0.020 0.017  -0.770  -8.023 1.128  6  B_DT7:DA6_A  B 7  ? A 6  ? 20 1 
1 A DT 8  1_555 B DA 5  1_555 -0.141 -0.148 0.155  5.844   9.441  1.741  7  B_DT8:DA5_A  B 8  ? A 5  ? 20 1 
1 A DC 10 1_555 B DG 3  1_555 0.367  -0.136 0.588  -18.841 -5.746 -0.556 8  B_DC10:DG3_A B 10 ? A 3  ? 19 1 
1 A DC 11 1_555 B DG 2  1_555 0.169  -0.132 0.093  -3.862  2.067  -0.490 9  B_DC11:DG2_A B 11 ? A 2  ? 19 1 
1 A DG 12 1_555 B DC 1  1_555 -0.273 -0.118 0.421  6.209   -5.328 0.689  10 B_DG12:DC1_A B 12 ? A 1  ? 19 1 
# 
loop_
_ndb_struct_na_base_pair_step.model_number 
_ndb_struct_na_base_pair_step.i_label_asym_id_1 
_ndb_struct_na_base_pair_step.i_label_comp_id_1 
_ndb_struct_na_base_pair_step.i_label_seq_id_1 
_ndb_struct_na_base_pair_step.i_symmetry_1 
_ndb_struct_na_base_pair_step.j_label_asym_id_1 
_ndb_struct_na_base_pair_step.j_label_comp_id_1 
_ndb_struct_na_base_pair_step.j_label_seq_id_1 
_ndb_struct_na_base_pair_step.j_symmetry_1 
_ndb_struct_na_base_pair_step.i_label_asym_id_2 
_ndb_struct_na_base_pair_step.i_label_comp_id_2 
_ndb_struct_na_base_pair_step.i_label_seq_id_2 
_ndb_struct_na_base_pair_step.i_symmetry_2 
_ndb_struct_na_base_pair_step.j_label_asym_id_2 
_ndb_struct_na_base_pair_step.j_label_comp_id_2 
_ndb_struct_na_base_pair_step.j_label_seq_id_2 
_ndb_struct_na_base_pair_step.j_symmetry_2 
_ndb_struct_na_base_pair_step.shift 
_ndb_struct_na_base_pair_step.slide 
_ndb_struct_na_base_pair_step.rise 
_ndb_struct_na_base_pair_step.tilt 
_ndb_struct_na_base_pair_step.roll 
_ndb_struct_na_base_pair_step.twist 
_ndb_struct_na_base_pair_step.x_displacement 
_ndb_struct_na_base_pair_step.y_displacement 
_ndb_struct_na_base_pair_step.helical_rise 
_ndb_struct_na_base_pair_step.inclination 
_ndb_struct_na_base_pair_step.tip 
_ndb_struct_na_base_pair_step.helical_twist 
_ndb_struct_na_base_pair_step.step_number 
_ndb_struct_na_base_pair_step.step_name 
_ndb_struct_na_base_pair_step.i_auth_asym_id_1 
_ndb_struct_na_base_pair_step.i_auth_seq_id_1 
_ndb_struct_na_base_pair_step.i_PDB_ins_code_1 
_ndb_struct_na_base_pair_step.j_auth_asym_id_1 
_ndb_struct_na_base_pair_step.j_auth_seq_id_1 
_ndb_struct_na_base_pair_step.j_PDB_ins_code_1 
_ndb_struct_na_base_pair_step.i_auth_asym_id_2 
_ndb_struct_na_base_pair_step.i_auth_seq_id_2 
_ndb_struct_na_base_pair_step.i_PDB_ins_code_2 
_ndb_struct_na_base_pair_step.j_auth_asym_id_2 
_ndb_struct_na_base_pair_step.j_auth_seq_id_2 
_ndb_struct_na_base_pair_step.j_PDB_ins_code_2 
1 A DC 1  1_555 B DG 12 1_555 A DG 2  1_555 B DC 11 1_555 0.794  2.201  3.405 12.068 -1.620 37.549 3.469  0.346  3.397 -2.439 
-18.172 39.406 1 BB_DC1DG2:DC11DG12_AA B 1  ? A 12 ? B 2  ? A 11 ? 
1 A DG 2  1_555 B DC 11 1_555 A DG 3  1_555 B DC 10 1_555 -0.302 2.696  3.180 -6.136 5.670  34.289 3.570  -0.454 3.566 9.444  
10.220  35.262 2 BB_DG2DG3:DC10DC11_AA B 2  ? A 11 ? B 3  ? A 10 ? 
1 A DA 5  1_555 B DT 8  1_555 A DA 6  1_555 B DT 7  1_555 -1.311 1.189  3.342 -4.692 3.803  37.562 1.310  1.377  3.573 5.859  
7.229   38.028 3 BB_DA5DA6:DT7DT8_AA   B 5  ? A 8  ? B 6  ? A 7  ? 
1 A DA 6  1_555 B DT 7  1_555 A DT 7  1_555 B DA 6  1_555 -0.004 -0.083 3.355 1.295  -0.728 29.635 -0.004 0.287  3.353 -1.423 
-2.530  29.672 4 BB_DA6DT7:DA6DT7_AA   B 6  ? A 7  ? B 7  ? A 6  ? 
1 A DT 7  1_555 B DA 6  1_555 A DT 8  1_555 B DA 5  1_555 1.328  1.025  3.377 2.213  5.609  36.107 0.809  -1.789 3.564 8.972  
-3.541  36.590 5 BB_DT7DT8:DA5DA6_AA   B 7  ? A 6  ? B 8  ? A 5  ? 
1 A DC 10 1_555 B DG 3  1_555 A DC 11 1_555 B DG 2  1_555 0.413  2.681  3.282 4.663  6.524  34.510 3.365  0.067  3.733 10.816 
-7.730  35.402 6 BB_DC10DC11:DG2DG3_AA B 10 ? A 3  ? B 11 ? A 2  ? 
1 A DC 11 1_555 B DG 2  1_555 A DG 12 1_555 B DC 1  1_555 -0.946 2.464  3.225 -8.214 2.122  37.323 3.485  0.372  3.478 3.264  
12.635  38.242 7 BB_DC11DG12:DC1DG2_AA B 11 ? A 2  ? B 12 ? A 1  ? 
# 
_atom_sites.entry_id                    3GSK 
_atom_sites.fract_transf_matrix[1][1]   0.00737005 
_atom_sites.fract_transf_matrix[1][2]   0.02198641 
_atom_sites.fract_transf_matrix[1][3]   -0.00573869 
_atom_sites.fract_transf_matrix[2][1]   -0.01581434 
_atom_sites.fract_transf_matrix[2][2]   0.01640793 
_atom_sites.fract_transf_matrix[2][3]   -0.00716734 
_atom_sites.fract_transf_matrix[3][1]   -0.00184645 
_atom_sites.fract_transf_matrix[3][2]   0.00417993 
_atom_sites.fract_transf_matrix[3][3]   0.01364307 
_atom_sites.fract_transf_vector[1]      0.282315 
_atom_sites.fract_transf_vector[2]      0.403962 
_atom_sites.fract_transf_vector[3]      0.164666 
# 
loop_
_atom_type.symbol 
AS 
C  
H  
N  
O  
P  
RH 
# 
loop_
_atom_site.group_PDB 
_atom_site.id 
_atom_site.type_symbol 
_atom_site.label_atom_id 
_atom_site.label_alt_id 
_atom_site.label_comp_id 
_atom_site.label_asym_id 
_atom_site.label_entity_id 
_atom_site.label_seq_id 
_atom_site.pdbx_PDB_ins_code 
_atom_site.Cartn_x 
_atom_site.Cartn_y 
_atom_site.Cartn_z 
_atom_site.occupancy 
_atom_site.B_iso_or_equiv 
_atom_site.pdbx_formal_charge 
_atom_site.auth_seq_id 
_atom_site.auth_comp_id 
_atom_site.auth_asym_id 
_atom_site.auth_atom_id 
_atom_site.pdbx_PDB_model_num 
ATOM   1   O  "O5'"  . DC  A 1 1  ? -2.335  9.811   18.693  1.00 71.29 ? 1    DC  B "O5'"  1 
ATOM   2   C  "C5'"  . DC  A 1 1  ? -3.425  10.721  18.681  1.00 72.77 ? 1    DC  B "C5'"  1 
ATOM   3   C  "C4'"  . DC  A 1 1  ? -3.130  11.988  17.888  1.00 66.05 ? 1    DC  B "C4'"  1 
ATOM   4   O  "O4'"  . DC  A 1 1  ? -1.729  12.320  17.995  1.00 65.01 ? 1    DC  B "O4'"  1 
ATOM   5   C  "C3'"  . DC  A 1 1  ? -3.448  11.941  16.401  1.00 58.57 ? 1    DC  B "C3'"  1 
ATOM   6   O  "O3'"  . DC  A 1 1  ? -4.265  13.066  16.103  1.00 54.98 ? 1    DC  B "O3'"  1 
ATOM   7   C  "C2'"  . DC  A 1 1  ? -2.101  11.948  15.685  1.00 52.79 ? 1    DC  B "C2'"  1 
ATOM   8   C  "C1'"  . DC  A 1 1  ? -1.199  12.626  16.727  1.00 55.36 ? 1    DC  B "C1'"  1 
ATOM   9   N  N1     . DC  A 1 1  ? 0.226   12.179  16.856  1.00 51.98 ? 1    DC  B N1     1 
ATOM   10  C  C2     . DC  A 1 1  ? 1.167   12.616  15.934  1.00 51.45 ? 1    DC  B C2     1 
ATOM   11  O  O2     . DC  A 1 1  ? 0.796   13.345  15.009  1.00 52.73 ? 1    DC  B O2     1 
ATOM   12  N  N3     . DC  A 1 1  ? 2.461   12.222  16.086  1.00 48.46 ? 1    DC  B N3     1 
ATOM   13  C  C4     . DC  A 1 1  ? 2.818   11.428  17.100  1.00 46.55 ? 1    DC  B C4     1 
ATOM   14  N  N4     . DC  A 1 1  ? 4.082   11.026  17.254  1.00 52.88 ? 1    DC  B N4     1 
ATOM   15  C  C5     . DC  A 1 1  ? 1.858   10.978  18.050  1.00 60.94 ? 1    DC  B C5     1 
ATOM   16  C  C6     . DC  A 1 1  ? 0.599   11.376  17.893  1.00 56.14 ? 1    DC  B C6     1 
ATOM   17  H  "H5'"  . DC  A 1 1  ? -3.638  10.970  19.606  1.00 87.35 ? 1    DC  B "H5'"  1 
ATOM   18  H  "H5''" . DC  A 1 1  ? -4.204  10.275  18.286  1.00 87.35 ? 1    DC  B "H5''" 1 
ATOM   19  H  "H4'"  . DC  A 1 1  ? -3.648  12.720  18.286  1.00 79.29 ? 1    DC  B "H4'"  1 
ATOM   20  H  "H3'"  . DC  A 1 1  ? -3.931  11.114  16.192  1.00 70.30 ? 1    DC  B "H3'"  1 
ATOM   21  H  "H2'"  . DC  A 1 1  ? -1.797  11.034  15.501  1.00 63.36 ? 1    DC  B "H2'"  1 
ATOM   22  H  "H2''" . DC  A 1 1  ? -2.144  12.478  14.862  1.00 63.36 ? 1    DC  B "H2''" 1 
ATOM   23  H  "H1'"  . DC  A 1 1  ? -1.222  13.596  16.593  1.00 66.45 ? 1    DC  B "H1'"  1 
ATOM   24  H  H41    . DC  A 1 1  ? 4.323   10.443  18.005  1.00 63.48 ? 1    DC  B H41    1 
ATOM   25  H  H42    . DC  A 1 1  ? 4.769   11.314  16.618  1.00 63.48 ? 1    DC  B H42    1 
ATOM   26  H  H5     . DC  A 1 1  ? 2.116   10.399  18.797  1.00 73.14 ? 1    DC  B H5     1 
ATOM   27  H  H6     . DC  A 1 1  ? -0.078  11.086  18.539  1.00 67.39 ? 1    DC  B H6     1 
ATOM   28  H  "HO5'" . DC  A 1 1  ? -2.479  8.878   18.953  1.00 85.57 ? 1    DC  B "HO5'" 1 
ATOM   29  P  P      . DG  A 1 2  ? -5.643  12.733  15.367  1.00 61.67 ? 2    DG  B P      1 
ATOM   30  O  OP1    . DG  A 1 2  ? -6.466  13.959  15.238  1.00 60.62 ? 2    DG  B OP1    1 
ATOM   31  O  OP2    . DG  A 1 2  ? -6.216  11.515  15.991  1.00 60.02 ? 2    DG  B OP2    1 
ATOM   32  O  "O5'"  . DG  A 1 2  ? -5.121  12.358  13.911  1.00 52.79 ? 2    DG  B "O5'"  1 
ATOM   33  C  "C5'"  . DG  A 1 2  ? -4.704  13.369  13.003  1.00 43.86 ? 2    DG  B "C5'"  1 
ATOM   34  C  "C4'"  . DG  A 1 2  ? -3.996  12.698  11.835  1.00 45.93 ? 2    DG  B "C4'"  1 
ATOM   35  O  "O4'"  . DG  A 1 2  ? -2.784  12.121  12.376  1.00 46.74 ? 2    DG  B "O4'"  1 
ATOM   36  C  "C3'"  . DG  A 1 2  ? -4.771  11.535  11.195  1.00 39.66 ? 2    DG  B "C3'"  1 
ATOM   37  O  "O3'"  . DG  A 1 2  ? -4.670  11.496  9.803   1.00 38.17 ? 2    DG  B "O3'"  1 
ATOM   38  C  "C2'"  . DG  A 1 2  ? -4.114  10.316  11.829  1.00 43.31 ? 2    DG  B "C2'"  1 
ATOM   39  C  "C1'"  . DG  A 1 2  ? -2.673  10.789  11.937  1.00 41.33 ? 2    DG  B "C1'"  1 
ATOM   40  N  N9     . DG  A 1 2  ? -1.869  10.035  12.884  1.00 43.91 ? 2    DG  B N9     1 
ATOM   41  C  C8     . DG  A 1 2  ? -2.267  9.131   13.846  1.00 45.97 ? 2    DG  B C8     1 
ATOM   42  N  N7     . DG  A 1 2  ? -1.283  8.633   14.539  1.00 43.25 ? 2    DG  B N7     1 
ATOM   43  C  C5     . DG  A 1 2  ? -0.146  9.249   13.994  1.00 38.49 ? 2    DG  B C5     1 
ATOM   44  C  C6     . DG  A 1 2  ? 1.223   9.126   14.313  1.00 41.90 ? 2    DG  B C6     1 
ATOM   45  O  O6     . DG  A 1 2  ? 1.729   8.415   15.182  1.00 46.16 ? 2    DG  B O6     1 
ATOM   46  N  N1     . DG  A 1 2  ? 2.017   9.938   13.508  1.00 42.73 ? 2    DG  B N1     1 
ATOM   47  C  C2     . DG  A 1 2  ? 1.558   10.791  12.517  1.00 31.18 ? 2    DG  B C2     1 
ATOM   48  N  N2     . DG  A 1 2  ? 2.534   11.468  11.875  1.00 35.70 ? 2    DG  B N2     1 
ATOM   49  N  N3     . DG  A 1 2  ? 0.258   10.895  12.178  1.00 37.23 ? 2    DG  B N3     1 
ATOM   50  C  C4     . DG  A 1 2  ? -0.507  10.117  12.974  1.00 39.04 ? 2    DG  B C4     1 
ATOM   51  H  "H5'"  . DG  A 1 2  ? -4.087  13.984  13.454  1.00 52.65 ? 2    DG  B "H5'"  1 
ATOM   52  H  "H5''" . DG  A 1 2  ? -5.484  13.863  12.677  1.00 52.65 ? 2    DG  B "H5''" 1 
ATOM   53  H  "H4'"  . DG  A 1 2  ? -3.771  13.365  11.153  1.00 55.14 ? 2    DG  B "H4'"  1 
ATOM   54  H  "H3'"  . DG  A 1 2  ? -5.713  11.579  11.459  1.00 47.61 ? 2    DG  B "H3'"  1 
ATOM   55  H  "H2'"  . DG  A 1 2  ? -4.492  10.133  12.714  1.00 51.99 ? 2    DG  B "H2'"  1 
ATOM   56  H  "H2''" . DG  A 1 2  ? -4.185  9.533   11.243  1.00 51.99 ? 2    DG  B "H2''" 1 
ATOM   57  H  "H1'"  . DG  A 1 2  ? -2.252  10.768  11.053  1.00 49.62 ? 2    DG  B "H1'"  1 
ATOM   58  H  H8     . DG  A 1 2  ? -3.204  8.885   13.994  1.00 55.18 ? 2    DG  B H8     1 
ATOM   59  H  H1     . DG  A 1 2  ? 2.984   9.916   13.667  1.00 51.30 ? 2    DG  B H1     1 
ATOM   60  H  H21    . DG  A 1 2  ? 2.309   12.064  11.130  1.00 42.86 ? 2    DG  B H21    1 
ATOM   61  H  H22    . DG  A 1 2  ? 3.468   11.364  12.154  1.00 42.86 ? 2    DG  B H22    1 
ATOM   62  P  P      . DG  A 1 3  ? -5.890  11.894  8.913   1.00 42.19 ? 3    DG  B P      1 
ATOM   63  O  OP1    . DG  A 1 3  ? -6.288  13.223  9.423   1.00 47.40 ? 3    DG  B OP1    1 
ATOM   64  O  OP2    . DG  A 1 3  ? -6.912  10.798  8.883   1.00 42.79 ? 3    DG  B OP2    1 
ATOM   65  O  "O5'"  . DG  A 1 3  ? -5.334  12.057  7.415   1.00 44.64 ? 3    DG  B "O5'"  1 
ATOM   66  C  "C5'"  . DG  A 1 3  ? -4.355  13.098  7.159   1.00 40.65 ? 3    DG  B "C5'"  1 
ATOM   67  C  "C4'"  . DG  A 1 3  ? -3.294  12.525  6.237   1.00 34.74 ? 3    DG  B "C4'"  1 
ATOM   68  O  "O4'"  . DG  A 1 3  ? -2.420  11.711  7.065   1.00 38.66 ? 3    DG  B "O4'"  1 
ATOM   69  C  "C3'"  . DG  A 1 3  ? -3.758  11.604  5.103   1.00 36.28 ? 3    DG  B "C3'"  1 
ATOM   70  O  "O3'"  . DG  A 1 3  ? -2.821  11.669  4.067   1.00 37.77 ? 3    DG  B "O3'"  1 
ATOM   71  C  "C2'"  . DG  A 1 3  ? -3.690  10.194  5.644   1.00 38.29 ? 3    DG  B "C2'"  1 
ATOM   72  C  "C1'"  . DG  A 1 3  ? -2.537  10.357  6.633   1.00 39.08 ? 3    DG  B "C1'"  1 
ATOM   73  N  N9     . DG  A 1 3  ? -2.594  9.474   7.786   1.00 37.41 ? 3    DG  B N9     1 
ATOM   74  C  C8     . DG  A 1 3  ? -3.709  8.869   8.394   1.00 37.91 ? 3    DG  B C8     1 
ATOM   75  N  N7     . DG  A 1 3  ? -3.391  8.137   9.423   1.00 39.69 ? 3    DG  B N7     1 
ATOM   76  C  C5     . DG  A 1 3  ? -1.972  8.266   9.488   1.00 34.00 ? 3    DG  B C5     1 
ATOM   77  C  C6     . DG  A 1 3  ? -1.064  7.695   10.421  1.00 38.13 ? 3    DG  B C6     1 
ATOM   78  O  O6     . DG  A 1 3  ? -1.241  6.931   11.380  1.00 38.24 ? 3    DG  B O6     1 
ATOM   79  N  N1     . DG  A 1 3  ? 0.238   8.094   10.133  1.00 41.01 ? 3    DG  B N1     1 
ATOM   80  C  C2     . DG  A 1 3  ? 0.582   8.904   9.086   1.00 37.92 ? 3    DG  B C2     1 
ATOM   81  N  N2     . DG  A 1 3  ? 1.909   9.174   9.016   1.00 35.02 ? 3    DG  B N2     1 
ATOM   82  N  N3     . DG  A 1 3  ? -0.221  9.486   8.215   1.00 32.39 ? 3    DG  B N3     1 
ATOM   83  C  C4     . DG  A 1 3  ? -1.503  9.114   8.504   1.00 37.42 ? 3    DG  B C4     1 
ATOM   84  H  "H5'"  . DG  A 1 3  ? -3.943  13.380  8.003   1.00 48.80 ? 3    DG  B "H5'"  1 
ATOM   85  H  "H5''" . DG  A 1 3  ? -4.790  13.864  6.729   1.00 48.80 ? 3    DG  B "H5''" 1 
ATOM   86  H  "H4'"  . DG  A 1 3  ? -2.775  13.263  5.854   1.00 41.70 ? 3    DG  B "H4'"  1 
ATOM   87  H  "H3'"  . DG  A 1 3  ? -4.660  11.832  4.794   1.00 43.55 ? 3    DG  B "H3'"  1 
ATOM   88  H  "H2'"  . DG  A 1 3  ? -4.521  9.949   6.103   1.00 45.96 ? 3    DG  B "H2'"  1 
ATOM   89  H  "H2''" . DG  A 1 3  ? -3.465  9.552   4.938   1.00 45.96 ? 3    DG  B "H2''" 1 
ATOM   90  H  "H1'"  . DG  A 1 3  ? -1.713  10.140  6.148   1.00 46.92 ? 3    DG  B "H1'"  1 
ATOM   91  H  H8     . DG  A 1 3  ? -4.629  8.983   8.076   1.00 45.51 ? 3    DG  B H8     1 
ATOM   92  H  H1     . DG  A 1 3  ? 0.957   7.753   10.704  1.00 49.23 ? 3    DG  B H1     1 
ATOM   93  H  H21    . DG  A 1 3  ? 2.250   9.787   8.331   1.00 42.05 ? 3    DG  B H21    1 
ATOM   94  H  H22    . DG  A 1 3  ? 2.528   8.756   9.651   1.00 42.05 ? 3    DG  B H22    1 
ATOM   95  P  P      . DA  A 1 4  ? -3.139  12.279  2.655   1.00 41.63 ? 4    DA  B P      1 
ATOM   96  O  OP1    . DA  A 1 4  ? -3.979  13.491  2.887   1.00 40.01 ? 4    DA  B OP1    1 
ATOM   97  O  OP2    . DA  A 1 4  ? -3.542  11.182  1.750   1.00 43.64 ? 4    DA  B OP2    1 
ATOM   98  O  "O5'"  . DA  A 1 4  ? -1.645  12.572  2.192   1.00 40.60 ? 4    DA  B "O5'"  1 
ATOM   99  C  "C5'"  . DA  A 1 4  ? -0.767  13.334  3.063   1.00 36.38 ? 4    DA  B "C5'"  1 
ATOM   100 C  "C4'"  . DA  A 1 4  ? 0.403   13.733  2.184   1.00 34.44 ? 4    DA  B "C4'"  1 
ATOM   101 O  "O4'"  . DA  A 1 4  ? 1.286   14.661  2.871   1.00 34.74 ? 4    DA  B "O4'"  1 
ATOM   102 C  "C3'"  . DA  A 1 4  ? 1.309   12.560  1.824   1.00 33.52 ? 4    DA  B "C3'"  1 
ATOM   103 O  "O3'"  . DA  A 1 4  ? 2.008   12.807  0.608   1.00 39.55 ? 4    DA  B "O3'"  1 
ATOM   104 C  "C2'"  . DA  A 1 4  ? 2.285   12.528  2.991   1.00 33.42 ? 4    DA  B "C2'"  1 
ATOM   105 C  "C1'"  . DA  A 1 4  ? 2.554   14.027  3.070   1.00 32.82 ? 4    DA  B "C1'"  1 
ATOM   106 N  N9     . DA  A 1 4  ? 3.035   14.563  4.314   1.00 35.19 ? 4    DA  B N9     1 
ATOM   107 C  C8     . DA  A 1 4  ? 2.453   14.492  5.542   1.00 30.77 ? 4    DA  B C8     1 
ATOM   108 N  N7     . DA  A 1 4  ? 3.068   15.144  6.458   1.00 28.00 ? 4    DA  B N7     1 
ATOM   109 C  C5     . DA  A 1 4  ? 4.128   15.740  5.797   1.00 36.52 ? 4    DA  B C5     1 
ATOM   110 C  C6     . DA  A 1 4  ? 5.160   16.589  6.242   1.00 29.65 ? 4    DA  B C6     1 
ATOM   111 N  N6     . DA  A 1 4  ? 5.297   16.976  7.496   1.00 29.94 ? 4    DA  B N6     1 
ATOM   112 N  N1     . DA  A 1 4  ? 6.068   16.963  5.325   1.00 28.23 ? 4    DA  B N1     1 
ATOM   113 C  C2     . DA  A 1 4  ? 5.956   16.592  4.050   1.00 30.29 ? 4    DA  B C2     1 
ATOM   114 N  N3     . DA  A 1 4  ? 5.033   15.808  3.512   1.00 33.39 ? 4    DA  B N3     1 
ATOM   115 C  C4     . DA  A 1 4  ? 4.123   15.436  4.456   1.00 32.61 ? 4    DA  B C4     1 
ATOM   116 H  "H5'"  . DA  A 1 4  ? -0.458  12.777  3.808   1.00 43.67 ? 4    DA  B "H5'"  1 
ATOM   117 H  "H5''" . DA  A 1 4  ? -1.227  14.131  3.399   1.00 43.67 ? 4    DA  B "H5''" 1 
ATOM   118 H  "H4'"  . DA  A 1 4  ? 0.067   14.150  1.363   1.00 41.35 ? 4    DA  B "H4'"  1 
ATOM   119 H  "H3'"  . DA  A 1 4  ? 0.798   11.725  1.773   1.00 40.25 ? 4    DA  B "H3'"  1 
ATOM   120 H  "H2'"  . DA  A 1 4  ? 1.859   12.195  3.808   1.00 40.13 ? 4    DA  B "H2'"  1 
ATOM   121 H  "H2''" . DA  A 1 4  ? 3.098   12.027  2.769   1.00 40.13 ? 4    DA  B "H2''" 1 
ATOM   122 H  "H1'"  . DA  A 1 4  ? 3.163   14.286  2.347   1.00 39.40 ? 4    DA  B "H1'"  1 
ATOM   123 H  H8     . DA  A 1 4  ? 1.639   13.975  5.714   1.00 36.94 ? 4    DA  B H8     1 
ATOM   124 H  H61    . DA  A 1 4  ? 6.060   17.534  7.755   1.00 35.95 ? 4    DA  B H61    1 
ATOM   125 H  H62    . DA  A 1 4  ? 4.638   16.705  8.167   1.00 35.95 ? 4    DA  B H62    1 
ATOM   126 H  H2     . DA  A 1 4  ? 6.644   16.932  3.440   1.00 36.37 ? 4    DA  B H2     1 
ATOM   127 P  P      . DA  A 1 5  ? 1.503   12.254  -0.795  1.00 40.48 ? 5    DA  B P      1 
ATOM   128 O  OP1    . DA  A 1 5  ? 2.398   12.826  -1.821  1.00 39.16 ? 5    DA  B OP1    1 
ATOM   129 O  OP2    . DA  A 1 5  ? 0.037   12.380  -0.924  1.00 46.73 ? 5    DA  B OP2    1 
ATOM   130 O  "O5'"  . DA  A 1 5  ? 1.812   10.697  -0.601  1.00 38.15 ? 5    DA  B "O5'"  1 
ATOM   131 C  "C5'"  . DA  A 1 5  ? 3.147   10.277  -0.443  1.00 38.49 ? 5    DA  B "C5'"  1 
ATOM   132 C  "C4'"  . DA  A 1 5  ? 3.226   8.792   -0.777  1.00 36.63 ? 5    DA  B "C4'"  1 
ATOM   133 O  "O4'"  . DA  A 1 5  ? 2.655   7.959   0.270   1.00 35.36 ? 5    DA  B "O4'"  1 
ATOM   134 C  "C3'"  . DA  A 1 5  ? 2.499   8.402   -2.057  1.00 38.72 ? 5    DA  B "C3'"  1 
ATOM   135 O  "O3'"  . DA  A 1 5  ? 3.232   7.327   -2.634  1.00 38.55 ? 5    DA  B "O3'"  1 
ATOM   136 C  "C2'"  . DA  A 1 5  ? 1.151   7.867   -1.590  1.00 38.31 ? 5    DA  B "C2'"  1 
ATOM   137 C  "C1'"  . DA  A 1 5  ? 1.679   7.112   -0.359  1.00 38.50 ? 5    DA  B "C1'"  1 
ATOM   138 N  N9     . DA  A 1 5  ? 0.672   6.733   0.646   1.00 36.95 ? 5    DA  B N9     1 
ATOM   139 C  C8     . DA  A 1 5  ? -0.589  7.226   0.813   1.00 35.33 ? 5    DA  B C8     1 
ATOM   140 N  N7     . DA  A 1 5  ? -1.251  6.690   1.804   1.00 38.49 ? 5    DA  B N7     1 
ATOM   141 C  C5     . DA  A 1 5  ? -0.366  5.772   2.323   1.00 33.77 ? 5    DA  B C5     1 
ATOM   142 C  C6     . DA  A 1 5  ? -0.501  4.879   3.400   1.00 33.24 ? 5    DA  B C6     1 
ATOM   143 N  N6     . DA  A 1 5  ? -1.663  4.837   4.099   1.00 33.52 ? 5    DA  B N6     1 
ATOM   144 N  N1     . DA  A 1 5  ? 0.564   4.104   3.671   1.00 35.01 ? 5    DA  B N1     1 
ATOM   145 C  C2     . DA  A 1 5  ? 1.685   4.206   2.908   1.00 32.86 ? 5    DA  B C2     1 
ATOM   146 N  N3     . DA  A 1 5  ? 1.919   5.007   1.867   1.00 32.83 ? 5    DA  B N3     1 
ATOM   147 C  C4     . DA  A 1 5  ? 0.851   5.787   1.635   1.00 30.89 ? 5    DA  B C4     1 
ATOM   148 H  "H5'"  . DA  A 1 5  ? 3.432   10.423  0.483   1.00 46.20 ? 5    DA  B "H5'"  1 
ATOM   149 H  "H5''" . DA  A 1 5  ? 3.726   10.784  -1.051  1.00 46.20 ? 5    DA  B "H5''" 1 
ATOM   150 H  "H4'"  . DA  A 1 5  ? 4.171   8.552   -0.877  1.00 43.98 ? 5    DA  B "H4'"  1 
ATOM   151 H  "H3'"  . DA  A 1 5  ? 2.403   9.158   -2.672  1.00 46.48 ? 5    DA  B "H3'"  1 
ATOM   152 H  "H2'"  . DA  A 1 5  ? 0.540   8.590   -1.338  1.00 45.99 ? 5    DA  B "H2'"  1 
ATOM   153 H  "H2''" . DA  A 1 5  ? 0.755   7.257   -2.247  1.00 45.99 ? 5    DA  B "H2''" 1 
ATOM   154 H  "H1'"  . DA  A 1 5  ? 2.129   6.298   -0.668  1.00 46.22 ? 5    DA  B "H1'"  1 
ATOM   155 H  H8     . DA  A 1 5  ? -0.964  7.928   0.241   1.00 42.41 ? 5    DA  B H8     1 
ATOM   156 H  H61    . DA  A 1 5  ? -1.760  4.216   4.851   1.00 40.24 ? 5    DA  B H61    1 
ATOM   157 H  H62    . DA  A 1 5  ? -2.405  5.428   3.853   1.00 40.24 ? 5    DA  B H62    1 
ATOM   158 H  H2     . DA  A 1 5  ? 2.422   3.612   3.157   1.00 39.45 ? 5    DA  B H2     1 
ATOM   159 P  P      . DA  A 1 6  ? 4.223   7.452   -3.883  1.00 45.19 ? 6    DA  B P      1 
ATOM   160 O  OP1    . DA  A 1 6  ? 5.057   8.675   -3.784  1.00 43.83 ? 6    DA  B OP1    1 
ATOM   161 O  OP2    . DA  A 1 6  ? 3.424   7.235   -5.101  1.00 46.77 ? 6    DA  B OP2    1 
ATOM   162 O  "O5'"  . DA  A 1 6  ? 5.203   6.208   -3.667  1.00 45.84 ? 6    DA  B "O5'"  1 
ATOM   163 C  "C5'"  . DA  A 1 6  ? 6.229   6.131   -2.665  1.00 41.61 ? 6    DA  B "C5'"  1 
ATOM   164 C  "C4'"  . DA  A 1 6  ? 6.614   4.679   -2.478  1.00 36.73 ? 6    DA  B "C4'"  1 
ATOM   165 O  "O4'"  . DA  A 1 6  ? 5.601   4.095   -1.607  1.00 34.58 ? 6    DA  B "O4'"  1 
ATOM   166 C  "C3'"  . DA  A 1 6  ? 6.689   3.798   -3.725  1.00 37.43 ? 6    DA  B "C3'"  1 
ATOM   167 O  "O3'"  . DA  A 1 6  ? 7.817   2.942   -3.479  1.00 41.14 ? 6    DA  B "O3'"  1 
ATOM   168 C  "C2'"  . DA  A 1 6  ? 5.344   3.068   -3.762  1.00 35.57 ? 6    DA  B "C2'"  1 
ATOM   169 C  "C1'"  . DA  A 1 6  ? 4.991   2.976   -2.273  1.00 34.62 ? 6    DA  B "C1'"  1 
ATOM   170 N  N9     . DA  A 1 6  ? 3.579   3.111   -1.922  1.00 39.17 ? 6    DA  B N9     1 
ATOM   171 C  C8     . DA  A 1 6  ? 2.674   3.965   -2.488  1.00 32.11 ? 6    DA  B C8     1 
ATOM   172 N  N7     . DA  A 1 6  ? 1.478   3.949   -1.946  1.00 36.32 ? 6    DA  B N7     1 
ATOM   173 C  C5     . DA  A 1 6  ? 1.595   3.027   -0.936  1.00 34.85 ? 6    DA  B C5     1 
ATOM   174 C  C6     . DA  A 1 6  ? 0.633   2.551   0.007   1.00 31.88 ? 6    DA  B C6     1 
ATOM   175 N  N6     . DA  A 1 6  ? -0.627  3.015   0.059   1.00 34.87 ? 6    DA  B N6     1 
ATOM   176 N  N1     . DA  A 1 6  ? 1.095   1.628   0.858   1.00 38.35 ? 6    DA  B N1     1 
ATOM   177 C  C2     . DA  A 1 6  ? 2.369   1.199   0.793   1.00 35.31 ? 6    DA  B C2     1 
ATOM   178 N  N3     . DA  A 1 6  ? 3.363   1.577   -0.040  1.00 37.02 ? 6    DA  B N3     1 
ATOM   179 C  C4     . DA  A 1 6  ? 2.890   2.488   -0.888  1.00 36.34 ? 6    DA  B C4     1 
ATOM   180 H  "H5'"  . DA  A 1 6  ? 5.892   6.495   -1.821  1.00 49.95 ? 6    DA  B "H5'"  1 
ATOM   181 H  "H5''" . DA  A 1 6  ? 7.012   6.644   -2.956  1.00 49.95 ? 6    DA  B "H5''" 1 
ATOM   182 H  "H4'"  . DA  A 1 6  ? 7.479   4.643   -2.018  1.00 44.09 ? 6    DA  B "H4'"  1 
ATOM   183 H  "H3'"  . DA  A 1 6  ? 6.822   4.340   -4.532  1.00 44.93 ? 6    DA  B "H3'"  1 
ATOM   184 H  "H2'"  . DA  A 1 6  ? 4.675   3.593   -4.248  1.00 42.71 ? 6    DA  B "H2'"  1 
ATOM   185 H  "H2''" . DA  A 1 6  ? 5.443   2.174   -4.153  1.00 42.71 ? 6    DA  B "H2''" 1 
ATOM   186 H  "H1'"  . DA  A 1 6  ? 5.344   2.140   -1.902  1.00 41.56 ? 6    DA  B "H1'"  1 
ATOM   187 H  H8     . DA  A 1 6  ? 2.904   4.555   -3.237  1.00 38.56 ? 6    DA  B H8     1 
ATOM   188 H  H61    . DA  A 1 6  ? -1.245  2.677   0.739   1.00 41.87 ? 6    DA  B H61    1 
ATOM   189 H  H62    . DA  A 1 6  ? -0.927  3.691   -0.583  1.00 41.87 ? 6    DA  B H62    1 
ATOM   190 H  H2     . DA  A 1 6  ? 2.619   0.530   1.463   1.00 42.39 ? 6    DA  B H2     1 
ATOM   191 P  P      . DT  A 1 7  ? 8.328   1.835   -4.488  1.00 40.58 ? 7    DT  B P      1 
ATOM   192 O  OP1    . DT  A 1 7  ? 9.800   1.758   -4.271  1.00 38.51 ? 7    DT  B OP1    1 
ATOM   193 O  OP2    . DT  A 1 7  ? 7.708   2.044   -5.811  1.00 39.86 ? 7    DT  B OP2    1 
ATOM   194 O  "O5'"  . DT  A 1 7  ? 7.660   0.524   -3.892  1.00 41.08 ? 7    DT  B "O5'"  1 
ATOM   195 C  "C5'"  . DT  A 1 7  ? 7.901   0.194   -2.558  1.00 39.62 ? 7    DT  B "C5'"  1 
ATOM   196 C  "C4'"  . DT  A 1 7  ? 6.997   -0.959  -2.204  1.00 40.65 ? 7    DT  B "C4'"  1 
ATOM   197 O  "O4'"  . DT  A 1 7  ? 5.652   -0.451  -2.157  1.00 35.63 ? 7    DT  B "O4'"  1 
ATOM   198 C  "C3'"  . DT  A 1 7  ? 6.997   -2.146  -3.183  1.00 41.31 ? 7    DT  B "C3'"  1 
ATOM   199 O  "O3'"  . DT  A 1 7  ? 7.473   -3.301  -2.487  1.00 40.08 ? 7    DT  B "O3'"  1 
ATOM   200 C  "C2'"  . DT  A 1 7  ? 5.539   -2.280  -3.638  1.00 39.84 ? 7    DT  B "C2'"  1 
ATOM   201 C  "C1'"  . DT  A 1 7  ? 4.816   -1.556  -2.503  1.00 38.80 ? 7    DT  B "C1'"  1 
ATOM   202 N  N1     . DT  A 1 7  ? 3.503   -0.917  -2.746  1.00 35.27 ? 7    DT  B N1     1 
ATOM   203 C  C2     . DT  A 1 7  ? 2.466   -1.220  -1.848  1.00 38.27 ? 7    DT  B C2     1 
ATOM   204 O  O2     . DT  A 1 7  ? 2.558   -1.984  -0.904  1.00 40.18 ? 7    DT  B O2     1 
ATOM   205 N  N3     . DT  A 1 7  ? 1.300   -0.528  -2.105  1.00 37.21 ? 7    DT  B N3     1 
ATOM   206 C  C4     . DT  A 1 7  ? 1.047   0.356   -3.121  1.00 35.43 ? 7    DT  B C4     1 
ATOM   207 O  O4     . DT  A 1 7  ? -0.065  0.889   -3.241  1.00 37.60 ? 7    DT  B O4     1 
ATOM   208 C  C5     . DT  A 1 7  ? 2.182   0.625   -4.016  1.00 29.21 ? 7    DT  B C5     1 
ATOM   209 C  C7     . DT  A 1 7  ? 1.946   1.575   -5.161  1.00 43.26 ? 7    DT  B C7     1 
ATOM   210 C  C6     . DT  A 1 7  ? 3.317   -0.025  -3.779  1.00 34.31 ? 7    DT  B C6     1 
ATOM   211 H  "H5'"  . DT  A 1 7  ? 7.702   0.963   -1.985  1.00 47.57 ? 7    DT  B "H5'"  1 
ATOM   212 H  "H5''" . DT  A 1 7  ? 8.838   -0.072  -2.446  1.00 47.57 ? 7    DT  B "H5''" 1 
ATOM   213 H  "H4'"  . DT  A 1 7  ? 7.240   -1.286  -1.314  1.00 48.80 ? 7    DT  B "H4'"  1 
ATOM   214 H  "H3'"  . DT  A 1 7  ? 7.574   -1.951  -3.950  1.00 49.60 ? 7    DT  B "H3'"  1 
ATOM   215 H  "H2'"  . DT  A 1 7  ? 5.393   -1.826  -4.494  1.00 47.83 ? 7    DT  B "H2'"  1 
ATOM   216 H  "H2''" . DT  A 1 7  ? 5.269   -3.221  -3.683  1.00 47.83 ? 7    DT  B "H2''" 1 
ATOM   217 H  "H1'"  . DT  A 1 7  ? 4.743   -2.157  -1.732  1.00 46.58 ? 7    DT  B "H1'"  1 
ATOM   218 H  H3     . DT  A 1 7  ? 0.548   -0.719  -1.506  1.00 44.68 ? 7    DT  B H3     1 
ATOM   219 H  H71    . DT  A 1 7  ? 2.553   2.341   -5.080  1.00 51.93 ? 7    DT  B H71    1 
ATOM   220 H  H72    . DT  A 1 7  ? 2.114   1.113   -6.008  1.00 51.93 ? 7    DT  B H72    1 
ATOM   221 H  H73    . DT  A 1 7  ? 1.018   1.890   -5.138  1.00 51.93 ? 7    DT  B H73    1 
ATOM   222 H  H6     . DT  A 1 7  ? 4.076   0.153   -4.371  1.00 41.19 ? 7    DT  B H6     1 
ATOM   223 P  P      . DT  A 1 8  ? 7.889   -4.678  -3.200  1.00 38.62 ? 8    DT  B P      1 
ATOM   224 O  OP1    . DT  A 1 8  ? 8.792   -5.310  -2.237  1.00 34.63 ? 8    DT  B OP1    1 
ATOM   225 O  OP2    . DT  A 1 8  ? 8.348   -4.370  -4.565  1.00 35.08 ? 8    DT  B OP2    1 
ATOM   226 O  "O5'"  . DT  A 1 8  ? 6.518   -5.518  -3.344  1.00 37.29 ? 8    DT  B "O5'"  1 
ATOM   227 C  "C5'"  . DT  A 1 8  ? 5.858   -5.775  -2.131  1.00 37.78 ? 8    DT  B "C5'"  1 
ATOM   228 C  "C4'"  . DT  A 1 8  ? 4.594   -6.534  -2.447  1.00 38.84 ? 8    DT  B "C4'"  1 
ATOM   229 O  "O4'"  . DT  A 1 8  ? 3.632   -5.531  -2.828  1.00 37.22 ? 8    DT  B "O4'"  1 
ATOM   230 C  "C3'"  . DT  A 1 8  ? 4.645   -7.525  -3.611  1.00 40.39 ? 8    DT  B "C3'"  1 
ATOM   231 O  "O3'"  . DT  A 1 8  ? 4.041   -8.763  -3.204  1.00 38.31 ? 8    DT  B "O3'"  1 
ATOM   232 C  "C2'"  . DT  A 1 8  ? 3.843   -6.859  -4.725  1.00 37.54 ? 8    DT  B "C2'"  1 
ATOM   233 C  "C1'"  . DT  A 1 8  ? 2.855   -6.020  -3.910  1.00 35.89 ? 8    DT  B "C1'"  1 
ATOM   234 N  N1     . DT  A 1 8  ? 2.305   -4.809  -4.553  1.00 35.48 ? 8    DT  B N1     1 
ATOM   235 C  C2     . DT  A 1 8  ? 1.070   -4.392  -4.139  1.00 33.49 ? 8    DT  B C2     1 
ATOM   236 O  O2     . DT  A 1 8  ? 0.442   -4.975  -3.295  1.00 35.76 ? 8    DT  B O2     1 
ATOM   237 N  N3     . DT  A 1 8  ? 0.615   -3.236  -4.729  1.00 35.04 ? 8    DT  B N3     1 
ATOM   238 C  C4     . DT  A 1 8  ? 1.253   -2.481  -5.689  1.00 31.32 ? 8    DT  B C4     1 
ATOM   239 O  O4     . DT  A 1 8  ? 0.730   -1.487  -6.141  1.00 33.63 ? 8    DT  B O4     1 
ATOM   240 C  C5     . DT  A 1 8  ? 2.555   -2.967  -6.111  1.00 35.53 ? 8    DT  B C5     1 
ATOM   241 C  C7     . DT  A 1 8  ? 3.352   -2.196  -7.160  1.00 34.03 ? 8    DT  B C7     1 
ATOM   242 C  C6     . DT  A 1 8  ? 3.020   -4.082  -5.523  1.00 29.07 ? 8    DT  B C6     1 
ATOM   243 H  "H5'"  . DT  A 1 8  ? 5.635   -4.929  -1.689  1.00 45.36 ? 8    DT  B "H5'"  1 
ATOM   244 H  "H5''" . DT  A 1 8  ? 6.432   -6.314  -1.548  1.00 45.36 ? 8    DT  B "H5''" 1 
ATOM   245 H  "H4'"  . DT  A 1 8  ? 4.281   -6.994  -1.640  1.00 46.63 ? 8    DT  B "H4'"  1 
ATOM   246 H  "H3'"  . DT  A 1 8  ? 5.571   -7.672  -3.897  1.00 48.49 ? 8    DT  B "H3'"  1 
ATOM   247 H  "H2'"  . DT  A 1 8  ? 4.417   -6.289  -5.278  1.00 45.06 ? 8    DT  B "H2'"  1 
ATOM   248 H  "H2''" . DT  A 1 8  ? 3.375   -7.527  -5.269  1.00 45.06 ? 8    DT  B "H2''" 1 
ATOM   249 H  "H1'"  . DT  A 1 8  ? 2.128   -6.585  -3.572  1.00 43.09 ? 8    DT  B "H1'"  1 
ATOM   250 H  H3     . DT  A 1 8  ? -0.271  -2.924  -4.448  1.00 42.07 ? 8    DT  B H3     1 
ATOM   251 H  H71    . DT  A 1 8  ? 3.514   -2.772  -7.937  1.00 40.86 ? 8    DT  B H71    1 
ATOM   252 H  H72    . DT  A 1 8  ? 2.846   -1.405  -7.440  1.00 40.86 ? 8    DT  B H72    1 
ATOM   253 H  H73    . DT  A 1 8  ? 4.210   -1.916  -6.778  1.00 40.86 ? 8    DT  B H73    1 
ATOM   254 H  H6     . DT  A 1 8  ? 3.903   -4.413  -5.792  1.00 34.90 ? 8    DT  B H6     1 
ATOM   255 P  P      . DA  A 1 9  ? 4.843   -10.138 -3.371  1.00 37.22 ? 9    DA  B P      1 
ATOM   256 O  OP1    . DA  A 1 9  ? 3.961   -11.108 -2.655  1.00 44.76 ? 9    DA  B OP1    1 
ATOM   257 O  OP2    . DA  A 1 9  ? 6.263   -9.918  -2.999  1.00 38.10 ? 9    DA  B OP2    1 
ATOM   258 O  "O5'"  . DA  A 1 9  ? 4.763   -10.504 -4.927  1.00 34.80 ? 9    DA  B "O5'"  1 
ATOM   259 C  "C5'"  . DA  A 1 9  ? 3.594   -10.914 -5.641  1.00 35.66 ? 9    DA  B "C5'"  1 
ATOM   260 C  "C4'"  . DA  A 1 9  ? 3.880   -11.043 -7.135  1.00 34.57 ? 9    DA  B "C4'"  1 
ATOM   261 O  "O4'"  . DA  A 1 9  ? 4.260   -9.758  -7.734  1.00 34.25 ? 9    DA  B "O4'"  1 
ATOM   262 C  "C3'"  . DA  A 1 9  ? 5.049   -11.940 -7.515  1.00 41.01 ? 9    DA  B "C3'"  1 
ATOM   263 O  "O3'"  . DA  A 1 9  ? 4.747   -12.569 -8.717  1.00 39.42 ? 9    DA  B "O3'"  1 
ATOM   264 C  "C2'"  . DA  A 1 9  ? 6.239   -10.993 -7.729  1.00 39.69 ? 9    DA  B "C2'"  1 
ATOM   265 C  "C1'"  . DA  A 1 9  ? 5.589   -9.754  -8.326  1.00 35.17 ? 9    DA  B "C1'"  1 
ATOM   266 N  N9     . DA  A 1 9  ? 6.061   -8.466  -7.832  1.00 31.51 ? 9    DA  B N9     1 
ATOM   267 C  C8     . DA  A 1 9  ? 6.762   -8.293  -6.690  1.00 35.24 ? 9    DA  B C8     1 
ATOM   268 N  N7     . DA  A 1 9  ? 7.020   -7.036  -6.420  1.00 33.27 ? 9    DA  B N7     1 
ATOM   269 C  C5     . DA  A 1 9  ? 6.413   -6.336  -7.454  1.00 34.25 ? 9    DA  B C5     1 
ATOM   270 C  C6     . DA  A 1 9  ? 6.305   -4.945  -7.724  1.00 32.54 ? 9    DA  B C6     1 
ATOM   271 N  N6     . DA  A 1 9  ? 6.833   -4.073  -6.902  1.00 34.07 ? 9    DA  B N6     1 
ATOM   272 N  N1     . DA  A 1 9  ? 5.639   -4.549  -8.834  1.00 34.57 ? 9    DA  B N1     1 
ATOM   273 C  C2     . DA  A 1 9  ? 5.119   -5.476  -9.613  1.00 34.55 ? 9    DA  B C2     1 
ATOM   274 N  N3     . DA  A 1 9  ? 5.150   -6.820  -9.461  1.00 36.01 ? 9    DA  B N3     1 
ATOM   275 C  C4     . DA  A 1 9  ? 5.789   -7.190  -8.346  1.00 36.18 ? 9    DA  B C4     1 
ATOM   276 H  "H5'"  . DA  A 1 9  ? 2.885   -10.251 -5.505  1.00 42.82 ? 9    DA  B "H5'"  1 
ATOM   277 H  "H5''" . DA  A 1 9  ? 3.294   -11.780 -5.295  1.00 42.82 ? 9    DA  B "H5''" 1 
ATOM   278 H  "H4'"  . DA  A 1 9  ? 3.073   -11.373 -7.582  1.00 41.51 ? 9    DA  B "H4'"  1 
ATOM   279 H  "H3'"  . DA  A 1 9  ? 5.238   -12.593 -6.810  1.00 49.23 ? 9    DA  B "H3'"  1 
ATOM   280 H  "H2'"  . DA  A 1 9  ? 6.670   -10.781 -6.875  1.00 47.64 ? 9    DA  B "H2'"  1 
ATOM   281 H  "H2''" . DA  A 1 9  ? 6.883   -11.383 -8.357  1.00 47.64 ? 9    DA  B "H2''" 1 
ATOM   282 H  "H1'"  . DA  A 1 9  ? 5.550   -9.785  -9.305  1.00 42.22 ? 9    DA  B "H1'"  1 
ATOM   283 H  H8     . DA  A 1 9  ? 7.058   -9.035  -6.124  1.00 42.31 ? 9    DA  B H8     1 
ATOM   284 H  H61    . DA  A 1 9  ? 6.750   -3.114  -7.087  1.00 40.91 ? 9    DA  B H61    1 
ATOM   285 H  H62    . DA  A 1 9  ? 7.311   -4.379  -6.103  1.00 40.91 ? 9    DA  B H62    1 
ATOM   286 H  H2     . DA  A 1 9  ? 4.640   -5.147  -10.402 1.00 41.48 ? 9    DA  B H2     1 
ATOM   287 P  P      . DC  A 1 10 ? 3.696   -13.740 -8.928  1.00 43.27 ? 10   DC  B P      1 
ATOM   288 O  OP1    . DC  A 1 10 ? 3.770   -14.646 -7.768  1.00 50.38 ? 10   DC  B OP1    1 
ATOM   289 O  OP2    . DC  A 1 10 ? 3.818   -14.137 -10.342 1.00 47.34 ? 10   DC  B OP2    1 
ATOM   290 O  "O5'"  . DC  A 1 10 ? 2.306   -12.988 -8.842  1.00 42.63 ? 10   DC  B "O5'"  1 
ATOM   291 C  "C5'"  . DC  A 1 10 ? 1.054   -13.593 -8.968  1.00 38.67 ? 10   DC  B "C5'"  1 
ATOM   292 C  "C4'"  . DC  A 1 10 ? 0.276   -13.110 -7.771  1.00 37.89 ? 10   DC  B "C4'"  1 
ATOM   293 O  "O4'"  . DC  A 1 10 ? 0.529   -11.678 -7.517  1.00 30.84 ? 10   DC  B "O4'"  1 
ATOM   294 C  "C3'"  . DC  A 1 10 ? -1.205  -13.282 -8.008  1.00 35.02 ? 10   DC  B "C3'"  1 
ATOM   295 O  "O3'"  . DC  A 1 10 ? -1.798  -13.505 -6.744  1.00 38.25 ? 10   DC  B "O3'"  1 
ATOM   296 C  "C2'"  . DC  A 1 10 ? -1.612  -11.950 -8.648  1.00 41.04 ? 10   DC  B "C2'"  1 
ATOM   297 C  "C1'"  . DC  A 1 10 ? -0.566  -10.963 -8.109  1.00 32.88 ? 10   DC  B "C1'"  1 
ATOM   298 N  N1     . DC  A 1 10 ? -0.032  -9.999  -9.144  1.00 31.44 ? 10   DC  B N1     1 
ATOM   299 C  C2     . DC  A 1 10 ? -0.864  -8.951  -9.557  1.00 32.59 ? 10   DC  B C2     1 
ATOM   300 O  O2     . DC  A 1 10 ? -1.984  -8.917  -9.033  1.00 29.77 ? 10   DC  B O2     1 
ATOM   301 N  N3     . DC  A 1 10 ? -0.433  -8.058  -10.460 1.00 28.63 ? 10   DC  B N3     1 
ATOM   302 C  C4     . DC  A 1 10 ? 0.801   -8.151  -10.976 1.00 32.03 ? 10   DC  B C4     1 
ATOM   303 N  N4     . DC  A 1 10 ? 1.182   -7.204  -11.845 1.00 32.57 ? 10   DC  B N4     1 
ATOM   304 C  C5     . DC  A 1 10 ? 1.668   -9.231  -10.588 1.00 34.31 ? 10   DC  B C5     1 
ATOM   305 C  C6     . DC  A 1 10 ? 1.219   -10.113 -9.691  1.00 32.52 ? 10   DC  B C6     1 
ATOM   306 H  "H5'"  . DC  A 1 10 ? 1.144   -14.569 -8.945  1.00 46.42 ? 10   DC  B "H5'"  1 
ATOM   307 H  "H5''" . DC  A 1 10 ? 0.618   -13.307 -9.797  1.00 46.42 ? 10   DC  B "H5''" 1 
ATOM   308 H  "H4'"  . DC  A 1 10 ? 0.539   -13.629 -6.983  1.00 45.48 ? 10   DC  B "H4'"  1 
ATOM   309 H  "H3'"  . DC  A 1 10 ? -1.377  -14.031 -8.617  1.00 42.04 ? 10   DC  B "H3'"  1 
ATOM   310 H  "H2'"  . DC  A 1 10 ? -1.563  -12.007 -9.624  1.00 49.27 ? 10   DC  B "H2'"  1 
ATOM   311 H  "H2''" . DC  A 1 10 ? -2.512  -11.690 -8.360  1.00 49.27 ? 10   DC  B "H2''" 1 
ATOM   312 H  "H1'"  . DC  A 1 10 ? -0.992  -10.433 -7.403  1.00 39.47 ? 10   DC  B "H1'"  1 
ATOM   313 H  H41    . DC  A 1 10 ? 2.077   -7.237  -12.245 1.00 39.10 ? 10   DC  B H41    1 
ATOM   314 H  H42    . DC  A 1 10 ? 0.567   -6.479  -12.081 1.00 39.10 ? 10   DC  B H42    1 
ATOM   315 H  H5     . DC  A 1 10 ? 2.574   -9.306  -10.954 1.00 41.19 ? 10   DC  B H5     1 
ATOM   316 H  H6     . DC  A 1 10 ? 1.805   -10.841 -9.399  1.00 39.04 ? 10   DC  B H6     1 
ATOM   317 P  P      . DC  A 1 11 ? -2.225  -14.986 -6.249  1.00 42.87 ? 11   DC  B P      1 
ATOM   318 O  OP1    . DC  A 1 11 ? -2.577  -14.824 -4.819  1.00 44.14 ? 11   DC  B OP1    1 
ATOM   319 O  OP2    . DC  A 1 11 ? -1.228  -15.990 -6.699  1.00 43.91 ? 11   DC  B OP2    1 
ATOM   320 O  "O5'"  . DC  A 1 11 ? -3.604  -15.182 -7.026  1.00 39.67 ? 11   DC  B "O5'"  1 
ATOM   321 C  "C5'"  . DC  A 1 11 ? -4.725  -14.195 -6.855  1.00 33.20 ? 11   DC  B "C5'"  1 
ATOM   322 C  "C4'"  . DC  A 1 11 ? -5.425  -14.040 -8.188  1.00 31.98 ? 11   DC  B "C4'"  1 
ATOM   323 O  "O4'"  . DC  A 1 11 ? -4.563  -13.383 -9.136  1.00 35.29 ? 11   DC  B "O4'"  1 
ATOM   324 C  "C3'"  . DC  A 1 11 ? -5.780  -15.370 -8.876  1.00 39.50 ? 11   DC  B "C3'"  1 
ATOM   325 O  "O3'"  . DC  A 1 11 ? -7.117  -15.298 -9.366  1.00 45.29 ? 11   DC  B "O3'"  1 
ATOM   326 C  "C2'"  . DC  A 1 11 ? -4.837  -15.486 -10.074 1.00 40.74 ? 11   DC  B "C2'"  1 
ATOM   327 C  "C1'"  . DC  A 1 11 ? -4.625  -13.995 -10.410 1.00 33.98 ? 11   DC  B "C1'"  1 
ATOM   328 N  N1     . DC  A 1 11 ? -3.371  -13.578 -11.075 1.00 39.80 ? 11   DC  B N1     1 
ATOM   329 C  C2     . DC  A 1 11 ? -3.365  -12.262 -11.617 1.00 34.69 ? 11   DC  B C2     1 
ATOM   330 O  O2     . DC  A 1 11 ? -4.430  -11.609 -11.537 1.00 33.38 ? 11   DC  B O2     1 
ATOM   331 N  N3     . DC  A 1 11 ? -2.244  -11.788 -12.215 1.00 33.93 ? 11   DC  B N3     1 
ATOM   332 C  C4     . DC  A 1 11 ? -1.147  -12.552 -12.253 1.00 36.01 ? 11   DC  B C4     1 
ATOM   333 N  N4     . DC  A 1 11 ? -0.081  -12.000 -12.843 1.00 39.14 ? 11   DC  B N4     1 
ATOM   334 C  C5     . DC  A 1 11 ? -1.117  -13.881 -11.692 1.00 36.95 ? 11   DC  B C5     1 
ATOM   335 C  C6     . DC  A 1 11 ? -2.236  -14.351 -11.103 1.00 38.79 ? 11   DC  B C6     1 
ATOM   336 H  "H5'"  . DC  A 1 11 ? -4.365  -13.331 -6.567  1.00 39.86 ? 11   DC  B "H5'"  1 
ATOM   337 H  "H5''" . DC  A 1 11 ? -5.359  -14.529 -6.186  1.00 39.86 ? 11   DC  B "H5''" 1 
ATOM   338 H  "H4'"  . DC  A 1 11 ? -6.240  -13.509 -8.068  1.00 38.40 ? 11   DC  B "H4'"  1 
ATOM   339 H  "H3'"  . DC  A 1 11 ? -5.666  -16.127 -8.262  1.00 47.42 ? 11   DC  B "H3'"  1 
ATOM   340 H  "H2'"  . DC  A 1 11 ? -3.993  -15.914 -9.820  1.00 48.91 ? 11   DC  B "H2'"  1 
ATOM   341 H  "H2''" . DC  A 1 11 ? -5.268  -15.958 -10.818 1.00 48.91 ? 11   DC  B "H2''" 1 
ATOM   342 H  "H1'"  . DC  A 1 11 ? -5.397  -13.650 -10.905 1.00 40.79 ? 11   DC  B "H1'"  1 
ATOM   343 H  H41    . DC  A 1 11 ? 0.759   -12.502 -12.906 1.00 46.99 ? 11   DC  B H41    1 
ATOM   344 H  H42    . DC  A 1 11 ? -0.139  -11.094 -13.212 1.00 46.99 ? 11   DC  B H42    1 
ATOM   345 H  H5     . DC  A 1 11 ? -0.304  -14.425 -11.732 1.00 44.36 ? 11   DC  B H5     1 
ATOM   346 H  H6     . DC  A 1 11 ? -2.243  -15.248 -10.710 1.00 46.57 ? 11   DC  B H6     1 
ATOM   347 P  P      . DG  A 1 12 ? -8.333  -15.954 -8.577  1.00 40.63 ? 12   DG  B P      1 
ATOM   348 O  OP1    . DG  A 1 12 ? -8.203  -15.742 -7.128  1.00 45.27 ? 12   DG  B OP1    1 
ATOM   349 O  OP2    . DG  A 1 12 ? -8.472  -17.318 -9.124  1.00 45.26 ? 12   DG  B OP2    1 
ATOM   350 O  "O5'"  . DG  A 1 12 ? -9.560  -15.187 -9.251  1.00 42.18 ? 12   DG  B "O5'"  1 
ATOM   351 C  "C5'"  . DG  A 1 12 ? -9.720  -13.800 -8.861  1.00 35.02 ? 12   DG  B "C5'"  1 
ATOM   352 C  "C4'"  . DG  A 1 12 ? -10.377 -13.042 -9.987  1.00 30.58 ? 12   DG  B "C4'"  1 
ATOM   353 O  "O4'"  . DG  A 1 12 ? -9.412  -12.841 -11.042 1.00 34.66 ? 12   DG  B "O4'"  1 
ATOM   354 C  "C3'"  . DG  A 1 12 ? -11.537 -13.728 -10.687 1.00 33.57 ? 12   DG  B "C3'"  1 
ATOM   355 O  "O3'"  . DG  A 1 12 ? -12.439 -12.744 -11.120 1.00 34.39 ? 12   DG  B "O3'"  1 
ATOM   356 C  "C2'"  . DG  A 1 12 ? -10.920 -14.430 -11.896 1.00 43.75 ? 12   DG  B "C2'"  1 
ATOM   357 C  "C1'"  . DG  A 1 12 ? -9.813  -13.462 -12.266 1.00 39.21 ? 12   DG  B "C1'"  1 
ATOM   358 N  N9     . DG  A 1 12 ? -8.518  -13.977 -12.632 1.00 37.14 ? 12   DG  B N9     1 
ATOM   359 C  C8     . DG  A 1 12 ? -7.918  -15.157 -12.263 1.00 42.98 ? 12   DG  B C8     1 
ATOM   360 N  N7     . DG  A 1 12 ? -6.688  -15.276 -12.697 1.00 45.01 ? 12   DG  B N7     1 
ATOM   361 C  C5     . DG  A 1 12 ? -6.472  -14.069 -13.370 1.00 39.57 ? 12   DG  B C5     1 
ATOM   362 C  C6     . DG  A 1 12 ? -5.332  -13.580 -14.052 1.00 42.68 ? 12   DG  B C6     1 
ATOM   363 O  O6     . DG  A 1 12 ? -4.229  -14.149 -14.178 1.00 40.16 ? 12   DG  B O6     1 
ATOM   364 N  N1     . DG  A 1 12 ? -5.543  -12.299 -14.572 1.00 47.33 ? 12   DG  B N1     1 
ATOM   365 C  C2     . DG  A 1 12 ? -6.713  -11.570 -14.457 1.00 42.17 ? 12   DG  B C2     1 
ATOM   366 N  N2     . DG  A 1 12 ? -6.741  -10.358 -15.028 1.00 38.03 ? 12   DG  B N2     1 
ATOM   367 N  N3     . DG  A 1 12 ? -7.781  -12.023 -13.832 1.00 41.49 ? 12   DG  B N3     1 
ATOM   368 C  C4     . DG  A 1 12 ? -7.583  -13.255 -13.314 1.00 43.04 ? 12   DG  B C4     1 
ATOM   369 H  "H5'"  . DG  A 1 12 ? -8.841  -13.409 -8.671  1.00 42.04 ? 12   DG  B "H5'"  1 
ATOM   370 H  "H5''" . DG  A 1 12 ? -10.281 -13.748 -8.058  1.00 42.04 ? 12   DG  B "H5''" 1 
ATOM   371 H  "H4'"  . DG  A 1 12 ? -10.675 -12.169 -9.655  1.00 36.72 ? 12   DG  B "H4'"  1 
ATOM   372 H  "H3'"  . DG  A 1 12 ? -11.976 -14.371 -10.092 1.00 40.31 ? 12   DG  B "H3'"  1 
ATOM   373 H  "HO3'" . DG  A 1 12 ? -12.646 -12.655 -12.073 1.00 41.29 ? 12   DG  B "HO3'" 1 
ATOM   374 H  "H2'"  . DG  A 1 12 ? -10.555 -15.303 -11.645 1.00 52.52 ? 12   DG  B "H2'"  1 
ATOM   375 H  "H2''" . DG  A 1 12 ? -11.572 -14.513 -12.624 1.00 52.52 ? 12   DG  B "H2''" 1 
ATOM   376 H  "H1'"  . DG  A 1 12 ? -10.123 -12.792 -12.910 1.00 47.07 ? 12   DG  B "H1'"  1 
ATOM   377 H  H8     . DG  A 1 12 ? -8.374  -15.854 -11.747 1.00 51.60 ? 12   DG  B H8     1 
ATOM   378 H  H1     . DG  A 1 12 ? -4.803  -11.886 -15.066 1.00 56.82 ? 12   DG  B H1     1 
ATOM   379 H  H21    . DG  A 1 12 ? -7.553  -9.812  -14.979 1.00 45.65 ? 12   DG  B H21    1 
ATOM   380 H  H22    . DG  A 1 12 ? -5.949  -10.017 -15.493 1.00 45.65 ? 12   DG  B H22    1 
ATOM   381 O  "O5'"  . DC  B 1 1  ? 1.003   -6.327  -18.135 1.00 64.47 ? 1    DC  A "O5'"  1 
ATOM   382 C  "C5'"  . DC  B 1 1  ? 0.189   -7.390  -18.571 1.00 70.65 ? 1    DC  A "C5'"  1 
ATOM   383 C  "C4'"  . DC  B 1 1  ? -1.113  -6.911  -19.195 1.00 62.53 ? 1    DC  A "C4'"  1 
ATOM   384 O  "O4'"  . DC  B 1 1  ? -2.044  -8.023  -19.295 1.00 62.80 ? 1    DC  A "O4'"  1 
ATOM   385 C  "C3'"  . DC  B 1 1  ? -1.900  -5.917  -18.369 1.00 48.59 ? 1    DC  A "C3'"  1 
ATOM   386 O  "O3'"  . DC  B 1 1  ? -2.931  -5.345  -19.176 1.00 50.58 ? 1    DC  A "O3'"  1 
ATOM   387 C  "C2'"  . DC  B 1 1  ? -2.428  -6.862  -17.295 1.00 44.58 ? 1    DC  A "C2'"  1 
ATOM   388 C  "C1'"  . DC  B 1 1  ? -2.798  -8.104  -18.097 1.00 45.35 ? 1    DC  A "C1'"  1 
ATOM   389 N  N1     . DC  B 1 1  ? -2.488  -9.388  -17.367 1.00 44.62 ? 1    DC  A N1     1 
ATOM   390 C  C2     . DC  B 1 1  ? -3.481  -9.943  -16.550 1.00 40.73 ? 1    DC  A C2     1 
ATOM   391 O  O2     . DC  B 1 1  ? -4.553  -9.328  -16.508 1.00 43.41 ? 1    DC  A O2     1 
ATOM   392 N  N3     . DC  B 1 1  ? -3.214  -11.094 -15.877 1.00 43.33 ? 1    DC  A N3     1 
ATOM   393 C  C4     . DC  B 1 1  ? -2.019  -11.681 -16.010 1.00 38.85 ? 1    DC  A C4     1 
ATOM   394 N  N4     . DC  B 1 1  ? -1.742  -12.814 -15.365 1.00 40.51 ? 1    DC  A N4     1 
ATOM   395 C  C5     . DC  B 1 1  ? -0.996  -11.120 -16.826 1.00 43.15 ? 1    DC  A C5     1 
ATOM   396 C  C6     . DC  B 1 1  ? -1.260  -9.991  -17.475 1.00 43.49 ? 1    DC  A C6     1 
ATOM   397 H  "H5'"  . DC  B 1 1  ? -0.021  -7.964  -17.804 1.00 84.80 ? 1    DC  A "H5'"  1 
ATOM   398 H  "H5''" . DC  B 1 1  ? 0.683   -7.917  -19.234 1.00 84.80 ? 1    DC  A "H5''" 1 
ATOM   399 H  "H4'"  . DC  B 1 1  ? -0.940  -6.541  -20.086 1.00 75.06 ? 1    DC  A "H4'"  1 
ATOM   400 H  "H3'"  . DC  B 1 1  ? -1.316  -5.230  -17.985 1.00 58.33 ? 1    DC  A "H3'"  1 
ATOM   401 H  "H2'"  . DC  B 1 1  ? -1.729  -7.068  -16.640 1.00 53.52 ? 1    DC  A "H2'"  1 
ATOM   402 H  "H2''" . DC  B 1 1  ? -3.218  -6.483  -16.857 1.00 53.52 ? 1    DC  A "H2''" 1 
ATOM   403 H  "H1'"  . DC  B 1 1  ? -3.754  -8.076  -18.314 1.00 54.44 ? 1    DC  A "H1'"  1 
ATOM   404 H  H41    . DC  B 1 1  ? -0.863  -13.235 -15.469 1.00 48.63 ? 1    DC  A H41    1 
ATOM   405 H  H42    . DC  B 1 1  ? -2.417  -13.225 -14.787 1.00 48.63 ? 1    DC  A H42    1 
ATOM   406 H  H5     . DC  B 1 1  ? -0.122  -11.556 -16.911 1.00 51.80 ? 1    DC  A H5     1 
ATOM   407 H  H6     . DC  B 1 1  ? -0.574  -9.591  -18.049 1.00 52.21 ? 1    DC  A H6     1 
ATOM   408 H  "HO5'" . DC  B 1 1  ? 1.898   -6.510  -17.778 1.00 77.39 ? 1    DC  A "HO5'" 1 
ATOM   409 P  P      . DG  B 1 2  ? -3.005  -3.765  -19.423 1.00 51.75 ? 2    DG  A P      1 
ATOM   410 O  OP1    . DG  B 1 2  ? -4.020  -3.559  -20.475 1.00 56.86 ? 2    DG  A OP1    1 
ATOM   411 O  OP2    . DG  B 1 2  ? -1.641  -3.221  -19.595 1.00 55.23 ? 2    DG  A OP2    1 
ATOM   412 O  "O5'"  . DG  B 1 2  ? -3.525  -3.145  -18.041 1.00 49.62 ? 2    DG  A "O5'"  1 
ATOM   413 C  "C5'"  . DG  B 1 2  ? -4.830  -3.271  -17.505 1.00 44.01 ? 2    DG  A "C5'"  1 
ATOM   414 C  "C4'"  . DG  B 1 2  ? -4.678  -3.279  -15.993 1.00 42.36 ? 2    DG  A "C4'"  1 
ATOM   415 O  "O4'"  . DG  B 1 2  ? -4.086  -4.548  -15.574 1.00 36.89 ? 2    DG  A "O4'"  1 
ATOM   416 C  "C3'"  . DG  B 1 2  ? -3.819  -2.164  -15.366 1.00 36.69 ? 2    DG  A "C3'"  1 
ATOM   417 O  "O3'"  . DG  B 1 2  ? -4.590  -1.610  -14.308 1.00 40.45 ? 2    DG  A "O3'"  1 
ATOM   418 C  "C2'"  . DG  B 1 2  ? -2.614  -2.856  -14.757 1.00 35.44 ? 2    DG  A "C2'"  1 
ATOM   419 C  "C1'"  . DG  B 1 2  ? -3.210  -4.248  -14.509 1.00 34.94 ? 2    DG  A "C1'"  1 
ATOM   420 N  N9     . DG  B 1 2  ? -2.227  -5.331  -14.474 1.00 30.85 ? 2    DG  A N9     1 
ATOM   421 C  C8     . DG  B 1 2  ? -0.933  -5.295  -14.966 1.00 40.30 ? 2    DG  A C8     1 
ATOM   422 N  N7     . DG  B 1 2  ? -0.309  -6.424  -14.799 1.00 38.27 ? 2    DG  A N7     1 
ATOM   423 C  C5     . DG  B 1 2  ? -1.224  -7.272  -14.179 1.00 36.02 ? 2    DG  A C5     1 
ATOM   424 C  C6     . DG  B 1 2  ? -1.103  -8.611  -13.761 1.00 32.06 ? 2    DG  A C6     1 
ATOM   425 O  O6     . DG  B 1 2  ? -0.133  -9.369  -13.868 1.00 30.93 ? 2    DG  A O6     1 
ATOM   426 N  N1     . DG  B 1 2  ? -2.281  -9.077  -13.173 1.00 37.99 ? 2    DG  A N1     1 
ATOM   427 C  C2     . DG  B 1 2  ? -3.444  -8.341  -13.026 1.00 36.41 ? 2    DG  A C2     1 
ATOM   428 N  N2     . DG  B 1 2  ? -4.480  -8.952  -12.432 1.00 33.57 ? 2    DG  A N2     1 
ATOM   429 N  N3     . DG  B 1 2  ? -3.565  -7.081  -13.410 1.00 30.93 ? 2    DG  A N3     1 
ATOM   430 C  C4     . DG  B 1 2  ? -2.421  -6.615  -13.972 1.00 34.13 ? 2    DG  A C4     1 
ATOM   431 H  "H5'"  . DG  B 1 2  ? -5.238  -4.109  -17.806 1.00 52.83 ? 2    DG  A "H5'"  1 
ATOM   432 H  "H5''" . DG  B 1 2  ? -5.383  -2.509  -17.782 1.00 52.83 ? 2    DG  A "H5''" 1 
ATOM   433 H  "H4'"  . DG  B 1 2  ? -5.575  -3.221  -15.601 1.00 50.85 ? 2    DG  A "H4'"  1 
ATOM   434 H  "H3'"  . DG  B 1 2  ? -3.559  -1.487  -16.025 1.00 44.05 ? 2    DG  A "H3'"  1 
ATOM   435 H  "H2'"  . DG  B 1 2  ? -1.869  -2.898  -15.393 1.00 42.55 ? 2    DG  A "H2'"  1 
ATOM   436 H  "H2''" . DG  B 1 2  ? -2.346  -2.430  -13.916 1.00 42.55 ? 2    DG  A "H2''" 1 
ATOM   437 H  "H1'"  . DG  B 1 2  ? -3.714  -4.240  -13.668 1.00 41.95 ? 2    DG  A "H1'"  1 
ATOM   438 H  H8     . DG  B 1 2  ? -0.529  -4.503  -15.378 1.00 48.38 ? 2    DG  A H8     1 
ATOM   439 H  H1     . DG  B 1 2  ? -2.294  -10.006 -12.861 1.00 45.61 ? 2    DG  A H1     1 
ATOM   440 H  H21    . DG  B 1 2  ? -5.319  -8.466  -12.288 1.00 40.30 ? 2    DG  A H21    1 
ATOM   441 H  H22    . DG  B 1 2  ? -4.399  -9.886  -12.144 1.00 40.30 ? 2    DG  A H22    1 
ATOM   442 P  P      . DG  B 1 3  ? -5.112  -0.112  -14.427 1.00 42.56 ? 3    DG  A P      1 
ATOM   443 O  OP1    . DG  B 1 3  ? -6.024  -0.112  -15.592 1.00 46.16 ? 3    DG  A OP1    1 
ATOM   444 O  OP2    . DG  B 1 3  ? -3.940  0.814   -14.407 1.00 51.54 ? 3    DG  A OP2    1 
ATOM   445 O  "O5'"  . DG  B 1 3  ? -5.856  0.050   -13.030 1.00 42.33 ? 3    DG  A "O5'"  1 
ATOM   446 C  "C5'"  . DG  B 1 3  ? -7.094  -0.599  -12.817 1.00 40.61 ? 3    DG  A "C5'"  1 
ATOM   447 C  "C4'"  . DG  B 1 3  ? -7.242  -0.996  -11.362 1.00 41.28 ? 3    DG  A "C4'"  1 
ATOM   448 O  "O4'"  . DG  B 1 3  ? -6.284  -2.091  -11.139 1.00 33.69 ? 3    DG  A "O4'"  1 
ATOM   449 C  "C3'"  . DG  B 1 3  ? -6.893  0.012   -10.277 1.00 42.42 ? 3    DG  A "C3'"  1 
ATOM   450 O  "O3'"  . DG  B 1 3  ? -7.506  -0.349  -9.115  1.00 44.40 ? 3    DG  A "O3'"  1 
ATOM   451 C  "C2'"  . DG  B 1 3  ? -5.421  -0.225  -9.987  1.00 36.97 ? 3    DG  A "C2'"  1 
ATOM   452 C  "C1'"  . DG  B 1 3  ? -5.325  -1.752  -10.160 1.00 32.93 ? 3    DG  A "C1'"  1 
ATOM   453 N  N9     . DG  B 1 3  ? -4.026  -2.211  -10.634 1.00 35.44 ? 3    DG  A N9     1 
ATOM   454 C  C8     . DG  B 1 3  ? -3.064  -1.474  -11.326 1.00 37.11 ? 3    DG  A C8     1 
ATOM   455 N  N7     . DG  B 1 3  ? -1.991  -2.161  -11.638 1.00 36.05 ? 3    DG  A N7     1 
ATOM   456 C  C5     . DG  B 1 3  ? -2.268  -3.429  -11.133 1.00 37.07 ? 3    DG  A C5     1 
ATOM   457 C  C6     . DG  B 1 3  ? -1.481  -4.594  -11.173 1.00 30.15 ? 3    DG  A C6     1 
ATOM   458 O  O6     . DG  B 1 3  ? -0.365  -4.718  -11.709 1.00 29.53 ? 3    DG  A O6     1 
ATOM   459 N  N1     . DG  B 1 3  ? -2.106  -5.672  -10.544 1.00 29.95 ? 3    DG  A N1     1 
ATOM   460 C  C2     . DG  B 1 3  ? -3.355  -5.628  -9.949  1.00 34.68 ? 3    DG  A C2     1 
ATOM   461 N  N2     . DG  B 1 3  ? -3.837  -6.737  -9.388  1.00 31.06 ? 3    DG  A N2     1 
ATOM   462 N  N3     . DG  B 1 3  ? -4.104  -4.537  -9.898  1.00 32.09 ? 3    DG  A N3     1 
ATOM   463 C  C4     . DG  B 1 3  ? -3.503  -3.476  -10.514 1.00 31.94 ? 3    DG  A C4     1 
ATOM   464 H  "H5'"  . DG  B 1 3  ? -7.139  -1.401  -13.377 1.00 48.75 ? 3    DG  A "H5'"  1 
ATOM   465 H  "H5''" . DG  B 1 3  ? -7.823  0.009   -13.062 1.00 48.75 ? 3    DG  A "H5''" 1 
ATOM   466 H  "H4'"  . DG  B 1 3  ? -8.151  -1.329  -11.211 1.00 49.56 ? 3    DG  A "H4'"  1 
ATOM   467 H  "H3'"  . DG  B 1 3  ? -7.083  0.937   -10.538 1.00 50.92 ? 3    DG  A "H3'"  1 
ATOM   468 H  "H2'"  . DG  B 1 3  ? -4.855  0.239   -10.638 1.00 44.38 ? 3    DG  A "H2'"  1 
ATOM   469 H  "H2''" . DG  B 1 3  ? -5.197  0.040   -9.070  1.00 44.38 ? 3    DG  A "H2''" 1 
ATOM   470 H  "H1'"  . DG  B 1 3  ? -5.546  -2.195  -9.315  1.00 39.53 ? 3    DG  A "H1'"  1 
ATOM   471 H  H8     . DG  B 1 3  ? -3.178  -0.528  -11.554 1.00 44.56 ? 3    DG  A H8     1 
ATOM   472 H  H1     . DG  B 1 3  ? -1.628  -6.527  -10.530 1.00 35.96 ? 3    DG  A H1     1 
ATOM   473 H  H21    . DG  B 1 3  ? -4.716  -6.726  -8.957  1.00 37.29 ? 3    DG  A H21    1 
ATOM   474 H  H22    . DG  B 1 3  ? -3.310  -7.564  -9.406  1.00 37.29 ? 3    DG  A H22    1 
ATOM   475 P  P      . DA  B 1 4  ? -8.672  0.488   -8.448  1.00 45.86 ? 4    DA  A P      1 
ATOM   476 O  OP1    . DA  B 1 4  ? -9.593  0.848   -9.555  1.00 43.35 ? 4    DA  A OP1    1 
ATOM   477 O  OP2    . DA  B 1 4  ? -8.139  1.434   -7.442  1.00 42.82 ? 4    DA  A OP2    1 
ATOM   478 O  "O5'"  . DA  B 1 4  ? -9.306  -0.653  -7.547  1.00 39.56 ? 4    DA  A "O5'"  1 
ATOM   479 C  "C5'"  . DA  B 1 4  ? -9.769  -1.843  -8.199  1.00 36.98 ? 4    DA  A "C5'"  1 
ATOM   480 C  "C4'"  . DA  B 1 4  ? -10.651 -2.583  -7.185  1.00 34.23 ? 4    DA  A "C4'"  1 
ATOM   481 O  "O4'"  . DA  B 1 4  ? -11.256 -3.783  -7.750  1.00 36.83 ? 4    DA  A "O4'"  1 
ATOM   482 C  "C3'"  . DA  B 1 4  ? -10.035 -3.069  -5.877  1.00 33.12 ? 4    DA  A "C3'"  1 
ATOM   483 O  "O3'"  . DA  B 1 4  ? -11.026 -3.092  -4.855  1.00 39.50 ? 4    DA  A "O3'"  1 
ATOM   484 C  "C2'"  . DA  B 1 4  ? -9.717  -4.559  -6.129  1.00 32.58 ? 4    DA  A "C2'"  1 
ATOM   485 C  "C1'"  . DA  B 1 4  ? -10.975 -4.915  -6.916  1.00 36.06 ? 4    DA  A "C1'"  1 
ATOM   486 N  N9     . DA  B 1 4  ? -10.950 -6.014  -7.879  1.00 31.62 ? 4    DA  A N9     1 
ATOM   487 C  C8     . DA  B 1 4  ? -10.185 -6.025  -8.993  1.00 31.09 ? 4    DA  A C8     1 
ATOM   488 N  N7     . DA  B 1 4  ? -10.384 -7.080  -9.763  1.00 29.52 ? 4    DA  A N7     1 
ATOM   489 C  C5     . DA  B 1 4  ? -11.354 -7.804  -9.085  1.00 34.50 ? 4    DA  A C5     1 
ATOM   490 C  C6     . DA  B 1 4  ? -12.007 -9.043  -9.358  1.00 30.11 ? 4    DA  A C6     1 
ATOM   491 N  N6     . DA  B 1 4  ? -11.705 -9.732  -10.445 1.00 35.83 ? 4    DA  A N6     1 
ATOM   492 N  N1     . DA  B 1 4  ? -12.937 -9.460  -8.473  1.00 30.79 ? 4    DA  A N1     1 
ATOM   493 C  C2     . DA  B 1 4  ? -13.193 -8.747  -7.402  1.00 37.72 ? 4    DA  A C2     1 
ATOM   494 N  N3     . DA  B 1 4  ? -12.628 -7.585  -7.042  1.00 35.16 ? 4    DA  A N3     1 
ATOM   495 C  C4     . DA  B 1 4  ? -11.732 -7.169  -7.925  1.00 35.04 ? 4    DA  A C4     1 
ATOM   496 H  "H5'"  . DA  B 1 4  ? -9.007  -2.405  -8.455  1.00 44.40 ? 4    DA  A "H5'"  1 
ATOM   497 H  "H5''" . DA  B 1 4  ? -10.294 -1.608  -8.993  1.00 44.40 ? 4    DA  A "H5''" 1 
ATOM   498 H  "H4'"  . DA  B 1 4  ? -11.382 -1.976  -6.949  1.00 41.09 ? 4    DA  A "H4'"  1 
ATOM   499 H  "H3'"  . DA  B 1 4  ? -9.240  -2.556  -5.621  1.00 39.77 ? 4    DA  A "H3'"  1 
ATOM   500 H  "H2'"  . DA  B 1 4  ? -8.910  -4.667  -6.675  1.00 39.11 ? 4    DA  A "H2'"  1 
ATOM   501 H  "H2''" . DA  B 1 4  ? -9.663  -5.063  -5.291  1.00 39.11 ? 4    DA  A "H2''" 1 
ATOM   502 H  "H1'"  . DA  B 1 4  ? -11.719 -5.048  -6.293  1.00 43.29 ? 4    DA  A "H1'"  1 
ATOM   503 H  H8     . DA  B 1 4  ? -9.554  -5.310  -9.217  1.00 37.33 ? 4    DA  A H8     1 
ATOM   504 H  H61    . DA  B 1 4  ? -12.164 -10.579 -10.632 1.00 43.01 ? 4    DA  A H61    1 
ATOM   505 H  H62    . DA  B 1 4  ? -11.023 -9.398  -11.064 1.00 43.01 ? 4    DA  A H62    1 
ATOM   506 H  H2     . DA  B 1 4  ? -13.871 -9.107  -6.794  1.00 45.29 ? 4    DA  A H2     1 
ATOM   507 P  P      . DA  B 1 5  ? -11.053 -1.939  -3.747  1.00 42.75 ? 5    DA  A P      1 
ATOM   508 O  OP1    . DA  B 1 5  ? -12.242 -2.265  -2.914  1.00 42.56 ? 5    DA  A OP1    1 
ATOM   509 O  OP2    . DA  B 1 5  ? -10.939 -0.659  -4.464  1.00 41.85 ? 5    DA  A OP2    1 
ATOM   510 O  "O5'"  . DA  B 1 5  ? -9.765  -2.157  -2.833  1.00 37.06 ? 5    DA  A "O5'"  1 
ATOM   511 C  "C5'"  . DA  B 1 5  ? -9.413  -3.392  -2.210  1.00 34.09 ? 5    DA  A "C5'"  1 
ATOM   512 C  "C4'"  . DA  B 1 5  ? -8.281  -3.201  -1.235  1.00 39.48 ? 5    DA  A "C4'"  1 
ATOM   513 O  "O4'"  . DA  B 1 5  ? -7.082  -3.018  -2.023  1.00 37.32 ? 5    DA  A "O4'"  1 
ATOM   514 C  "C3'"  . DA  B 1 5  ? -8.336  -1.973  -0.317  1.00 39.93 ? 5    DA  A "C3'"  1 
ATOM   515 O  "O3'"  . DA  B 1 5  ? -7.743  -2.385  0.890   1.00 46.85 ? 5    DA  A "O3'"  1 
ATOM   516 C  "C2'"  . DA  B 1 5  ? -7.453  -0.956  -1.046  1.00 42.22 ? 5    DA  A "C2'"  1 
ATOM   517 C  "C1'"  . DA  B 1 5  ? -6.358  -1.893  -1.532  1.00 39.50 ? 5    DA  A "C1'"  1 
ATOM   518 N  N9     . DA  B 1 5  ? -5.530  -1.341  -2.591  1.00 39.69 ? 5    DA  A N9     1 
ATOM   519 C  C8     . DA  B 1 5  ? -5.821  -0.391  -3.526  1.00 40.53 ? 5    DA  A C8     1 
ATOM   520 N  N7     . DA  B 1 5  ? -4.836  -0.130  -4.363  1.00 40.79 ? 5    DA  A N7     1 
ATOM   521 C  C5     . DA  B 1 5  ? -3.847  -0.996  -3.965  1.00 34.51 ? 5    DA  A C5     1 
ATOM   522 C  C6     . DA  B 1 5  ? -2.535  -1.224  -4.433  1.00 32.04 ? 5    DA  A C6     1 
ATOM   523 N  N6     . DA  B 1 5  ? -2.017  -0.588  -5.501  1.00 35.67 ? 5    DA  A N6     1 
ATOM   524 N  N1     . DA  B 1 5  ? -1.871  -2.172  -3.783  1.00 36.92 ? 5    DA  A N1     1 
ATOM   525 C  C2     . DA  B 1 5  ? -2.357  -2.847  -2.752  1.00 39.83 ? 5    DA  A C2     1 
ATOM   526 N  N3     . DA  B 1 5  ? -3.556  -2.710  -2.202  1.00 38.60 ? 5    DA  A N3     1 
ATOM   527 C  C4     . DA  B 1 5  ? -4.234  -1.779  -2.881  1.00 34.70 ? 5    DA  A C4     1 
ATOM   528 H  "H5'"  . DA  B 1 5  ? -9.139  -4.033  -2.899  1.00 40.92 ? 5    DA  A "H5'"  1 
ATOM   529 H  "H5''" . DA  B 1 5  ? -10.192 -3.745  -1.733  1.00 40.92 ? 5    DA  A "H5''" 1 
ATOM   530 H  "H4'"  . DA  B 1 5  ? -8.187  -4.009  -0.688  1.00 47.40 ? 5    DA  A "H4'"  1 
ATOM   531 H  "H3'"  . DA  B 1 5  ? -9.253  -1.649  -0.191  1.00 47.94 ? 5    DA  A "H3'"  1 
ATOM   532 H  "H2'"  . DA  B 1 5  ? -7.929  -0.543  -1.797  1.00 50.68 ? 5    DA  A "H2'"  1 
ATOM   533 H  "H2''" . DA  B 1 5  ? -7.098  -0.283  -0.428  1.00 50.68 ? 5    DA  A "H2''" 1 
ATOM   534 H  "H1'"  . DA  B 1 5  ? -5.796  -2.165  -0.777  1.00 47.42 ? 5    DA  A "H1'"  1 
ATOM   535 H  H8     . DA  B 1 5  ? -6.680  0.082   -3.552  1.00 48.66 ? 5    DA  A H8     1 
ATOM   536 H  H61    . DA  B 1 5  ? -1.122  -0.821  -5.824  1.00 42.82 ? 5    DA  A H61    1 
ATOM   537 H  H62    . DA  B 1 5  ? -2.537  0.107   -5.958  1.00 42.82 ? 5    DA  A H62    1 
ATOM   538 H  H2     . DA  B 1 5  ? -1.761  -3.508  -2.343  1.00 47.82 ? 5    DA  A H2     1 
ATOM   539 P  P      . DA  B 1 6  ? -8.624  -2.622  2.192   1.00 50.37 ? 6    DA  A P      1 
ATOM   540 O  OP1    . DA  B 1 6  ? -9.746  -3.563  1.916   1.00 53.73 ? 6    DA  A OP1    1 
ATOM   541 O  OP2    . DA  B 1 6  ? -8.990  -1.312  2.743   1.00 48.39 ? 6    DA  A OP2    1 
ATOM   542 O  "O5'"  . DA  B 1 6  ? -7.555  -3.320  3.160   1.00 48.23 ? 6    DA  A "O5'"  1 
ATOM   543 C  "C5'"  . DA  B 1 6  ? -7.131  -4.644  3.010   1.00 48.59 ? 6    DA  A "C5'"  1 
ATOM   544 C  "C4'"  . DA  B 1 6  ? -5.686  -4.795  3.465   1.00 54.82 ? 6    DA  A "C4'"  1 
ATOM   545 O  "O4'"  . DA  B 1 6  ? -4.694  -4.162  2.607   1.00 45.24 ? 6    DA  A "O4'"  1 
ATOM   546 C  "C3'"  . DA  B 1 6  ? -5.440  -4.233  4.855   1.00 50.45 ? 6    DA  A "C3'"  1 
ATOM   547 O  "O3'"  . DA  B 1 6  ? -4.657  -5.278  5.482   1.00 48.84 ? 6    DA  A "O3'"  1 
ATOM   548 C  "C2'"  . DA  B 1 6  ? -4.736  -2.889  4.604   1.00 43.99 ? 6    DA  A "C2'"  1 
ATOM   549 C  "C1'"  . DA  B 1 6  ? -3.939  -3.176  3.337   1.00 48.77 ? 6    DA  A "C1'"  1 
ATOM   550 N  N9     . DA  B 1 6  ? -3.799  -2.124  2.335   1.00 40.73 ? 6    DA  A N9     1 
ATOM   551 C  C8     . DA  B 1 6  ? -4.725  -1.216  1.928   1.00 39.46 ? 6    DA  A C8     1 
ATOM   552 N  N7     . DA  B 1 6  ? -4.326  -0.448  0.945   1.00 46.06 ? 6    DA  A N7     1 
ATOM   553 C  C5     . DA  B 1 6  ? -3.051  -0.905  0.663   1.00 38.56 ? 6    DA  A C5     1 
ATOM   554 C  C6     . DA  B 1 6  ? -2.091  -0.485  -0.290  1.00 36.59 ? 6    DA  A C6     1 
ATOM   555 N  N6     . DA  B 1 6  ? -2.360  0.503   -1.137  1.00 39.90 ? 6    DA  A N6     1 
ATOM   556 N  N1     . DA  B 1 6  ? -0.929  -1.169  -0.302  1.00 35.45 ? 6    DA  A N1     1 
ATOM   557 C  C2     . DA  B 1 6  ? -0.709  -2.156  0.568   1.00 34.32 ? 6    DA  A C2     1 
ATOM   558 N  N3     . DA  B 1 6  ? -1.551  -2.643  1.502   1.00 39.29 ? 6    DA  A N3     1 
ATOM   559 C  C4     . DA  B 1 6  ? -2.703  -1.960  1.493   1.00 41.36 ? 6    DA  A C4     1 
ATOM   560 H  "H5'"  . DA  B 1 6  ? -7.202  -4.902  2.067   1.00 58.33 ? 6    DA  A "H5'"  1 
ATOM   561 H  "H5''" . DA  B 1 6  ? -7.703  -5.229  3.550   1.00 58.33 ? 6    DA  A "H5''" 1 
ATOM   562 H  "H4'"  . DA  B 1 6  ? -5.485  -5.753  3.492   1.00 65.80 ? 6    DA  A "H4'"  1 
ATOM   563 H  "H3'"  . DA  B 1 6  ? -6.288  -4.101  5.329   1.00 60.56 ? 6    DA  A "H3'"  1 
ATOM   564 H  "H2'"  . DA  B 1 6  ? -5.390  -2.176  4.452   1.00 52.81 ? 6    DA  A "H2'"  1 
ATOM   565 H  "H2''" . DA  B 1 6  ? -4.138  -2.665  5.349   1.00 52.81 ? 6    DA  A "H2''" 1 
ATOM   566 H  "H1'"  . DA  B 1 6  ? -3.058  -3.537  3.569   1.00 58.55 ? 6    DA  A "H1'"  1 
ATOM   567 H  H8     . DA  B 1 6  ? -5.608  -1.134  2.344   1.00 47.37 ? 6    DA  A H8     1 
ATOM   568 H  H61    . DA  B 1 6  ? -1.700  0.765   -1.811  1.00 47.90 ? 6    DA  A H61    1 
ATOM   569 H  H62    . DA  B 1 6  ? -3.221  0.969   -1.087  1.00 47.90 ? 6    DA  A H62    1 
ATOM   570 H  H2     . DA  B 1 6  ? 0.158   -2.607  0.495   1.00 41.21 ? 6    DA  A H2     1 
ATOM   571 P  P      . DT  B 1 7  ? -4.090  -5.128  6.961   1.00 55.69 ? 7    DT  A P      1 
ATOM   572 O  OP1    . DT  B 1 7  ? -3.902  -6.466  7.568   1.00 59.53 ? 7    DT  A OP1    1 
ATOM   573 O  OP2    . DT  B 1 7  ? -4.881  -4.085  7.632   1.00 54.12 ? 7    DT  A OP2    1 
ATOM   574 O  "O5'"  . DT  B 1 7  ? -2.640  -4.532  6.659   1.00 54.27 ? 7    DT  A "O5'"  1 
ATOM   575 C  "C5'"  . DT  B 1 7  ? -1.631  -5.373  6.126   1.00 59.09 ? 7    DT  A "C5'"  1 
ATOM   576 C  "C4'"  . DT  B 1 7  ? -0.410  -4.525  5.875   1.00 48.28 ? 7    DT  A "C4'"  1 
ATOM   577 O  "O4'"  . DT  B 1 7  ? -0.726  -3.431  5.003   1.00 46.05 ? 7    DT  A "O4'"  1 
ATOM   578 C  "C3'"  . DT  B 1 7  ? 0.167   -3.912  7.147   1.00 51.20 ? 7    DT  A "C3'"  1 
ATOM   579 O  "O3'"  . DT  B 1 7  ? 1.478   -4.480  7.175   1.00 53.40 ? 7    DT  A "O3'"  1 
ATOM   580 C  "C2'"  . DT  B 1 7  ? 0.036   -2.392  6.924   1.00 43.16 ? 7    DT  A "C2'"  1 
ATOM   581 C  "C1'"  . DT  B 1 7  ? 0.086   -2.338  5.400   1.00 43.83 ? 7    DT  A "C1'"  1 
ATOM   582 N  N1     . DT  B 1 7  ? -0.497  -1.199  4.688   1.00 41.68 ? 7    DT  A N1     1 
ATOM   583 C  C2     . DT  B 1 7  ? 0.253   -0.633  3.666   1.00 38.07 ? 7    DT  A C2     1 
ATOM   584 O  O2     . DT  B 1 7  ? 1.373   -0.999  3.339   1.00 39.97 ? 7    DT  A O2     1 
ATOM   585 N  N3     . DT  B 1 7  ? -0.363  0.385   3.034   1.00 39.74 ? 7    DT  A N3     1 
ATOM   586 C  C4     . DT  B 1 7  ? -1.611  0.918   3.277   1.00 39.45 ? 7    DT  A C4     1 
ATOM   587 O  O4     . DT  B 1 7  ? -2.061  1.844   2.626   1.00 38.06 ? 7    DT  A O4     1 
ATOM   588 C  C5     . DT  B 1 7  ? -2.352  0.277   4.332   1.00 43.12 ? 7    DT  A C5     1 
ATOM   589 C  C7     . DT  B 1 7  ? -3.728  0.797   4.632   1.00 41.78 ? 7    DT  A C7     1 
ATOM   590 C  C6     . DT  B 1 7  ? -1.769  -0.739  4.978   1.00 41.39 ? 7    DT  A C6     1 
ATOM   591 H  "H5'"  . DT  B 1 7  ? -1.939  -5.770  5.284   1.00 70.93 ? 7    DT  A "H5'"  1 
ATOM   592 H  "H5''" . DT  B 1 7  ? -1.416  -6.083  6.768   1.00 70.93 ? 7    DT  A "H5''" 1 
ATOM   593 H  "H4'"  . DT  B 1 7  ? 0.277   -5.079  5.451   1.00 57.96 ? 7    DT  A "H4'"  1 
ATOM   594 H  "H3'"  . DT  B 1 7  ? -0.351  -4.197  7.929   1.00 61.46 ? 7    DT  A "H3'"  1 
ATOM   595 H  "H2'"  . DT  B 1 7  ? -0.822  -2.058  7.262   1.00 51.81 ? 7    DT  A "H2'"  1 
ATOM   596 H  "H2''" . DT  B 1 7  ? 0.790   -1.910  7.321   1.00 51.81 ? 7    DT  A "H2''" 1 
ATOM   597 H  "H1'"  . DT  B 1 7  ? 1.006   -2.483  5.095   1.00 52.62 ? 7    DT  A "H1'"  1 
ATOM   598 H  H3     . DT  B 1 7  ? 0.150   0.813   2.316   1.00 47.71 ? 7    DT  A H3     1 
ATOM   599 H  H71    . DT  B 1 7  ? -3.765  1.109   5.560   1.00 50.15 ? 7    DT  A H71    1 
ATOM   600 H  H72    . DT  B 1 7  ? -3.935  1.542   4.029   1.00 50.15 ? 7    DT  A H72    1 
ATOM   601 H  H73    . DT  B 1 7  ? -4.384  0.081   4.501   1.00 50.15 ? 7    DT  A H73    1 
ATOM   602 H  H6     . DT  B 1 7  ? -2.268  -1.178  5.697   1.00 49.69 ? 7    DT  A H6     1 
ATOM   603 P  P      . DT  B 1 8  ? 2.412   -4.506  8.466   1.00 53.31 ? 8    DT  A P      1 
ATOM   604 O  OP1    . DT  B 1 8  ? 3.335   -5.670  8.367   1.00 55.75 ? 8    DT  A OP1    1 
ATOM   605 O  OP2    . DT  B 1 8  ? 1.538   -4.343  9.638   1.00 51.16 ? 8    DT  A OP2    1 
ATOM   606 O  "O5'"  . DT  B 1 8  ? 3.176   -3.101  8.283   1.00 48.88 ? 8    DT  A "O5'"  1 
ATOM   607 C  "C5'"  . DT  B 1 8  ? 4.206   -2.862  7.341   1.00 47.62 ? 8    DT  A "C5'"  1 
ATOM   608 C  "C4'"  . DT  B 1 8  ? 4.532   -1.378  7.477   1.00 47.41 ? 8    DT  A "C4'"  1 
ATOM   609 O  "O4'"  . DT  B 1 8  ? 3.459   -0.560  6.947   1.00 44.86 ? 8    DT  A "O4'"  1 
ATOM   610 C  "C3'"  . DT  B 1 8  ? 4.729   -0.867  8.899   1.00 49.87 ? 8    DT  A "C3'"  1 
ATOM   611 O  "O3'"  . DT  B 1 8  ? 6.039   -0.424  8.919   1.00 51.42 ? 8    DT  A "O3'"  1 
ATOM   612 C  "C2'"  . DT  B 1 8  ? 3.771   0.316   9.098   1.00 48.93 ? 8    DT  A "C2'"  1 
ATOM   613 C  "C1'"  . DT  B 1 8  ? 3.405   0.665   7.668   1.00 49.40 ? 8    DT  A "C1'"  1 
ATOM   614 N  N1     . DT  B 1 8  ? 2.046   1.237   7.400   1.00 40.39 ? 8    DT  A N1     1 
ATOM   615 C  C2     . DT  B 1 8  ? 1.955   2.021   6.269   1.00 43.81 ? 8    DT  A C2     1 
ATOM   616 O  O2     . DT  B 1 8  ? 2.924   2.251   5.550   1.00 43.59 ? 8    DT  A O2     1 
ATOM   617 N  N3     . DT  B 1 8  ? 0.699   2.520   6.025   1.00 39.14 ? 8    DT  A N3     1 
ATOM   618 C  C4     . DT  B 1 8  ? -0.453  2.318   6.768   1.00 33.41 ? 8    DT  A C4     1 
ATOM   619 O  O4     . DT  B 1 8  ? -1.512  2.839   6.427   1.00 36.44 ? 8    DT  A O4     1 
ATOM   620 C  C5     . DT  B 1 8  ? -0.292  1.491   7.938   1.00 42.01 ? 8    DT  A C5     1 
ATOM   621 C  C7     . DT  B 1 8  ? -1.500  1.240   8.813   1.00 45.50 ? 8    DT  A C7     1 
ATOM   622 C  C6     . DT  B 1 8  ? 0.932   0.985   8.197   1.00 38.75 ? 8    DT  A C6     1 
ATOM   623 H  "H5'"  . DT  B 1 8  ? 3.890   -3.059  6.433   1.00 57.16 ? 8    DT  A "H5'"  1 
ATOM   624 H  "H5''" . DT  B 1 8  ? 4.995   -3.405  7.552   1.00 57.16 ? 8    DT  A "H5''" 1 
ATOM   625 H  "H4'"  . DT  B 1 8  ? 5.347   -1.192  6.965   1.00 56.91 ? 8    DT  A "H4'"  1 
ATOM   626 H  "H3'"  . DT  B 1 8  ? 4.576   -1.574  9.560   1.00 59.86 ? 8    DT  A "H3'"  1 
ATOM   627 H  "H2'"  . DT  B 1 8  ? 2.978   0.042   9.606   1.00 58.74 ? 8    DT  A "H2'"  1 
ATOM   628 H  "H2''" . DT  B 1 8  ? 4.227   1.065   9.535   1.00 58.74 ? 8    DT  A "H2''" 1 
ATOM   629 H  "H1'"  . DT  B 1 8  ? 4.083   1.274   7.307   1.00 59.30 ? 8    DT  A "H1'"  1 
ATOM   630 H  H3     . DT  B 1 8  ? 0.606   3.085   5.229   1.00 46.99 ? 8    DT  A H3     1 
ATOM   631 H  H71    . DT  B 1 8  ? -1.681  0.278   8.851   1.00 54.62 ? 8    DT  A H71    1 
ATOM   632 H  H72    . DT  B 1 8  ? -1.323  1.574   9.718   1.00 54.62 ? 8    DT  A H72    1 
ATOM   633 H  H73    . DT  B 1 8  ? -2.277  1.705   8.440   1.00 54.62 ? 8    DT  A H73    1 
ATOM   634 H  H6     . DT  B 1 8  ? 1.045   0.421   8.991   1.00 46.52 ? 8    DT  A H6     1 
ATOM   635 P  P      . DA  B 1 9  ? 7.073   -0.774  10.069  1.00 52.27 ? 9    DA  A P      1 
ATOM   636 O  OP1    . DA  B 1 9  ? 8.390   -0.256  9.609   1.00 54.17 ? 9    DA  A OP1    1 
ATOM   637 O  OP2    . DA  B 1 9  ? 6.921   -2.211  10.371  1.00 52.20 ? 9    DA  A OP2    1 
ATOM   638 O  "O5'"  . DA  B 1 9  ? 6.523   0.035   11.342  1.00 52.15 ? 9    DA  A "O5'"  1 
ATOM   639 C  "C5'"  . DA  B 1 9  ? 6.615   1.469   11.453  1.00 50.52 ? 9    DA  A "C5'"  1 
ATOM   640 C  "C4'"  . DA  B 1 9  ? 6.078   1.879   12.828  1.00 48.96 ? 9    DA  A "C4'"  1 
ATOM   641 O  "O4'"  . DA  B 1 9  ? 4.638   1.700   12.949  1.00 53.39 ? 9    DA  A "O4'"  1 
ATOM   642 C  "C3'"  . DA  B 1 9  ? 6.681   1.041   13.957  1.00 61.33 ? 9    DA  A "C3'"  1 
ATOM   643 O  "O3'"  . DA  B 1 9  ? 6.899   1.744   15.176  1.00 58.88 ? 9    DA  A "O3'"  1 
ATOM   644 C  "C2'"  . DA  B 1 9  ? 5.642   -0.043  14.214  1.00 58.25 ? 9    DA  A "C2'"  1 
ATOM   645 C  "C1'"  . DA  B 1 9  ? 4.330   0.615   13.825  1.00 57.31 ? 9    DA  A "C1'"  1 
ATOM   646 N  N9     . DA  B 1 9  ? 3.488   -0.239  13.011  1.00 56.60 ? 9    DA  A N9     1 
ATOM   647 C  C8     . DA  B 1 9  ? 3.871   -1.317  12.265  1.00 60.44 ? 9    DA  A C8     1 
ATOM   648 N  N7     . DA  B 1 9  ? 2.891   -1.877  11.593  1.00 56.16 ? 9    DA  A N7     1 
ATOM   649 C  C5     . DA  B 1 9  ? 1.801   -1.084  11.922  1.00 53.89 ? 9    DA  A C5     1 
ATOM   650 C  C6     . DA  B 1 9  ? 0.453   -1.136  11.545  1.00 57.17 ? 9    DA  A C6     1 
ATOM   651 N  N6     . DA  B 1 9  ? -0.048  -2.027  10.695  1.00 56.77 ? 9    DA  A N6     1 
ATOM   652 N  N1     . DA  B 1 9  ? -0.370  -0.204  12.054  1.00 50.33 ? 9    DA  A N1     1 
ATOM   653 C  C2     . DA  B 1 9  ? 0.121   0.726   12.877  1.00 52.49 ? 9    DA  A C2     1 
ATOM   654 N  N3     . DA  B 1 9  ? 1.367   0.881   13.313  1.00 51.89 ? 9    DA  A N3     1 
ATOM   655 C  C4     . DA  B 1 9  ? 2.155   -0.064  12.789  1.00 54.31 ? 9    DA  A C4     1 
ATOM   656 H  "H5'"  . DA  B 1 9  ? 6.077   1.891   10.751  1.00 60.64 ? 9    DA  A "H5'"  1 
ATOM   657 H  "H5''" . DA  B 1 9  ? 7.549   1.748   11.367  1.00 60.64 ? 9    DA  A "H5''" 1 
ATOM   658 H  "H4'"  . DA  B 1 9  ? 6.294   2.822   12.984  1.00 58.77 ? 9    DA  A "H4'"  1 
ATOM   659 H  "H3'"  . DA  B 1 9  ? 7.518   0.632   13.656  1.00 73.62 ? 9    DA  A "H3'"  1 
ATOM   660 H  "H2'"  . DA  B 1 9  ? 5.815   -0.826  13.649  1.00 69.92 ? 9    DA  A "H2'"  1 
ATOM   661 H  "H2''" . DA  B 1 9  ? 5.633   -0.294  15.161  1.00 69.92 ? 9    DA  A "H2''" 1 
ATOM   662 H  "H1'"  . DA  B 1 9  ? 3.847   0.934   14.617  1.00 68.80 ? 9    DA  A "H1'"  1 
ATOM   663 H  H8     . DA  B 1 9  ? 4.792   -1.649  12.239  1.00 72.55 ? 9    DA  A H8     1 
ATOM   664 H  H61    . DA  B 1 9  ? -0.997  -1.993  10.453  1.00 68.15 ? 9    DA  A H61    1 
ATOM   665 H  H62    . DA  B 1 9  ? 0.532   -2.717  10.311  1.00 68.15 ? 9    DA  A H62    1 
ATOM   666 H  H2     . DA  B 1 9  ? -0.528  1.377   13.214  1.00 63.01 ? 9    DA  A H2     1 
ATOM   667 P  P      . DC  B 1 10 ? 7.782   3.067   15.328  1.00 59.19 ? 10   DC  A P      1 
ATOM   668 O  OP1    . DC  B 1 10 ? 9.120   2.838   14.735  1.00 57.87 ? 10   DC  A OP1    1 
ATOM   669 O  OP2    . DC  B 1 10 ? 7.654   3.482   16.738  1.00 57.87 ? 10   DC  A OP2    1 
ATOM   670 O  "O5'"  . DC  B 1 10 ? 6.955   4.100   14.444  1.00 50.39 ? 10   DC  A "O5'"  1 
ATOM   671 C  "C5'"  . DC  B 1 10 ? 7.331   5.449   14.245  1.00 48.03 ? 10   DC  A "C5'"  1 
ATOM   672 C  "C4'"  . DC  B 1 10 ? 7.740   5.558   12.788  1.00 52.82 ? 10   DC  A "C4'"  1 
ATOM   673 O  "O4'"  . DC  B 1 10 ? 6.594   5.130   12.014  1.00 42.93 ? 10   DC  A "O4'"  1 
ATOM   674 C  "C3'"  . DC  B 1 10 ? 8.064   6.933   12.233  1.00 40.53 ? 10   DC  A "C3'"  1 
ATOM   675 O  "O3'"  . DC  B 1 10 ? 8.880   6.833   11.009  1.00 46.72 ? 10   DC  A "O3'"  1 
ATOM   676 C  "C2'"  . DC  B 1 10 ? 6.666   7.513   11.965  1.00 39.36 ? 10   DC  A "C2'"  1 
ATOM   677 C  "C1'"  . DC  B 1 10 ? 5.845   6.252   11.595  1.00 40.64 ? 10   DC  A "C1'"  1 
ATOM   678 N  N1     . DC  B 1 10 ? 4.426   6.168   12.164  1.00 48.27 ? 10   DC  A N1     1 
ATOM   679 C  C2     . DC  B 1 10 ? 3.434   6.932   11.555  1.00 39.67 ? 10   DC  A C2     1 
ATOM   680 O  O2     . DC  B 1 10 ? 3.793   7.639   10.602  1.00 36.28 ? 10   DC  A O2     1 
ATOM   681 N  N3     . DC  B 1 10 ? 2.140   6.853   12.021  1.00 41.82 ? 10   DC  A N3     1 
ATOM   682 C  C4     . DC  B 1 10 ? 1.818   6.061   13.057  1.00 42.32 ? 10   DC  A C4     1 
ATOM   683 N  N4     . DC  B 1 10 ? 0.530   6.007   13.502  1.00 43.86 ? 10   DC  A N4     1 
ATOM   684 C  C5     . DC  B 1 10 ? 2.831   5.275   13.684  1.00 44.79 ? 10   DC  A C5     1 
ATOM   685 C  C6     . DC  B 1 10 ? 4.092   5.352   13.215  1.00 49.54 ? 10   DC  A C6     1 
ATOM   686 H  "H5'"  . DC  B 1 10 ? 8.086   5.678   14.825  1.00 57.65 ? 10   DC  A "H5'"  1 
ATOM   687 H  "H5''" . DC  B 1 10 ? 6.571   6.040   14.428  1.00 57.65 ? 10   DC  A "H5''" 1 
ATOM   688 H  "H4'"  . DC  B 1 10 ? 8.491   4.953   12.616  1.00 63.41 ? 10   DC  A "H4'"  1 
ATOM   689 H  "H3'"  . DC  B 1 10 ? 8.529   7.469   12.909  1.00 48.66 ? 10   DC  A "H3'"  1 
ATOM   690 H  "H2'"  . DC  B 1 10 ? 6.307   7.939   12.771  1.00 47.25 ? 10   DC  A "H2'"  1 
ATOM   691 H  "H2''" . DC  B 1 10 ? 6.690   8.144   11.216  1.00 47.25 ? 10   DC  A "H2''" 1 
ATOM   692 H  "H1'"  . DC  B 1 10 ? 5.775   6.218   10.618  1.00 48.79 ? 10   DC  A "H1'"  1 
ATOM   693 H  H41    . DC  B 1 10 ? 0.297   5.428   14.258  1.00 52.66 ? 10   DC  A H41    1 
ATOM   694 H  H42    . DC  B 1 10 ? -0.162  6.546   13.066  1.00 52.66 ? 10   DC  A H42    1 
ATOM   695 H  H5     . DC  B 1 10 ? 2.614   4.689   14.439  1.00 53.77 ? 10   DC  A H5     1 
ATOM   696 H  H6     . DC  B 1 10 ? 4.791   4.810   13.639  1.00 59.47 ? 10   DC  A H6     1 
ATOM   697 P  P      . DC  B 1 11 ? 10.446  7.138   11.067  1.00 48.39 ? 11   DC  A P      1 
ATOM   698 O  OP1    . DC  B 1 11 ? 11.169  6.663   9.878   1.00 48.16 ? 11   DC  A OP1    1 
ATOM   699 O  OP2    . DC  B 1 11 ? 10.795  6.775   12.452  1.00 44.81 ? 11   DC  A OP2    1 
ATOM   700 O  "O5'"  . DC  B 1 11 ? 10.525  8.687   10.789  1.00 49.78 ? 11   DC  A "O5'"  1 
ATOM   701 C  "C5'"  . DC  B 1 11 ? 9.901   9.378   11.695  1.00 49.06 ? 11   DC  A "C5'"  1 
ATOM   702 C  "C4'"  . DC  B 1 11 ? 9.442   10.696  11.203  1.00 38.65 ? 11   DC  A "C4'"  1 
ATOM   703 O  "O4'"  . DC  B 1 11 ? 8.075   10.606  11.601  1.00 40.89 ? 11   DC  A "O4'"  1 
ATOM   704 C  "C3'"  . DC  B 1 11 ? 10.146  11.706  12.072  1.00 40.14 ? 11   DC  A "C3'"  1 
ATOM   705 O  "O3'"  . DC  B 1 11 ? 10.009  13.019  11.612  1.00 43.09 ? 11   DC  A "O3'"  1 
ATOM   706 C  "C2'"  . DC  B 1 11 ? 9.393   11.464  13.379  1.00 42.07 ? 11   DC  A "C2'"  1 
ATOM   707 C  "C1'"  . DC  B 1 11 ? 7.972   11.245  12.869  1.00 42.32 ? 11   DC  A "C1'"  1 
ATOM   708 N  N1     . DC  B 1 11 ? 7.105   10.382  13.714  1.00 42.07 ? 11   DC  A N1     1 
ATOM   709 C  C2     . DC  B 1 11 ? 5.750   10.454  13.439  1.00 45.33 ? 11   DC  A C2     1 
ATOM   710 O  O2     . DC  B 1 11 ? 5.427   11.234  12.532  1.00 36.11 ? 11   DC  A O2     1 
ATOM   711 N  N3     . DC  B 1 11 ? 4.884   9.683   14.153  1.00 46.08 ? 11   DC  A N3     1 
ATOM   712 C  C4     . DC  B 1 11 ? 5.336   8.860   15.105  1.00 47.20 ? 11   DC  A C4     1 
ATOM   713 N  N4     . DC  B 1 11 ? 4.410   8.139   15.751  1.00 48.13 ? 11   DC  A N4     1 
ATOM   714 C  C5     . DC  B 1 11 ? 6.731   8.767   15.403  1.00 50.15 ? 11   DC  A C5     1 
ATOM   715 C  C6     . DC  B 1 11 ? 7.572   9.532   14.686  1.00 48.72 ? 11   DC  A C6     1 
ATOM   716 H  "H5'"  . DC  B 1 11 ? 10.505  9.519   12.454  1.00 58.90 ? 11   DC  A "H5'"  1 
ATOM   717 H  "H5''" . DC  B 1 11 ? 9.124   8.867   12.001  1.00 58.90 ? 11   DC  A "H5''" 1 
ATOM   718 H  "H4'"  . DC  B 1 11 ? 9.571   10.826  10.240  1.00 46.40 ? 11   DC  A "H4'"  1 
ATOM   719 H  "H3'"  . DC  B 1 11 ? 11.092  11.471  12.172  1.00 48.19 ? 11   DC  A "H3'"  1 
ATOM   720 H  "H2'"  . DC  B 1 11 ? 9.730   10.666  13.836  1.00 50.51 ? 11   DC  A "H2'"  1 
ATOM   721 H  "H2''" . DC  B 1 11 ? 9.439   12.252  13.961  1.00 50.51 ? 11   DC  A "H2''" 1 
ATOM   722 H  "H1'"  . DC  B 1 11 ? 7.537   12.116  12.752  1.00 50.80 ? 11   DC  A "H1'"  1 
ATOM   723 H  H41    . DC  B 1 11 ? 4.678   7.518   16.460  1.00 57.78 ? 11   DC  A H41    1 
ATOM   724 H  H42    . DC  B 1 11 ? 3.463   8.232   15.514  1.00 57.78 ? 11   DC  A H42    1 
ATOM   725 H  H5     . DC  B 1 11 ? 7.062   8.165   16.102  1.00 60.20 ? 11   DC  A H5     1 
ATOM   726 H  H6     . DC  B 1 11 ? 8.533   9.489   14.867  1.00 58.48 ? 11   DC  A H6     1 
ATOM   727 P  P      . DG  B 1 12 ? 11.140  13.717  10.714  1.00 42.09 ? 12   DG  A P      1 
ATOM   728 O  OP1    . DG  B 1 12 ? 11.436  12.875  9.538   1.00 43.11 ? 12   DG  A OP1    1 
ATOM   729 O  OP2    . DG  B 1 12 ? 12.175  14.255  11.605  1.00 47.40 ? 12   DG  A OP2    1 
ATOM   730 O  "O5'"  . DG  B 1 12 ? 10.339  15.006  10.181  1.00 36.71 ? 12   DG  A "O5'"  1 
ATOM   731 C  "C5'"  . DG  B 1 12 ? 9.387   14.848  9.151   1.00 33.59 ? 12   DG  A "C5'"  1 
ATOM   732 C  "C4'"  . DG  B 1 12 ? 8.223   15.842  9.297   1.00 33.08 ? 12   DG  A "C4'"  1 
ATOM   733 O  "O4'"  . DG  B 1 12 ? 7.366   15.490  10.406  1.00 33.29 ? 12   DG  A "O4'"  1 
ATOM   734 C  "C3'"  . DG  B 1 12 ? 8.596   17.288  9.615   1.00 34.78 ? 12   DG  A "C3'"  1 
ATOM   735 O  "O3'"  . DG  B 1 12 ? 7.622   18.168  9.079   1.00 32.31 ? 12   DG  A "O3'"  1 
ATOM   736 C  "C2'"  . DG  B 1 12 ? 8.607   17.286  11.141  1.00 38.43 ? 12   DG  A "C2'"  1 
ATOM   737 C  "C1'"  . DG  B 1 12 ? 7.363   16.461  11.442  1.00 37.75 ? 12   DG  A "C1'"  1 
ATOM   738 N  N9     . DG  B 1 12 ? 7.391   15.605  12.597  1.00 38.36 ? 12   DG  A N9     1 
ATOM   739 C  C8     . DG  B 1 12 ? 8.482   15.064  13.215  1.00 43.04 ? 12   DG  A C8     1 
ATOM   740 N  N7     . DG  B 1 12 ? 8.157   14.284  14.205  1.00 45.85 ? 12   DG  A N7     1 
ATOM   741 C  C5     . DG  B 1 12 ? 6.774   14.292  14.232  1.00 42.55 ? 12   DG  A C5     1 
ATOM   742 C  C6     . DG  B 1 12 ? 5.870   13.631  15.077  1.00 40.23 ? 12   DG  A C6     1 
ATOM   743 O  O6     . DG  B 1 12 ? 6.130   12.865  16.016  1.00 46.58 ? 12   DG  A O6     1 
ATOM   744 N  N1     . DG  B 1 12 ? 4.557   13.930  14.734  1.00 45.44 ? 12   DG  A N1     1 
ATOM   745 C  C2     . DG  B 1 12 ? 4.175   14.775  13.714  1.00 37.44 ? 12   DG  A C2     1 
ATOM   746 N  N2     . DG  B 1 12 ? 2.869   14.964  13.507  1.00 40.25 ? 12   DG  A N2     1 
ATOM   747 N  N3     . DG  B 1 12 ? 5.024   15.388  12.920  1.00 34.49 ? 12   DG  A N3     1 
ATOM   748 C  C4     . DG  B 1 12 ? 6.289   15.103  13.245  1.00 40.21 ? 12   DG  A C4     1 
ATOM   749 H  "H5'"  . DG  B 1 12 ? 9.033   13.934  9.182   1.00 40.33 ? 12   DG  A "H5'"  1 
ATOM   750 H  "H5''" . DG  B 1 12 ? 9.825   14.993  8.287   1.00 40.33 ? 12   DG  A "H5''" 1 
ATOM   751 H  "H4'"  . DG  B 1 12 ? 7.694   15.828  8.473   1.00 39.71 ? 12   DG  A "H4'"  1 
ATOM   752 H  "H3'"  . DG  B 1 12 ? 9.486   17.499  9.264   1.00 41.76 ? 12   DG  A "H3'"  1 
ATOM   753 H  "HO3'" . DG  B 1 12 ? 7.120   18.764  9.674   1.00 38.80 ? 12   DG  A "HO3'" 1 
ATOM   754 H  "H2'"  . DG  B 1 12 ? 9.411   16.846  11.487  1.00 46.14 ? 12   DG  A "H2'"  1 
ATOM   755 H  "H2''" . DG  B 1 12 ? 8.520   18.196  11.495  1.00 46.14 ? 12   DG  A "H2''" 1 
ATOM   756 H  "H1'"  . DG  B 1 12 ? 6.549   17.006  11.413  1.00 45.32 ? 12   DG  A "H1'"  1 
ATOM   757 H  H8     . DG  B 1 12 ? 9.406   15.249  12.949  1.00 51.66 ? 12   DG  A H8     1 
ATOM   758 H  H1     . DG  B 1 12 ? 3.846   13.526  15.276  1.00 54.54 ? 12   DG  A H1     1 
ATOM   759 H  H21    . DG  B 1 12 ? 2.567   15.546  12.778  1.00 48.32 ? 12   DG  A H21    1 
ATOM   760 H  H22    . DG  B 1 12 ? 2.213   14.519  14.083  1.00 48.32 ? 12   DG  A H22    1 
HETATM 761 RH RH     . R1C C 2 .  ? 6.077   5.951   5.964   1.00 33.89 ? 2001 R1C B RH     1 
HETATM 762 N  N5     . R1C C 2 .  ? 4.871   6.802   4.918   1.00 37.26 ? 2001 R1C B N5     1 
HETATM 763 N  N6     . R1C C 2 .  ? 4.650   5.446   6.987   1.00 38.52 ? 2001 R1C B N6     1 
HETATM 764 C  C21    . R1C C 2 .  ? 3.568   6.769   5.380   1.00 37.34 ? 2001 R1C B C21    1 
HETATM 765 C  C22    . R1C C 2 .  ? 3.458   5.944   6.588   1.00 35.26 ? 2001 R1C B C22    1 
HETATM 766 C  C23    . R1C C 2 .  ? 2.131   5.776   7.248   1.00 28.95 ? 2001 R1C B C23    1 
HETATM 767 C  C24    . R1C C 2 .  ? 1.974   4.935   8.467   1.00 33.03 ? 2001 R1C B C24    1 
HETATM 768 C  C25    . R1C C 2 .  ? 3.092   4.322   9.047   1.00 41.41 ? 2001 R1C B C25    1 
HETATM 769 C  C26    . R1C C 2 .  ? 2.920   3.549   10.194  1.00 44.97 ? 2001 R1C B C26    1 
HETATM 770 C  C27    . R1C C 2 .  ? 1.662   3.398   10.777  1.00 43.90 ? 2001 R1C B C27    1 
HETATM 771 C  C28    . R1C C 2 .  ? 0.570   4.039   10.198  1.00 40.87 ? 2001 R1C B C28    1 
HETATM 772 C  C29    . R1C C 2 .  ? 0.713   4.810   9.046   1.00 39.91 ? 2001 R1C B C29    1 
HETATM 773 C  C30    . R1C C 2 .  ? -0.414  5.445   8.472   1.00 34.84 ? 2001 R1C B C30    1 
HETATM 774 C  C31    . R1C C 2 .  ? -0.345  6.234   7.316   1.00 33.76 ? 2001 R1C B C31    1 
HETATM 775 C  C32    . R1C C 2 .  ? 0.895   6.428   6.654   1.00 30.88 ? 2001 R1C B C32    1 
HETATM 776 C  C33    . R1C C 2 .  ? 1.016   7.227   5.485   1.00 31.83 ? 2001 R1C B C33    1 
HETATM 777 C  C34    . R1C C 2 .  ? -0.112  7.862   4.948   1.00 38.43 ? 2001 R1C B C34    1 
HETATM 778 C  C35    . R1C C 2 .  ? -0.049  8.683   3.799   1.00 32.25 ? 2001 R1C B C35    1 
HETATM 779 C  C36    . R1C C 2 .  ? 1.200   8.852   3.170   1.00 33.41 ? 2001 R1C B C36    1 
HETATM 780 C  C37    . R1C C 2 .  ? 2.341   8.199   3.683   1.00 35.69 ? 2001 R1C B C37    1 
HETATM 781 C  C38    . R1C C 2 .  ? 2.302   7.406   4.841   1.00 33.02 ? 2001 R1C B C38    1 
HETATM 782 N  N1     . R1C C 2 .  ? 6.315   7.523   6.922   1.00 44.85 ? 2001 R1C B N1     1 
HETATM 783 N  N2     . R1C C 2 .  ? 7.484   6.633   4.984   1.00 45.22 ? 2001 R1C B N2     1 
HETATM 784 N  N3     . R1C C 2 .  ? 7.110   4.918   7.112   1.00 40.66 ? 2001 R1C B N3     1 
HETATM 785 N  N4     . R1C C 2 .  ? 5.861   4.402   5.011   1.00 39.31 ? 2001 R1C B N4     1 
HETATM 786 C  C1     . R1C C 2 .  ? 5.612   7.914   7.997   1.00 35.09 ? 2001 R1C B C1     1 
HETATM 787 C  C2     . R1C C 2 .  ? 5.859   9.138   8.651   1.00 32.32 ? 2001 R1C B C2     1 
HETATM 788 C  C3     . R1C C 2 .  ? 6.852   10.029  8.199   1.00 30.38 ? 2001 R1C B C3     1 
HETATM 789 C  C4     . R1C C 2 .  ? 7.579   9.622   7.082   1.00 30.62 ? 2001 R1C B C4     1 
HETATM 790 C  C5     . R1C C 2 .  ? 7.259   8.383   6.505   1.00 35.75 ? 2001 R1C B C5     1 
HETATM 791 C  C6     . R1C C 2 .  ? 7.947   7.869   5.332   1.00 35.52 ? 2001 R1C B C6     1 
HETATM 792 C  C7     . R1C C 2 .  ? 8.973   8.566   4.720   1.00 35.29 ? 2001 R1C B C7     1 
HETATM 793 C  C8     . R1C C 2 .  ? 9.557   7.966   3.612   1.00 40.22 ? 2001 R1C B C8     1 
HETATM 794 C  C9     . R1C C 2 .  ? 9.064   6.711   3.227   1.00 45.38 ? 2001 R1C B C9     1 
HETATM 795 C  C10    . R1C C 2 .  ? 8.024   6.067   3.911   1.00 40.33 ? 2001 R1C B C10    1 
HETATM 796 C  C11    . R1C C 2 .  ? 7.682   5.348   8.251   1.00 41.82 ? 2001 R1C B C11    1 
HETATM 797 C  C12    . R1C C 2 .  ? 8.392   4.460   9.090   1.00 39.61 ? 2001 R1C B C12    1 
HETATM 798 C  C13    . R1C C 2 .  ? 8.459   3.101   8.756   1.00 38.33 ? 2001 R1C B C13    1 
HETATM 799 C  C14    . R1C C 2 .  ? 7.829   2.674   7.599   1.00 44.75 ? 2001 R1C B C14    1 
HETATM 800 C  C15    . R1C C 2 .  ? 7.156   3.624   6.823   1.00 38.50 ? 2001 R1C B C15    1 
HETATM 801 C  C16    . R1C C 2 .  ? 6.446   3.316   5.580   1.00 42.28 ? 2001 R1C B C16    1 
HETATM 802 C  C17    . R1C C 2 .  ? 6.398   2.019   5.049   1.00 38.87 ? 2001 R1C B C17    1 
HETATM 803 C  C18    . R1C C 2 .  ? 5.702   1.851   3.864   1.00 37.08 ? 2001 R1C B C18    1 
HETATM 804 C  C19    . R1C C 2 .  ? 5.098   2.962   3.275   1.00 38.28 ? 2001 R1C B C19    1 
HETATM 805 C  C20    . R1C C 2 .  ? 5.185   4.230   3.849   1.00 36.10 ? 2001 R1C B C20    1 
HETATM 806 H  H4     . R1C C 2 .  ? 8.364   10.244  6.670   1.00 36.76 ? 2001 R1C B H4     1 
HETATM 807 H  H14    . R1C C 2 .  ? 7.876   1.636   7.290   1.00 53.72 ? 2001 R1C B H14    1 
HETATM 808 AS AS     A CAC D 3 .  ? -8.094  -13.710 -19.172 0.50 37.92 ? 13   CAC B AS     1 
HETATM 809 AS AS     B CAC D 3 .  ? -8.435  -15.375 -17.071 0.50 81.16 ? 13   CAC B AS     1 
HETATM 810 O  O1     A CAC D 3 .  ? -6.491  -14.234 -18.751 0.50 44.82 ? 13   CAC B O1     1 
HETATM 811 O  O1     B CAC D 3 .  ? -8.788  -16.812 -17.951 0.50 47.90 ? 13   CAC B O1     1 
HETATM 812 O  O2     A CAC D 3 .  ? -9.219  -14.486 -18.097 0.50 52.01 ? 13   CAC B O2     1 
HETATM 813 O  O2     B CAC D 3 .  ? -9.035  -13.994 -17.930 0.50 57.22 ? 13   CAC B O2     1 
HETATM 814 C  C1     A CAC D 3 .  ? -8.240  -11.760 -18.890 0.50 33.89 ? 13   CAC B C1     1 
HETATM 815 C  C1     B CAC D 3 .  ? -9.353  -15.564 -15.353 0.50 34.89 ? 13   CAC B C1     1 
HETATM 816 C  C2     A CAC D 3 .  ? -8.518  -14.120 -21.039 0.50 42.73 ? 13   CAC B C2     1 
HETATM 817 C  C2     B CAC D 3 .  ? -6.488  -15.152 -16.855 0.50 42.52 ? 13   CAC B C2     1 
HETATM 818 RH RH     . R1C E 2 .  ? -3.060  -8.437  -3.708  1.00 32.78 ? 2002 R1C A RH     1 
HETATM 819 N  N5     . R1C E 2 .  ? -4.127  -6.955  -3.959  1.00 40.59 ? 2002 R1C A N5     1 
HETATM 820 N  N6     . R1C E 2 .  ? -1.958  -7.569  -4.908  1.00 34.80 ? 2002 R1C A N6     1 
HETATM 821 C  C21    . R1C E 2 .  ? -3.680  -6.017  -4.863  1.00 31.42 ? 2002 R1C A C21    1 
HETATM 822 C  C22    . R1C E 2 .  ? -2.374  -6.388  -5.437  1.00 30.85 ? 2002 R1C A C22    1 
HETATM 823 C  C23    . R1C E 2 .  ? -1.716  -5.513  -6.445  1.00 30.93 ? 2002 R1C A C23    1 
HETATM 824 C  C24    . R1C E 2 .  ? -0.393  -5.865  -7.067  1.00 27.53 ? 2002 R1C A C24    1 
HETATM 825 C  C25    . R1C E 2 .  ? 0.246   -7.030  -6.681  1.00 32.36 ? 2002 R1C A C25    1 
HETATM 826 C  C26    . R1C E 2 .  ? 1.469   -7.341  -7.259  1.00 30.01 ? 2002 R1C A C26    1 
HETATM 827 C  C27    . R1C E 2 .  ? 2.037   -6.480  -8.197  1.00 29.85 ? 2002 R1C A C27    1 
HETATM 828 C  C28    . R1C E 2 .  ? 1.399   -5.294  -8.571  1.00 33.48 ? 2002 R1C A C28    1 
HETATM 829 C  C29    . R1C E 2 .  ? 0.167   -4.970  -7.997  1.00 32.42 ? 2002 R1C A C29    1 
HETATM 830 C  C30    . R1C E 2 .  ? -0.512  -3.798  -8.379  1.00 34.60 ? 2002 R1C A C30    1 
HETATM 831 C  C31    . R1C E 2 .  ? -1.757  -3.450  -7.820  1.00 29.98 ? 2002 R1C A C31    1 
HETATM 832 C  C32    . R1C E 2 .  ? -2.397  -4.259  -6.860  1.00 29.54 ? 2002 R1C A C32    1 
HETATM 833 C  C33    . R1C E 2 .  ? -3.674  -3.937  -6.303  1.00 28.68 ? 2002 R1C A C33    1 
HETATM 834 C  C34    . R1C E 2 .  ? -4.301  -2.779  -6.719  1.00 33.58 ? 2002 R1C A C34    1 
HETATM 835 C  C35    . R1C E 2 .  ? -5.522  -2.383  -6.194  1.00 39.12 ? 2002 R1C A C35    1 
HETATM 836 C  C36    . R1C E 2 .  ? -6.138  -3.210  -5.266  1.00 30.20 ? 2002 R1C A C36    1 
HETATM 837 C  C37    . R1C E 2 .  ? -5.556  -4.392  -4.811  1.00 33.57 ? 2002 R1C A C37    1 
HETATM 838 C  C38    . R1C E 2 .  ? -4.300  -4.755  -5.323  1.00 30.32 ? 2002 R1C A C38    1 
HETATM 839 N  N1     . R1C E 2 .  ? -3.998  -9.234  -5.094  1.00 31.65 ? 2002 R1C A N1     1 
HETATM 840 N  N2     . R1C E 2 .  ? -4.326  -9.261  -2.608  1.00 37.08 ? 2002 R1C A N2     1 
HETATM 841 N  N3     . R1C E 2 .  ? -1.748  -9.759  -3.646  1.00 40.00 ? 2002 R1C A N3     1 
HETATM 842 N  N4     . R1C E 2 .  ? -2.111  -7.623  -2.373  1.00 44.13 ? 2002 R1C A N4     1 
HETATM 843 C  C1     . R1C E 2 .  ? -3.756  -9.247  -6.437  1.00 32.91 ? 2002 R1C A C1     1 
HETATM 844 C  C2     . R1C E 2 .  ? -4.582  -9.925  -7.346  1.00 27.46 ? 2002 R1C A C2     1 
HETATM 845 C  C3     . R1C E 2 .  ? -5.724  -10.652 -6.861  1.00 27.98 ? 2002 R1C A C3     1 
HETATM 846 C  C4     . R1C E 2 .  ? -5.932  -10.673 -5.488  1.00 31.80 ? 2002 R1C A C4     1 
HETATM 847 C  C5     . R1C E 2 .  ? -5.088  -9.964  -4.678  1.00 33.81 ? 2002 R1C A C5     1 
HETATM 848 C  C6     . R1C E 2 .  ? -5.267  -9.968  -3.244  1.00 30.89 ? 2002 R1C A C6     1 
HETATM 849 C  C7     . R1C E 2 .  ? -6.363  -10.649 -2.690  1.00 34.85 ? 2002 R1C A C7     1 
HETATM 850 C  C8     . R1C E 2 .  ? -6.502  -10.609 -1.308  1.00 37.13 ? 2002 R1C A C8     1 
HETATM 851 C  C9     . R1C E 2 .  ? -5.516  -9.863  -0.638  1.00 44.23 ? 2002 R1C A C9     1 
HETATM 852 C  C10    . R1C E 2 .  ? -4.450  -9.193  -1.272  1.00 38.46 ? 2002 R1C A C10    1 
HETATM 853 C  C11    . R1C E 2 .  ? -1.668  -10.877 -4.420  1.00 40.64 ? 2002 R1C A C11    1 
HETATM 854 C  C12    . R1C E 2 .  ? -0.575  -11.753 -4.350  1.00 36.96 ? 2002 R1C A C12    1 
HETATM 855 C  C13    . R1C E 2 .  ? 0.513   -11.480 -3.508  1.00 36.98 ? 2002 R1C A C13    1 
HETATM 856 C  C14    . R1C E 2 .  ? 0.439   -10.319 -2.726  1.00 36.11 ? 2002 R1C A C14    1 
HETATM 857 C  C15    . R1C E 2 .  ? -0.710  -9.493  -2.844  1.00 39.10 ? 2002 R1C A C15    1 
HETATM 858 C  C16    . R1C E 2 .  ? -0.922  -8.237  -2.086  1.00 38.25 ? 2002 R1C A C16    1 
HETATM 859 C  C17    . R1C E 2 .  ? -0.001  -7.748  -1.167  1.00 38.98 ? 2002 R1C A C17    1 
HETATM 860 C  C18    . R1C E 2 .  ? -0.326  -6.564  -0.528  1.00 34.50 ? 2002 R1C A C18    1 
HETATM 861 C  C19    . R1C E 2 .  ? -1.541  -5.924  -0.809  1.00 41.45 ? 2002 R1C A C19    1 
HETATM 862 C  C20    . R1C E 2 .  ? -2.414  -6.462  -1.754  1.00 36.41 ? 2002 R1C A C20    1 
HETATM 863 H  H4     . R1C E 2 .  ? -6.776  -11.206 -5.069  1.00 38.18 ? 2002 R1C A H4     1 
HETATM 864 H  H14    . R1C E 2 .  ? 1.226   -10.074 -2.023  1.00 43.35 ? 2002 R1C A H14    1 
HETATM 865 O  O      . HOH F 4 .  ? 8.890   16.403  6.036   1.00 31.44 ? 14   HOH B O      1 
HETATM 866 O  O      . HOH F 4 .  ? 6.479   9.833   -1.951  1.00 45.36 ? 15   HOH B O      1 
HETATM 867 O  O      . HOH F 4 .  ? 5.678   0.139   0.839   1.00 47.27 ? 16   HOH B O      1 
HETATM 868 O  O      . HOH F 4 .  ? 0.694   -0.323  -8.631  1.00 36.07 ? 17   HOH B O      1 
HETATM 869 O  O      . HOH F 4 .  ? -1.354  2.685   -4.712  1.00 43.27 ? 18   HOH B O      1 
HETATM 870 O  O      . HOH F 4 .  ? -1.679  10.237  -0.156  1.00 40.50 ? 19   HOH B O      1 
HETATM 871 O  O      . HOH F 4 .  ? -10.051 -18.417 -10.759 1.00 47.46 ? 20   HOH B O      1 
HETATM 872 O  O      . HOH F 4 .  ? -0.490  5.060   -3.488  1.00 47.37 ? 21   HOH B O      1 
HETATM 873 O  O      . HOH F 4 .  ? -7.142  9.284   6.862   1.00 54.01 ? 22   HOH B O      1 
HETATM 874 O  O      . HOH F 4 .  ? 4.519   5.251   0.857   1.00 39.21 ? 23   HOH B O      1 
HETATM 875 O  O      . HOH F 4 .  ? 2.668   -4.598  -0.275  1.00 49.64 ? 24   HOH B O      1 
HETATM 876 O  O      . HOH F 4 .  ? -6.789  -11.555 -9.876  1.00 34.90 ? 25   HOH B O      1 
HETATM 877 O  O      . HOH F 4 .  ? 5.523   0.616   -6.350  1.00 40.94 ? 26   HOH B O      1 
HETATM 878 O  O      . HOH F 4 .  ? 9.587   -7.516  -1.167  1.00 50.16 ? 27   HOH B O      1 
HETATM 879 O  O      . HOH F 4 .  ? -4.122  -13.065 -3.374  1.00 47.63 ? 28   HOH B O      1 
HETATM 880 O  O      . HOH F 4 .  ? -1.558  14.198  -1.460  1.00 47.82 ? 29   HOH B O      1 
HETATM 881 O  O      . HOH F 4 .  ? -8.253  -16.143 -4.821  1.00 50.34 ? 30   HOH B O      1 
HETATM 882 O  O      . HOH F 4 .  ? 5.536   7.413   2.099   1.00 42.48 ? 31   HOH B O      1 
HETATM 883 O  O      . HOH F 4 .  ? 8.347   -10.443 -4.726  1.00 40.91 ? 32   HOH B O      1 
HETATM 884 O  O      . HOH F 4 .  ? 11.579  -5.536  -3.472  1.00 45.19 ? 33   HOH B O      1 
HETATM 885 O  O      . HOH F 4 .  ? 7.285   -9.161  -0.597  1.00 49.81 ? 34   HOH B O      1 
HETATM 886 O  O      . HOH F 4 .  ? 9.669   -7.020  -5.282  1.00 40.36 ? 35   HOH B O      1 
HETATM 887 O  O      . HOH F 4 .  ? -3.130  -12.848 -1.070  1.00 48.25 ? 36   HOH B O      1 
HETATM 888 O  O      . HOH F 4 .  ? -3.785  7.684   2.629   1.00 54.26 ? 38   HOH B O      1 
HETATM 889 O  O      . HOH F 4 .  ? -6.937  -13.916 -3.600  1.00 42.71 ? 39   HOH B O      1 
HETATM 890 O  O      . HOH F 4 .  ? 1.942   -14.509 -4.904  1.00 52.30 ? 40   HOH B O      1 
HETATM 891 O  O      . HOH F 4 .  ? 3.051   4.679   -5.868  1.00 43.56 ? 42   HOH B O      1 
HETATM 892 O  O      . HOH F 4 .  ? 4.540   -13.911 -3.353  1.00 59.25 ? 44   HOH B O      1 
HETATM 893 O  O      . HOH F 4 .  ? 8.781   -13.112 -5.543  1.00 54.19 ? 45   HOH B O      1 
HETATM 894 O  O      . HOH F 4 .  ? 5.068   -2.121  -10.009 1.00 44.37 ? 55   HOH B O      1 
HETATM 895 O  O      . HOH F 4 .  ? 5.990   -7.869  1.266   1.00 56.88 ? 56   HOH B O      1 
HETATM 896 O  O      . HOH F 4 .  ? 6.960   -1.363  -7.781  1.00 38.03 ? 61   HOH B O      1 
HETATM 897 O  O      . HOH F 4 .  ? 4.307   -7.435  -11.928 1.00 37.93 ? 62   HOH B O      1 
HETATM 898 O  O      . HOH F 4 .  ? -1.337  -16.814 -8.928  1.00 46.93 ? 63   HOH B O      1 
HETATM 899 O  O      . HOH F 4 .  ? 1.479   -14.594 -15.058 1.00 62.90 ? 65   HOH B O      1 
HETATM 900 O  O      . HOH F 4 .  ? 2.628   -13.192 -12.794 1.00 47.03 ? 66   HOH B O      1 
HETATM 901 O  O      . HOH F 4 .  ? 3.051   -10.407 0.090   1.00 55.71 ? 67   HOH B O      1 
HETATM 902 O  O      . HOH F 4 .  ? 8.447   0.569   1.062   1.00 55.75 ? 68   HOH B O      1 
HETATM 903 O  O      . HOH F 4 .  ? -6.253  -18.899 -10.106 1.00 49.41 ? 70   HOH B O      1 
HETATM 904 O  O      . HOH F 4 .  ? -2.261  6.618   -2.259  1.00 52.51 ? 72   HOH B O      1 
HETATM 905 O  O      . HOH F 4 .  ? 6.849   9.735   0.677   1.00 41.52 ? 75   HOH B O      1 
HETATM 906 O  O      . HOH F 4 .  ? 5.266   11.240  2.135   1.00 43.83 ? 76   HOH B O      1 
HETATM 907 O  O      . HOH F 4 .  ? -5.765  -17.900 -12.909 1.00 50.06 ? 80   HOH B O      1 
HETATM 908 O  O      . HOH F 4 .  ? -8.850  14.529  8.181   1.00 62.63 ? 81   HOH B O      1 
HETATM 909 O  O      . HOH F 4 .  ? -6.517  10.646  21.916  1.00 44.10 ? 82   HOH B O      1 
HETATM 910 O  O      . HOH F 4 .  ? 3.567   1.603   -8.640  1.00 50.76 ? 83   HOH B O      1 
HETATM 911 O  O      . HOH F 4 .  ? 1.259   6.460   17.078  1.00 60.68 ? 84   HOH B O      1 
HETATM 912 O  O      . HOH F 4 .  ? -6.479  10.745  19.248  1.00 67.51 ? 85   HOH B O      1 
HETATM 913 O  O      . HOH G 4 .  ? -12.451 -12.178 -7.431  1.00 31.50 ? 13   HOH A O      1 
HETATM 914 O  O      . HOH G 4 .  ? -8.695  0.863   -4.800  1.00 38.27 ? 14   HOH A O      1 
HETATM 915 O  O      . HOH G 4 .  ? -4.613  -4.366  -0.349  1.00 40.68 ? 15   HOH A O      1 
HETATM 916 O  O      . HOH G 4 .  ? 2.439   -6.285  -15.458 1.00 41.30 ? 16   HOH A O      1 
HETATM 917 O  O      . HOH G 4 .  ? 10.447  7.343   7.423   1.00 44.65 ? 17   HOH A O      1 
HETATM 918 O  O      . HOH G 4 .  ? 6.387   12.637  10.314  1.00 41.01 ? 18   HOH A O      1 
HETATM 919 O  O      . HOH G 4 .  ? -3.722  3.661   7.451   1.00 45.71 ? 19   HOH A O      1 
HETATM 920 O  O      . HOH G 4 .  ? 14.888  13.596  11.270  1.00 49.96 ? 23   HOH A O      1 
HETATM 921 O  O      . HOH G 4 .  ? 12.119  16.509  12.940  1.00 46.29 ? 25   HOH A O      1 
HETATM 922 O  O      . HOH G 4 .  ? 1.628   -3.069  -12.486 1.00 42.86 ? 26   HOH A O      1 
HETATM 923 O  O      . HOH G 4 .  ? -12.697 0.396   -6.687  1.00 54.52 ? 28   HOH A O      1 
HETATM 924 O  O      . HOH G 4 .  ? -12.384 -1.923  -0.091  1.00 52.44 ? 32   HOH A O      1 
HETATM 925 O  O      . HOH G 4 .  ? -10.152 -5.724  0.599   1.00 43.29 ? 35   HOH A O      1 
HETATM 926 O  O      . HOH G 4 .  ? -7.210  -0.020  4.473   1.00 56.72 ? 37   HOH A O      1 
HETATM 927 O  O      . HOH G 4 .  ? 2.247   -1.647  -10.645 1.00 49.39 ? 41   HOH A O      1 
HETATM 928 O  O      . HOH G 4 .  ? -5.670  2.005   0.694   1.00 49.54 ? 43   HOH A O      1 
HETATM 929 O  O      . HOH G 4 .  ? -4.171  3.567   2.250   1.00 47.88 ? 46   HOH A O      1 
HETATM 930 O  O      . HOH G 4 .  ? -8.182  2.563   -2.753  1.00 51.26 ? 47   HOH A O      1 
HETATM 931 O  O      . HOH G 4 .  ? -0.152  -0.442  -12.951 1.00 48.31 ? 48   HOH A O      1 
HETATM 932 O  O      . HOH G 4 .  ? -6.141  -6.371  -1.805  1.00 42.10 ? 49   HOH A O      1 
HETATM 933 O  O      . HOH G 4 .  ? -1.552  0.666   -15.319 1.00 45.37 ? 50   HOH A O      1 
HETATM 934 O  O      . HOH G 4 .  ? 12.256  13.348  14.430  1.00 46.69 ? 51   HOH A O      1 
HETATM 935 O  O      . HOH G 4 .  ? 1.941   -5.373  -19.960 1.00 53.61 ? 52   HOH A O      1 
HETATM 936 O  O      . HOH G 4 .  ? -8.663  1.975   0.616   1.00 52.61 ? 53   HOH A O      1 
HETATM 937 O  O      . HOH G 4 .  ? -0.331  -5.213  2.371   1.00 46.55 ? 54   HOH A O      1 
HETATM 938 O  O      . HOH G 4 .  ? 10.355  2.696   11.923  1.00 60.43 ? 57   HOH A O      1 
HETATM 939 O  O      . HOH G 4 .  ? -5.324  1.761   -6.294  1.00 50.58 ? 58   HOH A O      1 
HETATM 940 O  O      . HOH G 4 .  ? 3.802   -4.868  -13.214 1.00 44.35 ? 59   HOH A O      1 
HETATM 941 O  O      . HOH G 4 .  ? 3.997   15.464  9.964   1.00 36.29 ? 60   HOH A O      1 
HETATM 942 O  O      . HOH G 4 .  ? -3.947  2.562   -1.969  1.00 46.40 ? 64   HOH A O      1 
HETATM 943 O  O      . HOH G 4 .  ? -6.624  -2.532  7.006   1.00 68.48 ? 69   HOH A O      1 
HETATM 944 O  O      . HOH G 4 .  ? 10.699  8.348   14.883  1.00 57.69 ? 71   HOH A O      1 
HETATM 945 O  O      . HOH G 4 .  ? 0.142   -2.944  -17.163 1.00 44.60 ? 73   HOH A O      1 
HETATM 946 O  O      . HOH G 4 .  ? -3.434  -1.650  7.823   1.00 51.66 ? 74   HOH A O      1 
HETATM 947 O  O      . HOH G 4 .  ? -2.640  -2.463  9.861   1.00 53.95 ? 77   HOH A O      1 
HETATM 948 O  O      . HOH G 4 .  ? -2.771  0.086   12.328  1.00 66.31 ? 78   HOH A O      1 
HETATM 949 O  O      . HOH G 4 .  ? -10.903 -7.995  2.501   1.00 62.05 ? 79   HOH A O      1 
HETATM 950 O  O      . HOH G 4 .  ? 2.260   -9.073  -14.961 1.00 53.77 ? 86   HOH A O      1 
HETATM 951 O  O      . HOH G 4 .  ? 4.236   -1.922  3.793   1.00 63.95 ? 87   HOH A O      1 
HETATM 952 O  O      . HOH G 4 .  ? -6.002  -5.011  10.191  1.00 64.96 ? 88   HOH A O      1 
HETATM 953 O  O      . HOH G 4 .  ? 9.709   6.997   17.324  1.00 65.35 ? 89   HOH A O      1 
# 
loop_
_atom_site_anisotrop.id 
_atom_site_anisotrop.type_symbol 
_atom_site_anisotrop.pdbx_label_atom_id 
_atom_site_anisotrop.pdbx_label_alt_id 
_atom_site_anisotrop.pdbx_label_comp_id 
_atom_site_anisotrop.pdbx_label_asym_id 
_atom_site_anisotrop.pdbx_label_seq_id 
_atom_site_anisotrop.pdbx_PDB_ins_code 
_atom_site_anisotrop.U[1][1] 
_atom_site_anisotrop.U[2][2] 
_atom_site_anisotrop.U[3][3] 
_atom_site_anisotrop.U[1][2] 
_atom_site_anisotrop.U[1][3] 
_atom_site_anisotrop.U[2][3] 
_atom_site_anisotrop.pdbx_auth_seq_id 
_atom_site_anisotrop.pdbx_auth_comp_id 
_atom_site_anisotrop.pdbx_auth_asym_id 
_atom_site_anisotrop.pdbx_auth_atom_id 
1   O  "O5'" . DC  A 1  ? 0.8441 0.9968 0.8680 -0.0399 -0.0192 0.0527  1    DC  B "O5'" 
2   C  "C5'" . DC  A 1  ? 0.9643 0.8937 0.9070 0.0316  0.0511  -0.0125 1    DC  B "C5'" 
3   C  "C4'" . DC  A 1  ? 0.7563 0.8899 0.8636 -0.0442 0.0242  -0.0060 1    DC  B "C4'" 
4   O  "O4'" . DC  A 1  ? 0.7709 0.8827 0.8163 0.0446  -0.0098 -0.0754 1    DC  B "O4'" 
5   C  "C3'" . DC  A 1  ? 0.7343 0.8051 0.6860 -0.0721 -0.0857 0.0376  1    DC  B "C3'" 
6   O  "O3'" . DC  A 1  ? 0.5999 0.8237 0.6651 -0.1268 -0.1744 -0.0079 1    DC  B "O3'" 
7   C  "C2'" . DC  A 1  ? 0.7273 0.8156 0.4627 -0.0392 -0.0953 -0.0410 1    DC  B "C2'" 
8   C  "C1'" . DC  A 1  ? 0.6273 0.7401 0.7359 -0.0942 0.0345  -0.0092 1    DC  B "C1'" 
9   N  N1    . DC  A 1  ? 0.7020 0.7685 0.5043 -0.1206 0.0297  0.0809  1    DC  B N1    
10  C  C2    . DC  A 1  ? 0.6646 0.6906 0.5995 0.0154  0.0372  -0.0471 1    DC  B C2    
11  O  O2    . DC  A 1  ? 0.6280 0.7692 0.6065 -0.0313 0.1679  -0.0378 1    DC  B O2    
12  N  N3    . DC  A 1  ? 0.5717 0.7163 0.5531 0.0413  0.1477  -0.0583 1    DC  B N3    
13  C  C4    . DC  A 1  ? 0.5694 0.6195 0.5799 -0.0103 0.0285  -0.0633 1    DC  B C4    
14  N  N4    . DC  A 1  ? 0.7706 0.6744 0.5643 -0.0679 0.0586  -0.0052 1    DC  B N4    
15  C  C5    . DC  A 1  ? 0.7869 0.7944 0.7341 0.0049  0.0468  0.0386  1    DC  B C5    
16  C  C6    . DC  A 1  ? 0.6454 0.7196 0.7683 0.0008  -0.0026 0.0196  1    DC  B C6    
29  P  P     . DG  A 2  ? 0.7729 0.8740 0.6963 0.0887  0.1734  -0.0002 2    DG  B P     
30  O  OP1   . DG  A 2  ? 0.7996 0.8354 0.6681 0.0384  0.0709  -0.1662 2    DG  B OP1   
31  O  OP2   . DG  A 2  ? 0.7406 0.7526 0.7874 -0.0153 0.1052  -0.0210 2    DG  B OP2   
32  O  "O5'" . DG  A 2  ? 0.6985 0.6704 0.6369 -0.0133 0.0109  -0.1114 2    DG  B "O5'" 
33  C  "C5'" . DG  A 2  ? 0.7047 0.4706 0.4912 -0.0375 0.0084  -0.0987 2    DG  B "C5'" 
34  C  "C4'" . DG  A 2  ? 0.5182 0.6161 0.6108 0.0562  0.1112  -0.0337 2    DG  B "C4'" 
35  O  "O4'" . DG  A 2  ? 0.5554 0.6321 0.5884 -0.0218 -0.0063 -0.0974 2    DG  B "O4'" 
36  C  "C3'" . DG  A 2  ? 0.5001 0.5286 0.4781 -0.0616 0.1304  -0.0755 2    DG  B "C3'" 
37  O  "O3'" . DG  A 2  ? 0.3022 0.5407 0.6072 -0.0781 -0.0256 -0.0091 2    DG  B "O3'" 
38  C  "C2'" . DG  A 2  ? 0.4053 0.5777 0.6626 -0.0997 0.0791  -0.1290 2    DG  B "C2'" 
39  C  "C1'" . DG  A 2  ? 0.4519 0.5718 0.5468 -0.0829 -0.0625 -0.0103 2    DG  B "C1'" 
40  N  N9    . DG  A 2  ? 0.4745 0.6607 0.5333 0.0236  0.0668  -0.0464 2    DG  B N9    
41  C  C8    . DG  A 2  ? 0.6560 0.5780 0.5125 -0.0166 0.0199  0.0787  2    DG  B C8    
42  N  N7    . DG  A 2  ? 0.4311 0.6293 0.5828 -0.0378 0.1368  0.0346  2    DG  B N7    
43  C  C5    . DG  A 2  ? 0.4279 0.6569 0.3774 0.0082  0.0233  0.0645  2    DG  B C5    
44  C  C6    . DG  A 2  ? 0.4306 0.6397 0.5216 -0.0221 -0.0097 0.1215  2    DG  B C6    
45  O  O6    . DG  A 2  ? 0.6306 0.5994 0.5240 -0.0529 0.0861  0.0282  2    DG  B O6    
46  N  N1    . DG  A 2  ? 0.5802 0.5955 0.4479 -0.0467 0.0807  0.0460  2    DG  B N1    
47  C  C2    . DG  A 2  ? 0.4846 0.3152 0.3849 0.0109  0.0743  0.0261  2    DG  B C2    
48  N  N2    . DG  A 2  ? 0.4410 0.4568 0.4587 -0.0740 0.0724  0.0699  2    DG  B N2    
49  N  N3    . DG  A 2  ? 0.4062 0.5797 0.4284 -0.0140 0.0248  -0.0863 2    DG  B N3    
50  C  C4    . DG  A 2  ? 0.3753 0.5789 0.5292 -0.0474 -0.0158 0.0960  2    DG  B C4    
62  P  P     . DG  A 3  ? 0.3922 0.5118 0.6991 -0.0235 0.0015  -0.1616 3    DG  B P     
63  O  OP1   . DG  A 3  ? 0.2969 0.6870 0.8171 0.0021  0.1117  -0.1230 3    DG  B OP1   
64  O  OP2   . DG  A 3  ? 0.3636 0.5930 0.6691 -0.1271 0.0223  -0.1133 3    DG  B OP2   
65  O  "O5'" . DG  A 3  ? 0.3936 0.7098 0.5929 0.0355  -0.0946 -0.1072 3    DG  B "O5'" 
66  C  "C5'" . DG  A 3  ? 0.4247 0.4092 0.7107 -0.0599 0.1731  -0.0705 3    DG  B "C5'" 
67  C  "C4'" . DG  A 3  ? 0.3539 0.5441 0.4218 0.0328  -0.0389 -0.1527 3    DG  B "C4'" 
68  O  "O4'" . DG  A 3  ? 0.3152 0.4678 0.6858 -0.0792 -0.0393 -0.0546 3    DG  B "O4'" 
69  C  "C3'" . DG  A 3  ? 0.3758 0.5075 0.4951 0.0783  0.1137  -0.0615 3    DG  B "C3'" 
70  O  "O3'" . DG  A 3  ? 0.4157 0.5899 0.4293 -0.0763 0.0366  -0.0594 3    DG  B "O3'" 
71  C  "C2'" . DG  A 3  ? 0.4262 0.4998 0.5287 0.0252  -0.0263 -0.0585 3    DG  B "C2'" 
72  C  "C1'" . DG  A 3  ? 0.3670 0.6805 0.4373 -0.0068 -0.0727 -0.1670 3    DG  B "C1'" 
73  N  N9    . DG  A 3  ? 0.3931 0.5862 0.4422 0.0107  0.0058  0.0181  3    DG  B N9    
74  C  C8    . DG  A 3  ? 0.4007 0.5898 0.4499 -0.0495 0.0830  -0.0324 3    DG  B C8    
75  N  N7    . DG  A 3  ? 0.3018 0.6152 0.5910 0.0477  0.0098  0.0622  3    DG  B N7    
76  C  C5    . DG  A 3  ? 0.3403 0.4241 0.5277 -0.0214 0.1028  -0.0968 3    DG  B C5    
77  C  C6    . DG  A 3  ? 0.5696 0.5086 0.3704 -0.0541 -0.0491 0.0248  3    DG  B C6    
78  O  O6    . DG  A 3  ? 0.4280 0.5348 0.4903 0.0690  0.0221  0.0479  3    DG  B O6    
79  N  N1    . DG  A 3  ? 0.5402 0.4918 0.5261 0.0413  0.0433  -0.1103 3    DG  B N1    
80  C  C2    . DG  A 3  ? 0.4068 0.5155 0.5184 -0.0808 -0.1502 -0.1257 3    DG  B C2    
81  N  N2    . DG  A 3  ? 0.4495 0.3305 0.5507 -0.0632 -0.0129 0.0070  3    DG  B N2    
82  N  N3    . DG  A 3  ? 0.3818 0.3740 0.4749 0.0162  0.0449  -0.0141 3    DG  B N3    
83  C  C4    . DG  A 3  ? 0.5406 0.3255 0.5556 -0.0483 -0.0953 -0.0922 3    DG  B C4    
95  P  P     . DA  A 4  ? 0.4578 0.5850 0.5388 -0.0655 -0.0230 -0.1216 4    DA  B P     
96  O  OP1   . DA  A 4  ? 0.4052 0.4999 0.6153 0.0417  -0.0036 0.0104  4    DA  B OP1   
97  O  OP2   . DA  A 4  ? 0.5842 0.6006 0.4733 -0.0854 -0.0595 -0.0538 4    DA  B OP2   
98  O  "O5'" . DA  A 4  ? 0.4623 0.4975 0.5830 -0.0962 -0.0337 -0.0310 4    DA  B "O5'" 
99  C  "C5'" . DA  A 4  ? 0.3848 0.4007 0.5968 -0.0068 -0.0068 -0.0203 4    DA  B "C5'" 
100 C  "C4'" . DA  A 4  ? 0.4619 0.4434 0.4035 -0.0274 -0.0228 -0.0024 4    DA  B "C4'" 
101 O  "O4'" . DA  A 4  ? 0.3953 0.4154 0.5095 0.0498  -0.0295 -0.0256 4    DA  B "O4'" 
102 C  "C3'" . DA  A 4  ? 0.3962 0.4221 0.4553 -0.0821 -0.0485 -0.0595 4    DA  B "C3'" 
103 O  "O3'" . DA  A 4  ? 0.6413 0.3500 0.5115 0.0516  -0.0134 -0.0232 4    DA  B "O3'" 
104 C  "C2'" . DA  A 4  ? 0.3919 0.4015 0.4764 0.0167  0.0463  -0.0403 4    DA  B "C2'" 
105 C  "C1'" . DA  A 4  ? 0.4143 0.3421 0.4906 0.0161  0.0657  -0.0138 4    DA  B "C1'" 
106 N  N9    . DA  A 4  ? 0.4356 0.2435 0.6580 0.0270  0.0578  -0.1494 4    DA  B N9    
107 C  C8    . DA  A 4  ? 0.3231 0.3685 0.4774 -0.1096 0.0873  -0.1857 4    DA  B C8    
108 N  N7    . DA  A 4  ? 0.2797 0.3613 0.4230 -0.0001 -0.0084 -0.0745 4    DA  B N7    
109 C  C5    . DA  A 4  ? 0.4072 0.4817 0.4986 0.1300  0.0127  -0.0412 4    DA  B C5    
110 C  C6    . DA  A 4  ? 0.3391 0.3544 0.4332 0.0636  0.0649  -0.0897 4    DA  B C6    
111 N  N6    . DA  A 4  ? 0.3545 0.3693 0.4136 -0.0221 0.0432  -0.1092 4    DA  B N6    
112 N  N1    . DA  A 4  ? 0.2278 0.2969 0.5479 -0.0071 0.0038  -0.0808 4    DA  B N1    
113 C  C2    . DA  A 4  ? 0.3700 0.3083 0.4727 0.0190  -0.0137 -0.0449 4    DA  B C2    
114 N  N3    . DA  A 4  ? 0.2901 0.5293 0.4491 0.0163  0.0531  -0.0268 4    DA  B N3    
115 C  C4    . DA  A 4  ? 0.4325 0.2661 0.5403 0.1029  0.0230  0.0009  4    DA  B C4    
127 P  P     . DA  A 5  ? 0.5440 0.4886 0.5056 -0.0237 0.0657  -0.0720 5    DA  B P     
128 O  OP1   . DA  A 5  ? 0.5812 0.4061 0.5007 -0.0730 -0.0259 -0.0811 5    DA  B OP1   
129 O  OP2   . DA  A 5  ? 0.7609 0.3915 0.6230 -0.0827 -0.1071 -0.1114 5    DA  B OP2   
130 O  "O5'" . DA  A 5  ? 0.5345 0.3979 0.5169 -0.0197 0.0031  -0.0801 5    DA  B "O5'" 
131 C  "C5'" . DA  A 5  ? 0.5318 0.3518 0.5787 0.0123  -0.0385 -0.0023 5    DA  B "C5'" 
132 C  "C4'" . DA  A 5  ? 0.5895 0.3364 0.4659 0.0570  0.0761  0.0714  5    DA  B "C4'" 
133 O  "O4'" . DA  A 5  ? 0.5721 0.3462 0.4252 0.0319  0.0154  0.0038  5    DA  B "O4'" 
134 C  "C3'" . DA  A 5  ? 0.5295 0.3686 0.5730 0.0083  0.2420  -0.0658 5    DA  B "C3'" 
135 O  "O3'" . DA  A 5  ? 0.6582 0.3431 0.4635 -0.1050 0.1005  -0.0095 5    DA  B "O3'" 
136 C  "C2'" . DA  A 5  ? 0.4974 0.4402 0.5181 -0.0168 -0.0523 -0.0883 5    DA  B "C2'" 
137 C  "C1'" . DA  A 5  ? 0.4296 0.4219 0.6115 0.0368  -0.0062 -0.1545 5    DA  B "C1'" 
138 N  N9    . DA  A 5  ? 0.4728 0.4426 0.4887 -0.0646 -0.0064 -0.0749 5    DA  B N9    
139 C  C8    . DA  A 5  ? 0.5313 0.3234 0.4875 0.0273  -0.0088 0.0613  5    DA  B C8    
140 N  N7    . DA  A 5  ? 0.5619 0.4146 0.4861 -0.0356 -0.0015 -0.0798 5    DA  B N7    
141 C  C5    . DA  A 5  ? 0.4585 0.3577 0.4668 -0.0595 -0.0004 -0.1692 5    DA  B C5    
142 C  C6    . DA  A 5  ? 0.4386 0.3801 0.4444 0.0191  0.0148  0.0148  5    DA  B C6    
143 N  N6    . DA  A 5  ? 0.3999 0.3605 0.5131 -0.0584 0.0438  -0.0420 5    DA  B N6    
144 N  N1    . DA  A 5  ? 0.4758 0.3592 0.4950 0.0335  0.0061  -0.0422 5    DA  B N1    
145 C  C2    . DA  A 5  ? 0.4573 0.3740 0.4171 -0.0318 0.0486  0.0369  5    DA  B C2    
146 N  N3    . DA  A 5  ? 0.4042 0.2943 0.5488 -0.0278 0.0789  -0.0440 5    DA  B N3    
147 C  C4    . DA  A 5  ? 0.3351 0.3964 0.4421 -0.0705 0.0937  -0.0677 5    DA  B C4    
159 P  P     . DA  A 6  ? 0.7293 0.4012 0.5867 -0.0874 0.1237  -0.0149 6    DA  B P     
160 O  OP1   . DA  A 6  ? 0.7016 0.4620 0.5018 -0.0009 0.2172  -0.0024 6    DA  B OP1   
161 O  OP2   . DA  A 6  ? 0.7022 0.5275 0.5473 -0.0422 0.1766  0.0079  6    DA  B OP2   
162 O  "O5'" . DA  A 6  ? 0.6548 0.4996 0.5872 -0.0915 0.2237  0.0549  6    DA  B "O5'" 
163 C  "C5'" . DA  A 6  ? 0.4532 0.5392 0.5887 0.0058  0.1497  0.0259  6    DA  B "C5'" 
164 C  "C4'" . DA  A 6  ? 0.3910 0.4568 0.5478 -0.0264 0.1827  -0.0664 6    DA  B "C4'" 
165 O  "O4'" . DA  A 6  ? 0.3994 0.3957 0.5188 -0.0322 0.1109  -0.0987 6    DA  B "O4'" 
166 C  "C3'" . DA  A 6  ? 0.5817 0.3632 0.4772 -0.0086 0.1412  -0.0685 6    DA  B "C3'" 
167 O  "O3'" . DA  A 6  ? 0.3795 0.5518 0.6321 -0.1143 0.0675  0.0065  6    DA  B "O3'" 
168 C  "C2'" . DA  A 6  ? 0.4993 0.4716 0.3806 0.0168  0.0904  -0.0397 6    DA  B "C2'" 
169 C  "C1'" . DA  A 6  ? 0.4341 0.3386 0.5426 -0.0588 0.0276  -0.0071 6    DA  B "C1'" 
170 N  N9    . DA  A 6  ? 0.5612 0.3837 0.5433 -0.0445 0.0523  -0.1158 6    DA  B N9    
171 C  C8    . DA  A 6  ? 0.4898 0.3587 0.3716 -0.0012 0.0358  -0.0031 6    DA  B C8    
172 N  N7    . DA  A 6  ? 0.4180 0.4168 0.5451 -0.0478 0.1387  -0.1154 6    DA  B N7    
173 C  C5    . DA  A 6  ? 0.5061 0.3615 0.4564 -0.1322 0.0157  -0.0913 6    DA  B C5    
174 C  C6    . DA  A 6  ? 0.5201 0.3064 0.3847 -0.0582 0.0122  -0.0494 6    DA  B C6    
175 N  N6    . DA  A 6  ? 0.3597 0.3589 0.6065 -0.0157 0.0464  -0.0706 6    DA  B N6    
176 N  N1    . DA  A 6  ? 0.4499 0.4952 0.5122 -0.0968 0.1334  -0.0118 6    DA  B N1    
177 C  C2    . DA  A 6  ? 0.5680 0.3199 0.4536 -0.0873 0.0261  -0.0449 6    DA  B C2    
178 N  N3    . DA  A 6  ? 0.4673 0.3903 0.5490 -0.0718 0.1175  -0.0392 6    DA  B N3    
179 C  C4    . DA  A 6  ? 0.4528 0.5192 0.4088 -0.0384 -0.0566 -0.0851 6    DA  B C4    
191 P  P     . DT  A 7  ? 0.4552 0.4876 0.5991 0.0421  0.1306  -0.0366 7    DT  B P     
192 O  OP1   . DT  A 7  ? 0.4686 0.4835 0.5111 0.0009  0.0867  -0.0678 7    DT  B OP1   
193 O  OP2   . DT  A 7  ? 0.5525 0.4247 0.5375 -0.1138 0.1433  0.0330  7    DT  B OP2   
194 O  "O5'" . DT  A 7  ? 0.4632 0.4571 0.6405 -0.0538 0.1363  -0.1405 7    DT  B "O5'" 
195 C  "C5'" . DT  A 7  ? 0.4003 0.5040 0.6011 0.0257  0.0901  -0.0712 7    DT  B "C5'" 
196 C  "C4'" . DT  A 7  ? 0.5008 0.5901 0.4536 -0.0195 -0.0559 0.0130  7    DT  B "C4'" 
197 O  "O4'" . DT  A 7  ? 0.3836 0.5006 0.4698 -0.0634 0.1082  -0.0518 7    DT  B "O4'" 
198 C  "C3'" . DT  A 7  ? 0.5376 0.4192 0.6129 -0.0628 0.0245  -0.1025 7    DT  B "C3'" 
199 O  "O3'" . DT  A 7  ? 0.4219 0.6022 0.4987 -0.1043 0.0167  0.0192  7    DT  B "O3'" 
200 C  "C2'" . DT  A 7  ? 0.4772 0.4015 0.6351 0.1153  0.0013  -0.0905 7    DT  B "C2'" 
201 C  "C1'" . DT  A 7  ? 0.3902 0.4413 0.6428 -0.0602 0.0882  -0.0569 7    DT  B "C1'" 
202 N  N1    . DT  A 7  ? 0.4082 0.4424 0.4893 -0.0299 0.1432  -0.0444 7    DT  B N1    
203 C  C2    . DT  A 7  ? 0.6064 0.2996 0.5483 -0.0536 0.1122  -0.1068 7    DT  B C2    
204 O  O2    . DT  A 7  ? 0.4738 0.4631 0.5896 -0.0458 0.0429  -0.0600 7    DT  B O2    
205 N  N3    . DT  A 7  ? 0.4905 0.4225 0.5011 -0.0269 0.0281  0.0076  7    DT  B N3    
206 C  C4    . DT  A 7  ? 0.5745 0.3448 0.4270 -0.0463 -0.0271 -0.0950 7    DT  B C4    
207 O  O4    . DT  A 7  ? 0.4683 0.3553 0.6050 -0.0698 0.1061  -0.1108 7    DT  B O4    
208 C  C5    . DT  A 7  ? 0.3311 0.3206 0.4583 -0.0432 0.0701  -0.1094 7    DT  B C5    
209 C  C7    . DT  A 7  ? 0.6632 0.2996 0.6809 0.0111  0.1871  -0.0005 7    DT  B C7    
210 C  C6    . DT  A 7  ? 0.3802 0.4371 0.4862 0.1026  0.0836  -0.0270 7    DT  B C6    
223 P  P     . DT  A 8  ? 0.4735 0.5547 0.4392 -0.0161 -0.0152 0.0779  8    DT  B P     
224 O  OP1   . DT  A 8  ? 0.4362 0.5068 0.3729 -0.0899 0.0311  -0.0150 8    DT  B OP1   
225 O  OP2   . DT  A 8  ? 0.4066 0.4422 0.4842 0.0457  0.0025  -0.0058 8    DT  B OP2   
226 O  "O5'" . DT  A 8  ? 0.4035 0.4953 0.5179 0.0537  0.0034  -0.0724 8    DT  B "O5'" 
227 C  "C5'" . DT  A 8  ? 0.4434 0.5042 0.4880 -0.0242 -0.0703 -0.0713 8    DT  B "C5'" 
228 C  "C4'" . DT  A 8  ? 0.7026 0.3767 0.3965 -0.0576 0.0750  0.1136  8    DT  B "C4'" 
229 O  "O4'" . DT  A 8  ? 0.6095 0.4127 0.3919 -0.0110 0.0432  0.0859  8    DT  B "O4'" 
230 C  "C3'" . DT  A 8  ? 0.5037 0.4498 0.5811 -0.0333 0.0828  0.1046  8    DT  B "C3'" 
231 O  "O3'" . DT  A 8  ? 0.4019 0.4118 0.6418 0.0304  0.0608  0.0382  8    DT  B "O3'" 
232 C  "C2'" . DT  A 8  ? 0.4864 0.4816 0.4583 -0.0621 0.0562  0.1627  8    DT  B "C2'" 
233 C  "C1'" . DT  A 8  ? 0.4906 0.3757 0.4974 0.0113  0.1718  0.0205  8    DT  B "C1'" 
234 N  N1    . DT  A 8  ? 0.4037 0.3828 0.5616 0.0003  0.1080  0.0144  8    DT  B N1    
235 C  C2    . DT  A 8  ? 0.4383 0.4042 0.4301 0.0262  0.0388  -0.0031 8    DT  B C2    
236 O  O2    . DT  A 8  ? 0.5106 0.4777 0.3704 -0.0700 0.0995  0.0790  8    DT  B O2    
237 N  N3    . DT  A 8  ? 0.3211 0.4547 0.5554 -0.0018 0.0959  -0.1076 8    DT  B N3    
238 C  C4    . DT  A 8  ? 0.3418 0.4158 0.4324 -0.0135 0.0655  -0.0336 8    DT  B C4    
239 O  O4    . DT  A 8  ? 0.3440 0.3619 0.5719 -0.0139 0.1083  -0.0873 8    DT  B O4    
240 C  C5    . DT  A 8  ? 0.3927 0.5033 0.4540 -0.0243 -0.0296 -0.0319 8    DT  B C5    
241 C  C7    . DT  A 8  ? 0.2925 0.4365 0.5641 0.0266  0.0707  0.0344  8    DT  B C7    
242 C  C6    . DT  A 8  ? 0.3039 0.3647 0.4358 -0.0121 0.0158  0.0321  8    DT  B C6    
255 P  P     . DA  A 9  ? 0.4101 0.4964 0.5076 -0.0302 0.0558  0.0665  9    DA  B P     
256 O  OP1   . DA  A 9  ? 0.4761 0.7475 0.4772 -0.0626 -0.0060 0.1359  9    DA  B OP1   
257 O  OP2   . DA  A 9  ? 0.3525 0.5612 0.5339 -0.0530 0.0745  0.1189  9    DA  B OP2   
258 O  "O5'" . DA  A 9  ? 0.4546 0.4308 0.4370 0.0208  0.0182  0.0005  9    DA  B "O5'" 
259 C  "C5'" . DA  A 9  ? 0.4228 0.3836 0.5488 0.0196  -0.0330 -0.0541 9    DA  B "C5'" 
260 C  "C4'" . DA  A 9  ? 0.4146 0.3502 0.5487 -0.0012 0.0386  0.0993  9    DA  B "C4'" 
261 O  "O4'" . DA  A 9  ? 0.4781 0.3786 0.4444 0.0018  0.0386  0.0105  9    DA  B "O4'" 
262 C  "C3'" . DA  A 9  ? 0.4247 0.5724 0.5612 0.0130  0.0899  0.0132  9    DA  B "C3'" 
263 O  "O3'" . DA  A 9  ? 0.3823 0.5356 0.5799 0.1538  0.0558  -0.0708 9    DA  B "O3'" 
264 C  "C2'" . DA  A 9  ? 0.5342 0.3987 0.5750 -0.0128 0.1950  0.0832  9    DA  B "C2'" 
265 C  "C1'" . DA  A 9  ? 0.3862 0.4945 0.4555 0.0338  0.1795  -0.0359 9    DA  B "C1'" 
266 N  N9    . DA  A 9  ? 0.3397 0.4342 0.4235 0.0432  0.0476  -0.0646 9    DA  B N9    
267 C  C8    . DA  A 9  ? 0.4399 0.4380 0.4611 -0.1151 0.0764  -0.0106 9    DA  B C8    
268 N  N7    . DA  A 9  ? 0.3463 0.4949 0.4229 0.0782  0.1549  0.0932  9    DA  B N7    
269 C  C5    . DA  A 9  ? 0.3967 0.5057 0.3988 -0.0476 0.1658  0.0909  9    DA  B C5    
270 C  C6    . DA  A 9  ? 0.2534 0.5212 0.4617 -0.0467 0.0442  0.0398  9    DA  B C6    
271 N  N6    . DA  A 9  ? 0.3304 0.4737 0.4905 -0.0220 0.0341  0.1069  9    DA  B N6    
272 N  N1    . DA  A 9  ? 0.2885 0.6305 0.3945 0.0524  0.0740  0.0479  9    DA  B N1    
273 C  C2    . DA  A 9  ? 0.3484 0.3988 0.5655 -0.0062 0.0984  0.0856  9    DA  B C2    
274 N  N3    . DA  A 9  ? 0.3851 0.5243 0.4589 0.0048  0.0595  0.0565  9    DA  B N3    
275 C  C4    . DA  A 9  ? 0.2669 0.5214 0.5862 0.0442  0.0497  -0.0720 9    DA  B C4    
287 P  P     . DC  A 10 ? 0.5066 0.4976 0.6399 0.0028  -0.0025 -0.0235 10   DC  B P     
288 O  OP1   . DC  A 10 ? 0.6895 0.4984 0.7265 -0.0662 -0.1886 0.0151  10   DC  B OP1   
289 O  OP2   . DC  A 10 ? 0.6739 0.4745 0.6502 -0.0357 -0.0313 0.0389  10   DC  B OP2   
290 O  "O5'" . DC  A 10 ? 0.5108 0.4362 0.6726 0.0917  0.0405  -0.0670 10   DC  B "O5'" 
291 C  "C5'" . DC  A 10 ? 0.4497 0.4696 0.5500 -0.0597 0.1421  -0.0146 10   DC  B "C5'" 
292 C  "C4'" . DC  A 10 ? 0.4295 0.3847 0.6253 0.0366  -0.0566 -0.0587 10   DC  B "C4'" 
293 O  "O4'" . DC  A 10 ? 0.3282 0.3870 0.4567 0.0223  0.0112  0.0276  10   DC  B "O4'" 
294 C  "C3'" . DC  A 10 ? 0.4752 0.3119 0.5435 0.0431  0.0738  -0.0115 10   DC  B "C3'" 
295 O  "O3'" . DC  A 10 ? 0.4477 0.4025 0.6030 0.0693  0.0456  0.0073  10   DC  B "O3'" 
296 C  "C2'" . DC  A 10 ? 0.5890 0.3294 0.6411 0.1009  0.1787  -0.0207 10   DC  B "C2'" 
297 C  "C1'" . DC  A 10 ? 0.3661 0.4075 0.4757 0.0628  0.0364  0.0246  10   DC  B "C1'" 
298 N  N1    . DC  A 10 ? 0.3687 0.3572 0.4686 -0.0240 0.0557  -0.0572 10   DC  B N1    
299 C  C2    . DC  A 10 ? 0.2719 0.4761 0.4902 0.0396  0.0965  0.1034  10   DC  B C2    
300 O  O2    . DC  A 10 ? 0.4036 0.2593 0.4684 0.0176  0.0898  -0.0507 10   DC  B O2    
301 N  N3    . DC  A 10 ? 0.3652 0.2832 0.4393 0.0432  0.0221  -0.0062 10   DC  B N3    
302 C  C4    . DC  A 10 ? 0.3597 0.4611 0.3962 0.0312  -0.0059 -0.0920 10   DC  B C4    
303 N  N4    . DC  A 10 ? 0.4024 0.3317 0.5034 0.0196  -0.0150 -0.0156 10   DC  B N4    
304 C  C5    . DC  A 10 ? 0.4538 0.3748 0.4750 -0.0028 0.0398  -0.0795 10   DC  B C5    
305 C  C6    . DC  A 10 ? 0.4096 0.3381 0.4879 0.0403  -0.0077 -0.0174 10   DC  B C6    
317 P  P     . DC  A 11 ? 0.4713 0.3965 0.7610 -0.0272 -0.0030 -0.0368 11   DC  B P     
318 O  OP1   . DC  A 11 ? 0.4953 0.4975 0.6844 0.1180  0.0128  0.1303  11   DC  B OP1   
319 O  OP2   . DC  A 11 ? 0.4430 0.3796 0.8459 0.0734  0.1130  0.1205  11   DC  B OP2   
320 O  "O5'" . DC  A 11 ? 0.6795 0.2396 0.5882 -0.0135 0.0199  0.0991  11   DC  B "O5'" 
321 C  "C5'" . DC  A 11 ? 0.4412 0.2955 0.5247 0.0607  -0.0739 0.0483  11   DC  B "C5'" 
322 C  "C4'" . DC  A 11 ? 0.4127 0.2559 0.5465 -0.0785 0.0603  -0.0400 11   DC  B "C4'" 
323 O  "O4'" . DC  A 11 ? 0.4425 0.3437 0.5546 0.0407  0.0026  0.0398  11   DC  B "O4'" 
324 C  "C3'" . DC  A 11 ? 0.4977 0.3403 0.6628 0.1325  0.1005  0.0613  11   DC  B "C3'" 
325 O  "O3'" . DC  A 11 ? 0.5408 0.3643 0.8159 0.1254  0.0152  -0.0769 11   DC  B "O3'" 
326 C  "C2'" . DC  A 11 ? 0.5505 0.4069 0.5905 0.0569  0.1048  0.0218  11   DC  B "C2'" 
327 C  "C1'" . DC  A 11 ? 0.3255 0.4265 0.5390 0.0246  -0.0295 0.1072  11   DC  B "C1'" 
328 N  N1    . DC  A 11 ? 0.5073 0.3950 0.6099 -0.0350 -0.0398 -0.0744 11   DC  B N1    
329 C  C2    . DC  A 11 ? 0.3717 0.3113 0.6351 0.0851  0.1636  -0.0502 11   DC  B C2    
330 O  O2    . DC  A 11 ? 0.3985 0.2665 0.6033 0.0172  0.0738  -0.0841 11   DC  B O2    
331 N  N3    . DC  A 11 ? 0.4068 0.3792 0.5032 -0.0168 0.0439  -0.0258 11   DC  B N3    
332 C  C4    . DC  A 11 ? 0.3699 0.4395 0.5586 -0.0652 -0.0200 -0.0786 11   DC  B C4    
333 N  N4    . DC  A 11 ? 0.4353 0.3920 0.6600 -0.0429 0.1271  -0.1077 11   DC  B N4    
334 C  C5    . DC  A 11 ? 0.4780 0.3423 0.5838 0.0421  0.1717  -0.0789 11   DC  B C5    
335 C  C6    . DC  A 11 ? 0.3753 0.4084 0.6902 0.0040  0.0238  0.0796  11   DC  B C6    
347 P  P     . DG  A 12 ? 0.5233 0.4306 0.5901 -0.0229 0.0469  -0.0214 12   DG  B P     
348 O  OP1   . DG  A 12 ? 0.5163 0.4001 0.8038 0.0586  0.0247  0.1017  12   DG  B OP1   
349 O  OP2   . DG  A 12 ? 0.3473 0.4948 0.8775 0.0433  0.0002  0.0316  12   DG  B OP2   
350 O  "O5'" . DG  A 12 ? 0.5526 0.3828 0.6671 -0.2154 0.0061  -0.0103 12   DG  B "O5'" 
351 C  "C5'" . DG  A 12 ? 0.4268 0.3621 0.5417 -0.0411 0.0123  -0.0524 12   DG  B "C5'" 
352 C  "C4'" . DG  A 12 ? 0.4021 0.3190 0.4410 0.0290  0.0176  -0.1042 12   DG  B "C4'" 
353 O  "O4'" . DG  A 12 ? 0.4548 0.3473 0.5148 -0.0159 0.0180  -0.0729 12   DG  B "O4'" 
354 C  "C3'" . DG  A 12 ? 0.4402 0.3486 0.4870 -0.0373 0.0596  0.0545  12   DG  B "C3'" 
355 O  "O3'" . DG  A 12 ? 0.5297 0.3363 0.4406 -0.0011 0.0215  -0.0468 12   DG  B "O3'" 
356 C  "C2'" . DG  A 12 ? 0.4536 0.5455 0.6632 0.1032  0.0604  -0.0312 12   DG  B "C2'" 
357 C  "C1'" . DG  A 12 ? 0.4432 0.5304 0.5160 -0.0491 -0.0159 -0.1268 12   DG  B "C1'" 
358 N  N9    . DG  A 12 ? 0.4456 0.3993 0.5662 -0.0247 0.0003  -0.0498 12   DG  B N9    
359 C  C8    . DG  A 12 ? 0.4805 0.5794 0.5732 0.0097  0.0884  -0.0515 12   DG  B C8    
360 N  N7    . DG  A 12 ? 0.7767 0.2945 0.6388 0.0009  0.1460  -0.0534 12   DG  B N7    
361 C  C5    . DG  A 12 ? 0.6218 0.3460 0.5355 -0.0051 0.0593  -0.0174 12   DG  B C5    
362 C  C6    . DG  A 12 ? 0.6179 0.4352 0.5686 -0.0316 0.0039  -0.1483 12   DG  B C6    
363 O  O6    . DG  A 12 ? 0.4654 0.5985 0.4621 -0.0681 0.0079  -0.0287 12   DG  B O6    
364 N  N1    . DG  A 12 ? 0.6350 0.4487 0.7147 0.0619  0.0613  -0.1976 12   DG  B N1    
365 C  C2    . DG  A 12 ? 0.5150 0.4803 0.6069 -0.0159 0.0617  -0.1770 12   DG  B C2    
366 N  N2    . DG  A 12 ? 0.4826 0.4648 0.4975 0.0441  0.0650  -0.0887 12   DG  B N2    
367 N  N3    . DG  A 12 ? 0.4779 0.5491 0.5498 0.0129  0.0621  -0.0707 12   DG  B N3    
368 C  C4    . DG  A 12 ? 0.5952 0.5522 0.4879 0.0574  0.0930  -0.0049 12   DG  B C4    
381 O  "O5'" . DC  B 1  ? 0.7697 0.8759 0.8040 -0.0631 -0.1150 -0.1094 1    DC  A "O5'" 
382 C  "C5'" . DC  B 1  ? 0.9045 0.8724 0.9076 -0.0369 -0.0501 0.0185  1    DC  A "C5'" 
383 C  "C4'" . DC  B 1  ? 0.7498 0.8093 0.8170 0.0063  -0.0127 0.0209  1    DC  A "C4'" 
384 O  "O4'" . DC  B 1  ? 0.9119 0.6542 0.8201 -0.0185 -0.0192 -0.1099 1    DC  A "O4'" 
385 C  "C3'" . DC  B 1  ? 0.6444 0.4852 0.7167 -0.0062 0.0538  0.0250  1    DC  A "C3'" 
386 O  "O3'" . DC  B 1  ? 0.6417 0.7014 0.5788 -0.0518 -0.0110 0.0163  1    DC  A "O3'" 
387 C  "C2'" . DC  B 1  ? 0.4530 0.7469 0.4940 0.0341  -0.0733 0.0203  1    DC  A "C2'" 
388 C  "C1'" . DC  B 1  ? 0.5246 0.6209 0.5775 0.0188  0.1839  -0.0233 1    DC  A "C1'" 
389 N  N1    . DC  B 1  ? 0.6627 0.4367 0.5960 -0.0440 0.0935  -0.1292 1    DC  A N1    
390 C  C2    . DC  B 1  ? 0.5838 0.5649 0.3989 0.0301  0.0935  0.0592  1    DC  A C2    
391 O  O2    . DC  B 1  ? 0.5451 0.5485 0.5557 -0.0547 0.2010  -0.0618 1    DC  A O2    
392 N  N3    . DC  B 1  ? 0.5087 0.5261 0.6115 0.0904  -0.0367 -0.0454 1    DC  A N3    
393 C  C4    . DC  B 1  ? 0.4062 0.5276 0.5424 -0.0083 0.0310  -0.1422 1    DC  A C4    
394 N  N4    . DC  B 1  ? 0.4821 0.5742 0.4828 0.0590  0.0155  -0.0468 1    DC  A N4    
395 C  C5    . DC  B 1  ? 0.6509 0.4576 0.5310 -0.0074 0.0828  -0.1174 1    DC  A C5    
396 C  C6    . DC  B 1  ? 0.6452 0.5733 0.4341 0.1076  -0.0073 0.0100  1    DC  A C6    
409 P  P     . DG  B 2  ? 0.5740 0.7348 0.6576 -0.0216 0.0911  -0.0211 2    DG  A P     
410 O  OP1   . DG  B 2  ? 0.6911 0.8342 0.6353 0.0222  0.1013  0.0712  2    DG  A OP1   
411 O  OP2   . DG  B 2  ? 0.6995 0.8441 0.5551 0.0246  0.1195  0.1423  2    DG  A OP2   
412 O  "O5'" . DG  B 2  ? 0.6798 0.6922 0.5135 0.0253  -0.0625 0.1896  2    DG  A "O5'" 
413 C  "C5'" . DG  B 2  ? 0.4623 0.6192 0.5906 0.0119  -0.0187 -0.0039 2    DG  A "C5'" 
414 C  "C4'" . DG  B 2  ? 0.4089 0.5926 0.6079 0.1152  0.0603  0.0376  2    DG  A "C4'" 
415 O  "O4'" . DG  B 2  ? 0.4709 0.4397 0.4911 -0.0208 0.0625  0.0602  2    DG  A "O4'" 
416 C  "C3'" . DG  B 2  ? 0.4244 0.4733 0.4964 0.0101  0.1204  0.0255  2    DG  A "C3'" 
417 O  "O3'" . DG  B 2  ? 0.4299 0.4520 0.6550 -0.0642 0.1340  0.1211  2    DG  A "O3'" 
418 C  "C2'" . DG  B 2  ? 0.4931 0.3651 0.4882 -0.0385 0.0500  0.0710  2    DG  A "C2'" 
419 C  "C1'" . DG  B 2  ? 0.4578 0.4234 0.4465 0.0922  0.0655  0.0328  2    DG  A "C1'" 
420 N  N9    . DG  B 2  ? 0.3359 0.4268 0.4095 0.0167  -0.0061 0.0568  2    DG  A N9    
421 C  C8    . DG  B 2  ? 0.3318 0.7545 0.4448 -0.0117 0.0596  0.0159  2    DG  A C8    
422 N  N7    . DG  B 2  ? 0.3625 0.6199 0.4717 -0.0524 -0.0128 0.0276  2    DG  A N7    
423 C  C5    . DG  B 2  ? 0.4077 0.5009 0.4600 -0.0304 -0.0277 0.0222  2    DG  A C5    
424 C  C6    . DG  B 2  ? 0.2925 0.4344 0.4912 -0.0015 -0.0124 0.0381  2    DG  A C6    
425 O  O6    . DG  B 2  ? 0.3302 0.4087 0.4364 0.0038  0.0280  -0.0375 2    DG  A O6    
426 N  N1    . DG  B 2  ? 0.5105 0.4559 0.4772 -0.0236 -0.0746 -0.0257 2    DG  A N1    
427 C  C2    . DG  B 2  ? 0.5904 0.3819 0.4109 0.0508  0.0353  -0.0355 2    DG  A C2    
428 N  N2    . DG  B 2  ? 0.4204 0.2829 0.5722 0.0147  0.1173  -0.0295 2    DG  A N2    
429 N  N3    . DG  B 2  ? 0.4044 0.3337 0.4371 -0.0103 0.0456  0.0034  2    DG  A N3    
430 C  C4    . DG  B 2  ? 0.5168 0.3166 0.4633 -0.0267 0.0411  0.0512  2    DG  A C4    
442 P  P     . DG  B 3  ? 0.5413 0.3972 0.6784 -0.0407 0.0119  0.1079  3    DG  A P     
443 O  OP1   . DG  B 3  ? 0.6477 0.5691 0.5371 0.0267  0.1647  0.1341  3    DG  A OP1   
444 O  OP2   . DG  B 3  ? 0.7980 0.4090 0.7513 -0.0839 0.0099  0.0883  3    DG  A OP2   
445 O  "O5'" . DG  B 3  ? 0.6159 0.4402 0.5522 0.0191  0.1314  0.0438  3    DG  A "O5'" 
446 C  "C5'" . DG  B 3  ? 0.4778 0.4768 0.5882 0.0704  0.0877  -0.0086 3    DG  A "C5'" 
447 C  "C4'" . DG  B 3  ? 0.4192 0.5222 0.6271 0.1564  -0.0474 -0.0729 3    DG  A "C4'" 
448 O  "O4'" . DG  B 3  ? 0.3812 0.4028 0.4962 -0.0209 0.0110  0.0229  3    DG  A "O4'" 
449 C  "C3'" . DG  B 3  ? 0.4077 0.5390 0.6650 0.1108  0.0651  -0.0423 3    DG  A "C3'" 
450 O  "O3'" . DG  B 3  ? 0.7233 0.3110 0.6528 -0.0379 0.0224  0.0066  3    DG  A "O3'" 
451 C  "C2'" . DG  B 3  ? 0.3501 0.4144 0.6402 0.0936  0.1044  0.0262  3    DG  A "C2'" 
452 C  "C1'" . DG  B 3  ? 0.3800 0.3152 0.5558 0.0315  0.0969  -0.0447 3    DG  A "C1'" 
453 N  N9    . DG  B 3  ? 0.3807 0.3408 0.6250 0.0360  0.0683  0.0163  3    DG  A N9    
454 C  C8    . DG  B 3  ? 0.3812 0.4955 0.5333 0.0107  0.0146  -0.0191 3    DG  A C8    
455 N  N7    . DG  B 3  ? 0.3752 0.4499 0.5447 0.0311  0.0940  0.0512  3    DG  A N7    
456 C  C5    . DG  B 3  ? 0.4380 0.3871 0.5836 -0.0019 0.0766  0.0043  3    DG  A C5    
457 C  C6    . DG  B 3  ? 0.3280 0.3493 0.4682 -0.0264 0.1392  0.0038  3    DG  A C6    
458 O  O6    . DG  B 3  ? 0.3436 0.3334 0.4450 -0.0089 0.1023  0.0295  3    DG  A O6    
459 N  N1    . DG  B 3  ? 0.3744 0.2896 0.4740 0.0865  -0.0211 -0.0515 3    DG  A N1    
460 C  C2    . DG  B 3  ? 0.4611 0.3634 0.4932 0.0776  0.0469  -0.0848 3    DG  A C2    
461 N  N2    . DG  B 3  ? 0.3497 0.3399 0.4905 0.0264  0.0260  0.0118  3    DG  A N2    
462 N  N3    . DG  B 3  ? 0.3627 0.3561 0.5004 -0.0526 0.0397  -0.0385 3    DG  A N3    
463 C  C4    . DG  B 3  ? 0.3508 0.2906 0.5721 0.0233  0.0475  0.0365  3    DG  A C4    
475 P  P     . DA  B 4  ? 0.5512 0.4179 0.7731 -0.0084 0.1401  -0.0872 4    DA  A P     
476 O  OP1   . DA  B 4  ? 0.4778 0.4582 0.7110 -0.0272 0.1455  -0.0784 4    DA  A OP1   
477 O  OP2   . DA  B 4  ? 0.4504 0.3393 0.8375 0.0138  0.0812  -0.1404 4    DA  A OP2   
478 O  "O5'" . DA  B 4  ? 0.3813 0.5674 0.5546 0.0216  0.0982  -0.2368 4    DA  A "O5'" 
479 C  "C5'" . DA  B 4  ? 0.3964 0.5300 0.4789 -0.0389 0.1443  -0.1591 4    DA  A "C5'" 
480 C  "C4'" . DA  B 4  ? 0.4314 0.3551 0.5140 0.0832  0.0462  -0.1197 4    DA  A "C4'" 
481 O  "O4'" . DA  B 4  ? 0.3910 0.3795 0.6289 -0.0078 0.0720  -0.0332 4    DA  A "O4'" 
482 C  "C3'" . DA  B 4  ? 0.3880 0.2448 0.6258 -0.0779 0.0732  -0.1170 4    DA  A "C3'" 
483 O  "O3'" . DA  B 4  ? 0.3111 0.5226 0.6669 -0.0757 0.0899  -0.1325 4    DA  A "O3'" 
484 C  "C2'" . DA  B 4  ? 0.4309 0.2842 0.5227 -0.0132 0.1081  -0.0525 4    DA  A "C2'" 
485 C  "C1'" . DA  B 4  ? 0.4106 0.5391 0.4203 0.0184  0.0941  0.0163  4    DA  A "C1'" 
486 N  N9    . DA  B 4  ? 0.3680 0.4375 0.3957 0.0499  0.0921  -0.0300 4    DA  A N9    
487 C  C8    . DA  B 4  ? 0.3946 0.2682 0.5186 -0.0593 0.0138  -0.0892 4    DA  A C8    
488 N  N7    . DA  B 4  ? 0.3206 0.2993 0.5019 -0.0332 0.0589  0.0083  4    DA  A N7    
489 C  C5    . DA  B 4  ? 0.4100 0.4418 0.4591 0.0995  0.0449  0.0631  4    DA  A C5    
490 C  C6    . DA  B 4  ? 0.3037 0.3773 0.4631 0.0273  -0.0046 0.0114  4    DA  A C6    
491 N  N6    . DA  B 4  ? 0.4596 0.3445 0.5571 -0.0765 -0.0193 -0.0020 4    DA  A N6    
492 N  N1    . DA  B 4  ? 0.3664 0.3320 0.4717 -0.0423 0.0415  -0.0826 4    DA  A N1    
493 C  C2    . DA  B 4  ? 0.4804 0.3968 0.5560 0.0123  -0.0697 -0.0233 4    DA  A C2    
494 N  N3    . DA  B 4  ? 0.3890 0.4425 0.5042 0.0578  0.0946  -0.0764 4    DA  A N3    
495 C  C4    . DA  B 4  ? 0.5873 0.2463 0.4981 0.0109  0.0102  0.0005  4    DA  A C4    
507 P  P     . DA  B 5  ? 0.5092 0.4861 0.6290 -0.0268 0.0857  -0.0802 5    DA  A P     
508 O  OP1   . DA  B 5  ? 0.6364 0.4362 0.5446 -0.0842 0.1620  -0.2268 5    DA  A OP1   
509 O  OP2   . DA  B 5  ? 0.4091 0.6214 0.5598 0.0804  0.0812  -0.1124 5    DA  A OP2   
510 O  "O5'" . DA  B 5  ? 0.4364 0.5155 0.4563 0.0063  0.0617  -0.1797 5    DA  A "O5'" 
511 C  "C5'" . DA  B 5  ? 0.2957 0.5292 0.4702 0.0153  0.0627  0.0028  5    DA  A "C5'" 
512 C  "C4'" . DA  B 5  ? 0.3426 0.5947 0.5628 0.0099  0.1368  -0.1668 5    DA  A "C4'" 
513 O  "O4'" . DA  B 5  ? 0.4117 0.4578 0.5486 0.0239  0.1088  -0.1242 5    DA  A "O4'" 
514 C  "C3'" . DA  B 5  ? 0.3185 0.5814 0.6174 0.0912  0.0517  -0.0473 5    DA  A "C3'" 
515 O  "O3'" . DA  B 5  ? 0.4503 0.7297 0.6000 -0.0600 0.1506  -0.1412 5    DA  A "O3'" 
516 C  "C2'" . DA  B 5  ? 0.5363 0.3348 0.7330 -0.0208 -0.0014 -0.1937 5    DA  A "C2'" 
517 C  "C1'" . DA  B 5  ? 0.5337 0.4296 0.5375 -0.0543 0.0606  -0.1575 5    DA  A "C1'" 
518 N  N9    . DA  B 5  ? 0.5212 0.4368 0.5503 0.0612  -0.0090 -0.1529 5    DA  A N9    
519 C  C8    . DA  B 5  ? 0.5507 0.3642 0.6252 -0.0017 0.1049  -0.1501 5    DA  A C8    
520 N  N7    . DA  B 5  ? 0.3467 0.5382 0.6648 -0.0911 0.0702  -0.2183 5    DA  A N7    
521 C  C5    . DA  B 5  ? 0.3804 0.4332 0.4976 -0.0156 -0.1017 -0.0732 5    DA  A C5    
522 C  C6    . DA  B 5  ? 0.3474 0.3910 0.4790 -0.0392 0.0200  -0.0923 5    DA  A C6    
523 N  N6    . DA  B 5  ? 0.3562 0.3778 0.6211 -0.0003 0.1482  -0.0857 5    DA  A N6    
524 N  N1    . DA  B 5  ? 0.3705 0.5655 0.4670 -0.0057 0.1161  -0.0813 5    DA  A N1    
525 C  C2    . DA  B 5  ? 0.5274 0.4534 0.5327 -0.0249 -0.0784 -0.0842 5    DA  A C2    
526 N  N3    . DA  B 5  ? 0.3447 0.5364 0.5857 -0.0712 0.0081  -0.0973 5    DA  A N3    
527 C  C4    . DA  B 5  ? 0.4060 0.4004 0.5121 0.0131  0.0191  -0.1621 5    DA  A C4    
539 P  P     . DA  B 6  ? 0.6080 0.6548 0.6510 -0.1357 0.2219  -0.1906 6    DA  A P     
540 O  OP1   . DA  B 6  ? 0.4826 0.8217 0.7373 -0.0643 0.2834  -0.1767 6    DA  A OP1   
541 O  OP2   . DA  B 6  ? 0.6316 0.5334 0.6734 -0.1019 0.0367  -0.1016 6    DA  A OP2   
542 O  "O5'" . DA  B 6  ? 0.5536 0.6118 0.6671 -0.0432 0.1731  -0.0220 6    DA  A "O5'" 
543 C  "C5'" . DA  B 6  ? 0.4858 0.6202 0.7402 0.0033  0.0851  -0.0623 6    DA  A "C5'" 
544 C  "C4'" . DA  B 6  ? 0.7966 0.7089 0.5773 -0.1220 0.0179  0.1091  6    DA  A "C4'" 
545 O  "O4'" . DA  B 6  ? 0.4969 0.7210 0.5011 -0.1155 0.1145  -0.1151 6    DA  A "O4'" 
546 C  "C3'" . DA  B 6  ? 0.6196 0.7211 0.5762 -0.1082 0.0430  -0.0188 6    DA  A "C3'" 
547 O  "O3'" . DA  B 6  ? 0.5624 0.6587 0.6346 -0.0838 0.1379  -0.0481 6    DA  A "O3'" 
548 C  "C2'" . DA  B 6  ? 0.5846 0.5618 0.5250 -0.0739 0.1281  -0.0752 6    DA  A "C2'" 
549 C  "C1'" . DA  B 6  ? 0.6281 0.5516 0.6736 0.0147  0.0361  -0.0565 6    DA  A "C1'" 
550 N  N9    . DA  B 6  ? 0.4934 0.5408 0.5133 -0.0640 0.0896  -0.1724 6    DA  A N9    
551 C  C8    . DA  B 6  ? 0.5391 0.4758 0.4844 -0.0183 0.0210  -0.0959 6    DA  A C8    
552 N  N7    . DA  B 6  ? 0.5467 0.5552 0.6480 -0.0645 0.0642  -0.2000 6    DA  A N7    
553 C  C5    . DA  B 6  ? 0.5494 0.4300 0.4859 -0.0442 -0.0716 -0.1497 6    DA  A C5    
554 C  C6    . DA  B 6  ? 0.3809 0.5193 0.4902 -0.0087 -0.0174 -0.1353 6    DA  A C6    
555 N  N6    . DA  B 6  ? 0.4304 0.4683 0.6172 -0.0511 0.0698  -0.1814 6    DA  A N6    
556 N  N1    . DA  B 6  ? 0.3985 0.4892 0.4591 -0.0836 0.0115  0.0060  6    DA  A N1    
557 C  C2    . DA  B 6  ? 0.3484 0.4372 0.5186 -0.0733 -0.0154 -0.1054 6    DA  A C2    
558 N  N3    . DA  B 6  ? 0.3338 0.6405 0.5185 -0.1005 0.0698  -0.0364 6    DA  A N3    
559 C  C4    . DA  B 6  ? 0.5151 0.5584 0.4981 -0.0545 0.0539  -0.0838 6    DA  A C4    
571 P  P     . DT  B 7  ? 0.6673 0.7297 0.7191 -0.1179 0.0271  0.1221  7    DT  A P     
572 O  OP1   . DT  B 7  ? 0.8063 0.7464 0.7091 -0.1330 0.0242  0.0399  7    DT  A OP1   
573 O  OP2   . DT  B 7  ? 0.5686 0.8416 0.6459 -0.0925 0.1469  0.0206  7    DT  A OP2   
574 O  "O5'" . DT  B 7  ? 0.7553 0.6399 0.6667 -0.1059 0.0274  -0.0006 7    DT  A "O5'" 
575 C  "C5'" . DT  B 7  ? 0.7669 0.7261 0.7521 -0.0359 0.0811  0.0327  7    DT  A "C5'" 
576 C  "C4'" . DT  B 7  ? 0.5992 0.5929 0.6424 -0.0817 0.0672  0.0847  7    DT  A "C4'" 
577 O  "O4'" . DT  B 7  ? 0.6538 0.3874 0.7085 -0.0165 0.1104  0.0862  7    DT  A "O4'" 
578 C  "C3'" . DT  B 7  ? 0.6269 0.6612 0.6571 0.0233  0.0909  0.0121  7    DT  A "C3'" 
579 O  "O3'" . DT  B 7  ? 0.7518 0.5189 0.7583 -0.1640 0.0769  0.1033  7    DT  A "O3'" 
580 C  "C2'" . DT  B 7  ? 0.6536 0.4951 0.4911 -0.0810 0.0091  0.0371  7    DT  A "C2'" 
581 C  "C1'" . DT  B 7  ? 0.5983 0.4773 0.5899 -0.0842 0.0518  0.0342  7    DT  A "C1'" 
582 N  N1    . DT  B 7  ? 0.6017 0.4883 0.4936 -0.0218 0.0244  0.0717  7    DT  A N1    
583 C  C2    . DT  B 7  ? 0.4210 0.4489 0.5768 -0.0290 0.0476  -0.1239 7    DT  A C2    
584 O  O2    . DT  B 7  ? 0.5524 0.4512 0.5149 -0.0463 0.0897  0.0470  7    DT  A O2    
585 N  N3    . DT  B 7  ? 0.5404 0.4233 0.5464 -0.0410 0.1679  0.0176  7    DT  A N3    
586 C  C4    . DT  B 7  ? 0.4780 0.4517 0.5692 -0.0228 -0.0075 -0.1815 7    DT  A C4    
587 O  O4    . DT  B 7  ? 0.4962 0.5334 0.4167 -0.1282 0.0727  -0.0627 7    DT  A O4    
588 C  C5    . DT  B 7  ? 0.6529 0.4590 0.5263 -0.0906 -0.1398 -0.0456 7    DT  A C5    
589 C  C7    . DT  B 7  ? 0.4417 0.5999 0.5457 -0.0624 0.1103  -0.1386 7    DT  A C7    
590 C  C6    . DT  B 7  ? 0.5996 0.4303 0.5426 -0.0365 0.0511  -0.0024 7    DT  A C6    
603 P  P     . DT  B 8  ? 0.7789 0.5383 0.7082 -0.0477 0.0221  0.1390  8    DT  A P     
604 O  OP1   . DT  B 8  ? 0.8065 0.5459 0.7660 -0.0843 -0.0447 0.0270  8    DT  A OP1   
605 O  OP2   . DT  B 8  ? 0.7393 0.5785 0.6260 -0.0656 0.0744  0.0822  8    DT  A OP2   
606 O  "O5'" . DT  B 8  ? 0.7976 0.4330 0.6268 -0.0601 -0.0925 0.1310  8    DT  A "O5'" 
607 C  "C5'" . DT  B 8  ? 0.6920 0.3654 0.7519 0.0203  0.0908  0.0371  8    DT  A "C5'" 
608 C  "C4'" . DT  B 8  ? 0.6117 0.5516 0.6378 0.0150  0.0218  -0.0628 8    DT  A "C4'" 
609 O  "O4'" . DT  B 8  ? 0.4970 0.5260 0.6814 -0.1064 0.0281  -0.0412 8    DT  A "O4'" 
610 C  "C3'" . DT  B 8  ? 0.5811 0.5981 0.7154 0.0124  0.0209  -0.0464 8    DT  A "C3'" 
611 O  "O3'" . DT  B 8  ? 0.7676 0.5017 0.6844 -0.0114 0.0166  0.0053  8    DT  A "O3'" 
612 C  "C2'" . DT  B 8  ? 0.5635 0.6702 0.6255 -0.0420 -0.0785 0.0585  8    DT  A "C2'" 
613 C  "C1'" . DT  B 8  ? 0.6696 0.6023 0.6051 -0.0437 -0.0523 0.0123  8    DT  A "C1'" 
614 N  N1    . DT  B 8  ? 0.5006 0.4930 0.5411 0.0027  0.0126  0.0403  8    DT  A N1    
615 C  C2    . DT  B 8  ? 0.5531 0.4735 0.6380 0.0660  0.0287  -0.0662 8    DT  A C2    
616 O  O2    . DT  B 8  ? 0.5245 0.4681 0.6635 0.0627  0.0454  0.0267  8    DT  A O2    
617 N  N3    . DT  B 8  ? 0.5643 0.4143 0.5085 -0.0120 0.0495  0.0927  8    DT  A N3    
618 C  C4    . DT  B 8  ? 0.4474 0.3360 0.4862 -0.0499 0.1234  0.0457  8    DT  A C4    
619 O  O4    . DT  B 8  ? 0.4478 0.4080 0.5288 -0.0104 0.0247  -0.0251 8    DT  A O4    
620 C  C5    . DT  B 8  ? 0.6025 0.3455 0.6479 -0.0102 0.1071  -0.0489 8    DT  A C5    
621 C  C7    . DT  B 8  ? 0.6397 0.5132 0.5758 -0.0707 0.1038  0.1009  8    DT  A C7    
622 C  C6    . DT  B 8  ? 0.4618 0.4964 0.5141 -0.0114 0.1356  0.0947  8    DT  A C6    
635 P  P     . DA  B 9  ? 0.6979 0.4377 0.8502 -0.0367 -0.1102 0.0487  9    DA  A P     
636 O  OP1   . DA  B 9  ? 0.7097 0.4663 0.8822 0.0559  -0.1462 0.0491  9    DA  A OP1   
637 O  OP2   . DA  B 9  ? 0.5890 0.6375 0.7568 -0.0233 -0.0825 0.1278  9    DA  A OP2   
638 O  "O5'" . DA  B 9  ? 0.5990 0.7557 0.6268 0.0404  -0.1331 0.0816  9    DA  A "O5'" 
639 C  "C5'" . DA  B 9  ? 0.7866 0.4230 0.7097 0.0063  -0.0321 0.0422  9    DA  A "C5'" 
640 C  "C4'" . DA  B 9  ? 0.7961 0.4204 0.6438 0.0129  -0.1083 0.0726  9    DA  A "C4'" 
641 O  "O4'" . DA  B 9  ? 0.7792 0.5345 0.7149 -0.1046 -0.0749 0.1007  9    DA  A "O4'" 
642 C  "C3'" . DA  B 9  ? 0.9134 0.7340 0.6830 -0.0119 0.0088  0.0711  9    DA  A "C3'" 
643 O  "O3'" . DA  B 9  ? 0.8925 0.5717 0.7730 -0.0665 -0.0064 0.0907  9    DA  A "O3'" 
644 C  "C2'" . DA  B 9  ? 0.7515 0.6736 0.7881 -0.0676 -0.0763 0.0032  9    DA  A "C2'" 
645 C  "C1'" . DA  B 9  ? 0.7881 0.7304 0.6593 -0.0525 -0.0854 0.0782  9    DA  A "C1'" 
646 N  N9    . DA  B 9  ? 0.8847 0.6023 0.6634 -0.0001 -0.0199 0.1046  9    DA  A N9    
647 C  C8    . DA  B 9  ? 0.7801 0.7993 0.7171 -0.0580 -0.0456 0.0187  9    DA  A C8    
648 N  N7    . DA  B 9  ? 0.7720 0.6845 0.6771 -0.0829 -0.0408 0.1416  9    DA  A N7    
649 C  C5    . DA  B 9  ? 0.6930 0.7096 0.6450 0.0311  0.0311  0.1283  9    DA  A C5    
650 C  C6    . DA  B 9  ? 0.8513 0.6485 0.6723 -0.0687 0.0625  0.1166  9    DA  A C6    
651 N  N6    . DA  B 9  ? 0.8608 0.4722 0.8242 -0.0334 -0.0193 -0.1239 9    DA  A N6    
652 N  N1    . DA  B 9  ? 0.7732 0.5823 0.5567 0.0628  0.1247  0.2126  9    DA  A N1    
653 C  C2    . DA  B 9  ? 0.8183 0.6804 0.4957 -0.0909 -0.0227 0.1646  9    DA  A C2    
654 N  N3    . DA  B 9  ? 0.7123 0.6589 0.6005 0.0091  -0.0137 0.0990  9    DA  A N3    
655 C  C4    . DA  B 9  ? 0.6752 0.7535 0.6349 -0.0218 -0.0132 -0.0099 9    DA  A C4    
667 P  P     . DC  B 10 ? 0.8107 0.5997 0.8385 -0.0532 -0.0665 -0.0020 10   DC  A P     
668 O  OP1   . DC  B 10 ? 0.8978 0.5216 0.7794 0.0285  -0.0414 0.0916  10   DC  A OP1   
669 O  OP2   . DC  B 10 ? 0.8962 0.5652 0.7373 -0.0531 -0.0182 -0.0241 10   DC  A OP2   
670 O  "O5'" . DC  B 10 ? 0.6776 0.5018 0.7353 -0.0251 -0.1706 0.0195  10   DC  A "O5'" 
671 C  "C5'" . DC  B 10 ? 0.5857 0.5372 0.7019 -0.0677 -0.0356 0.0613  10   DC  A "C5'" 
672 C  "C4'" . DC  B 10 ? 0.7219 0.6080 0.6772 -0.0217 -0.0644 -0.0488 10   DC  A "C4'" 
673 O  "O4'" . DC  B 10 ? 0.5746 0.4331 0.6234 -0.0276 -0.0611 0.2224  10   DC  A "O4'" 
674 C  "C3'" . DC  B 10 ? 0.4966 0.4603 0.5830 -0.0482 -0.1392 0.0657  10   DC  A "C3'" 
675 O  "O3'" . DC  B 10 ? 0.6558 0.4376 0.6817 0.0449  -0.2016 0.0211  10   DC  A "O3'" 
676 C  "C2'" . DC  B 10 ? 0.3844 0.5362 0.5748 0.0512  -0.1359 0.0023  10   DC  A "C2'" 
677 C  "C1'" . DC  B 10 ? 0.5515 0.3772 0.6155 0.0106  -0.0192 0.1539  10   DC  A "C1'" 
678 N  N1    . DC  B 10 ? 0.6444 0.5549 0.6347 -0.0516 -0.0021 0.0179  10   DC  A N1    
679 C  C2    . DC  B 10 ? 0.3977 0.5182 0.5913 -0.0440 -0.0548 -0.0198 10   DC  A C2    
680 O  O2    . DC  B 10 ? 0.3995 0.5029 0.4761 0.0052  0.0315  0.0466  10   DC  A O2    
681 N  N3    . DC  B 10 ? 0.4832 0.5712 0.5345 -0.0211 -0.0741 0.0220  10   DC  A N3    
682 C  C4    . DC  B 10 ? 0.5745 0.5320 0.5014 -0.0481 -0.0435 0.0016  10   DC  A C4    
683 N  N4    . DC  B 10 ? 0.4500 0.5632 0.6534 -0.0936 -0.0058 0.0038  10   DC  A N4    
684 C  C5    . DC  B 10 ? 0.5774 0.5617 0.5628 0.0163  -0.0114 -0.0499 10   DC  A C5    
685 C  C6    . DC  B 10 ? 0.6016 0.6312 0.6495 0.0172  -0.0109 0.0304  10   DC  A C6    
697 P  P     . DC  B 11 ? 0.4691 0.6680 0.7014 -0.0199 -0.0498 0.0676  11   DC  A P     
698 O  OP1   . DC  B 11 ? 0.7729 0.3847 0.6721 -0.0040 0.0848  -0.0388 11   DC  A OP1   
699 O  OP2   . DC  B 11 ? 0.5490 0.3716 0.7819 -0.0604 0.0384  0.0386  11   DC  A OP2   
700 O  "O5'" . DC  B 11 ? 0.5467 0.6277 0.7170 -0.1502 0.1461  -0.2514 11   DC  A "O5'" 
701 C  "C5'" . DC  B 11 ? 0.5463 0.5361 0.7817 -0.1154 0.1211  -0.1301 11   DC  A "C5'" 
702 C  "C4'" . DC  B 11 ? 0.2866 0.5765 0.6052 0.0461  -0.0551 0.0232  11   DC  A "C4'" 
703 O  "O4'" . DC  B 11 ? 0.3664 0.5569 0.6302 0.0126  -0.0786 -0.0368 11   DC  A "O4'" 
704 C  "C3'" . DC  B 11 ? 0.5018 0.4412 0.5821 0.0094  -0.1663 -0.0264 11   DC  A "C3'" 
705 O  "O3'" . DC  B 11 ? 0.4583 0.4472 0.7318 0.0758  -0.0734 -0.0786 11   DC  A "O3'" 
706 C  "C2'" . DC  B 11 ? 0.4201 0.5253 0.6533 0.0062  -0.1319 -0.0085 11   DC  A "C2'" 
707 C  "C1'" . DC  B 11 ? 0.5675 0.4925 0.5480 -0.0063 -0.1109 0.0575  11   DC  A "C1'" 
708 N  N1    . DC  B 11 ? 0.5259 0.4956 0.5770 -0.0633 -0.1341 0.0351  11   DC  A N1    
709 C  C2    . DC  B 11 ? 0.6579 0.5435 0.5210 -0.0274 -0.0394 -0.0087 11   DC  A C2    
710 O  O2    . DC  B 11 ? 0.4065 0.4625 0.5032 -0.0325 0.0270  0.0657  11   DC  A O2    
711 N  N3    . DC  B 11 ? 0.6219 0.5537 0.5752 -0.0635 -0.0171 0.0289  11   DC  A N3    
712 C  C4    . DC  B 11 ? 0.6113 0.6669 0.5152 -0.0194 -0.0359 0.0010  11   DC  A C4    
713 N  N4    . DC  B 11 ? 0.6629 0.6215 0.5444 0.0206  0.0198  0.1610  11   DC  A N4    
714 C  C5    . DC  B 11 ? 0.5810 0.6640 0.6603 0.0158  -0.0193 0.0386  11   DC  A C5    
715 C  C6    . DC  B 11 ? 0.7620 0.5946 0.4944 -0.0506 -0.0686 0.1775  11   DC  A C6    
727 P  P     . DG  B 12 ? 0.4934 0.4684 0.6375 0.0255  -0.0423 -0.0361 12   DG  A P     
728 O  OP1   . DG  B 12 ? 0.4350 0.4236 0.7793 -0.0219 -0.0111 -0.0380 12   DG  A OP1   
729 O  OP2   . DG  B 12 ? 0.6394 0.3562 0.8054 0.0332  -0.1603 0.0772  12   DG  A OP2   
730 O  "O5'" . DG  B 12 ? 0.4481 0.4365 0.5101 -0.0437 0.0162  -0.0870 12   DG  A "O5'" 
731 C  "C5'" . DG  B 12 ? 0.3149 0.3507 0.6108 0.0788  -0.0878 -0.0213 12   DG  A "C5'" 
732 C  "C4'" . DG  B 12 ? 0.3366 0.3895 0.5306 -0.0743 0.0332  -0.0811 12   DG  A "C4'" 
733 O  "O4'" . DG  B 12 ? 0.4145 0.3252 0.5253 0.0036  0.0350  -0.0013 12   DG  A "O4'" 
734 C  "C3'" . DG  B 12 ? 0.3774 0.4581 0.4860 -0.0162 -0.0622 -0.0221 12   DG  A "C3'" 
735 O  "O3'" . DG  B 12 ? 0.3318 0.4163 0.4798 0.0133  0.0518  -0.0016 12   DG  A "O3'" 
736 C  "C2'" . DG  B 12 ? 0.4973 0.4072 0.5557 -0.0106 0.0542  -0.0652 12   DG  A "C2'" 
737 C  "C1'" . DG  B 12 ? 0.4805 0.2841 0.6696 -0.0056 0.1233  -0.1146 12   DG  A "C1'" 
738 N  N9    . DG  B 12 ? 0.4506 0.3988 0.6083 0.0421  0.0338  0.0394  12   DG  A N9    
739 C  C8    . DG  B 12 ? 0.5306 0.5998 0.5048 0.0307  -0.0035 -0.0029 12   DG  A C8    
740 N  N7    . DG  B 12 ? 0.5116 0.6011 0.6296 0.0801  -0.1432 -0.0734 12   DG  A N7    
741 C  C5    . DG  B 12 ? 0.6052 0.4535 0.5579 -0.0205 0.1283  -0.0805 12   DG  A C5    
742 C  C6    . DG  B 12 ? 0.4309 0.5328 0.5650 0.0476  0.0352  -0.0427 12   DG  A C6    
743 O  O6    . DG  B 12 ? 0.5995 0.6345 0.5360 0.0043  -0.0683 0.0009  12   DG  A O6    
744 N  N1    . DG  B 12 ? 0.5832 0.5582 0.5849 -0.0039 0.2317  -0.0936 12   DG  A N1    
745 C  C2    . DG  B 12 ? 0.4472 0.4887 0.4868 0.0510  0.0383  -0.0083 12   DG  A C2    
746 N  N2    . DG  B 12 ? 0.5566 0.4561 0.5165 -0.0288 0.1932  -0.0340 12   DG  A N2    
747 N  N3    . DG  B 12 ? 0.4797 0.3931 0.4376 0.0228  0.0051  -0.0416 12   DG  A N3    
748 C  C4    . DG  B 12 ? 0.3716 0.6390 0.5172 0.0281  -0.0086 -0.0594 12   DG  A C4    
761 RH RH    . R1C C .  ? 0.3964 0.3343 0.5571 -0.0112 0.0516  -0.0085 2001 R1C B RH    
762 N  N5    . R1C C .  ? 0.5128 0.5018 0.4012 -0.2145 0.1317  -0.1440 2001 R1C B N5    
763 N  N6    . R1C C .  ? 0.5779 0.3766 0.5091 0.1112  -0.0133 -0.1061 2001 R1C B N6    
764 C  C21   . R1C C .  ? 0.5793 0.3254 0.5138 0.0563  -0.0050 0.0283  2001 R1C B C21   
765 C  C22   . R1C C .  ? 0.3526 0.4813 0.5059 -0.0135 0.1155  -0.0558 2001 R1C B C22   
766 C  C23   . R1C C .  ? 0.3558 0.3090 0.4354 0.0579  -0.0479 -0.0059 2001 R1C B C23   
767 C  C24   . R1C C .  ? 0.3368 0.3873 0.5307 -0.0178 -0.0073 -0.0559 2001 R1C B C24   
768 C  C25   . R1C C .  ? 0.5846 0.4689 0.5199 -0.1074 -0.0741 -0.0375 2001 R1C B C25   
769 C  C26   . R1C C .  ? 0.6884 0.4149 0.6055 -0.0179 -0.0113 -0.0667 2001 R1C B C26   
770 C  C27   . R1C C .  ? 0.5697 0.5360 0.5622 0.0194  0.0583  0.1210  2001 R1C B C27   
771 C  C28   . R1C C .  ? 0.4029 0.5156 0.6343 0.0343  0.0639  -0.0301 2001 R1C B C28   
772 C  C29   . R1C C .  ? 0.4769 0.5086 0.5311 0.0437  0.1275  0.0145  2001 R1C B C29   
773 C  C30   . R1C C .  ? 0.4845 0.3952 0.4440 -0.0609 0.0527  -0.0196 2001 R1C B C30   
774 C  C31   . R1C C .  ? 0.4270 0.3783 0.4772 -0.0045 0.0724  -0.0153 2001 R1C B C31   
775 C  C32   . R1C C .  ? 0.3693 0.3211 0.4831 -0.0318 0.0603  -0.0917 2001 R1C B C32   
776 C  C33   . R1C C .  ? 0.4109 0.3449 0.4534 -0.0859 0.0435  0.0145  2001 R1C B C33   
777 C  C34   . R1C C .  ? 0.4660 0.4559 0.5382 0.0043  -0.0367 -0.1060 2001 R1C B C34   
778 C  C35   . R1C C .  ? 0.3631 0.3263 0.5359 0.0169  0.0048  -0.1086 2001 R1C B C35   
779 C  C36   . R1C C .  ? 0.4310 0.2549 0.5835 0.0173  0.0078  -0.1307 2001 R1C B C36   
780 C  C37   . R1C C .  ? 0.4841 0.3023 0.5698 0.0759  0.0577  -0.0193 2001 R1C B C37   
781 C  C38   . R1C C .  ? 0.4264 0.2715 0.5568 -0.1016 0.1129  -0.1305 2001 R1C B C38   
782 N  N1    . R1C C .  ? 0.4810 0.5925 0.6306 0.0799  -0.0135 0.1460  2001 R1C B N1    
783 N  N2    . R1C C .  ? 0.7235 0.4037 0.5911 0.0643  -0.1729 -0.1611 2001 R1C B N2    
784 N  N3    . R1C C .  ? 0.5830 0.3010 0.6609 -0.0181 0.2586  -0.1192 2001 R1C B N3    
785 N  N4    . R1C C .  ? 0.2703 0.7317 0.4915 -0.0628 0.0743  0.1004  2001 R1C B N4    
786 C  C1    . R1C C .  ? 0.5582 0.3179 0.4572 -0.0433 0.0272  -0.0975 2001 R1C B C1    
787 C  C2    . R1C C .  ? 0.2965 0.4627 0.4688 0.0787  0.0298  0.0577  2001 R1C B C2    
788 C  C3    . R1C C .  ? 0.3550 0.4072 0.3920 -0.0167 0.1045  0.0257  2001 R1C B C3    
789 C  C4    . R1C C .  ? 0.3561 0.4324 0.3748 -0.0428 0.0235  0.0824  2001 R1C B C4    
790 C  C5    . R1C C .  ? 0.4865 0.3458 0.5259 0.0124  -0.0316 -0.0854 2001 R1C B C5    
791 C  C6    . R1C C .  ? 0.3989 0.4022 0.5485 -0.1618 0.1503  -0.0238 2001 R1C B C6    
792 C  C7    . R1C C .  ? 0.4608 0.3339 0.5460 0.0337  0.0472  -0.0514 2001 R1C B C7    
793 C  C8    . R1C C .  ? 0.5511 0.4013 0.5758 0.0126  0.0667  -0.0827 2001 R1C B C8    
794 C  C9    . R1C C .  ? 0.5459 0.4319 0.7463 0.0769  0.1432  -0.2249 2001 R1C B C9    
795 C  C10   . R1C C .  ? 0.3966 0.5973 0.5385 -0.1610 0.1713  -0.0661 2001 R1C B C10   
796 C  C11   . R1C C .  ? 0.4437 0.6326 0.5126 0.0195  -0.1078 0.0546  2001 R1C B C11   
797 C  C12   . R1C C .  ? 0.4647 0.4376 0.6027 0.0531  -0.0339 -0.1257 2001 R1C B C12   
798 C  C13   . R1C C .  ? 0.4670 0.4461 0.5433 0.0711  0.1114  -0.0451 2001 R1C B C13   
799 C  C14   . R1C C .  ? 0.4611 0.6726 0.5666 -0.0434 0.0244  -0.0656 2001 R1C B C14   
800 C  C15   . R1C C .  ? 0.3772 0.5260 0.5596 0.0814  0.0045  -0.0110 2001 R1C B C15   
801 C  C16   . R1C C .  ? 0.4273 0.5751 0.6041 -0.0636 0.0653  -0.0436 2001 R1C B C16   
802 C  C17   . R1C C .  ? 0.3789 0.5080 0.5901 0.0912  0.0442  0.0419  2001 R1C B C17   
803 C  C18   . R1C C .  ? 0.3864 0.4037 0.6189 -0.0221 -0.0294 -0.1096 2001 R1C B C18   
804 C  C19   . R1C C .  ? 0.4483 0.5079 0.4983 0.0468  0.0920  0.0614  2001 R1C B C19   
805 C  C20   . R1C C .  ? 0.5037 0.3913 0.4767 -0.0547 -0.0135 -0.1667 2001 R1C B C20   
808 AS AS    A CAC D .  ? 0.5788 0.4465 0.4157 -0.0095 0.0237  -0.0406 13   CAC B AS    
809 AS AS    B CAC D .  ? 1.1052 1.0061 0.9721 0.0339  -0.2417 -0.2984 13   CAC B AS    
810 O  O1    A CAC D .  ? 0.7251 0.3308 0.6472 0.0259  0.0093  -0.0580 13   CAC B O1    
811 O  O1    B CAC D .  ? 0.7063 0.4599 0.6536 0.1149  0.0506  -0.1776 13   CAC B O1    
812 O  O2    A CAC D .  ? 0.7544 0.5770 0.6449 0.0593  -0.0523 -0.0218 13   CAC B O2    
813 O  O2    B CAC D .  ? 0.8318 0.5860 0.7561 0.0599  -0.0747 -0.0430 13   CAC B O2    
814 C  C1    A CAC D .  ? 0.5155 0.3565 0.4158 0.0547  0.0039  -0.0624 13   CAC B C1    
815 C  C1    B CAC D .  ? 0.6154 0.4077 0.3026 -0.0427 0.0037  -0.1044 13   CAC B C1    
816 C  C2    A CAC D .  ? 0.5181 0.6288 0.4765 -0.0010 -0.0682 -0.0749 13   CAC B C2    
817 C  C2    B CAC D .  ? 0.6203 0.4633 0.5320 0.0167  -0.0591 -0.1483 13   CAC B C2    
818 RH RH    . R1C E .  ? 0.3607 0.4276 0.4571 -0.0246 0.0959  -0.0044 2002 R1C A RH    
819 N  N5    . R1C E .  ? 0.6090 0.4990 0.4342 -0.2528 0.0688  0.0217  2002 R1C A N5    
820 N  N6    . R1C E .  ? 0.3401 0.4518 0.5304 0.0841  -0.0434 -0.1693 2002 R1C A N6    
821 C  C21   . R1C E .  ? 0.4542 0.3455 0.3941 0.0587  0.0419  0.0620  2002 R1C A C21   
822 C  C22   . R1C E .  ? 0.4668 0.2493 0.4560 0.1159  0.1002  0.0156  2002 R1C A C22   
823 C  C23   . R1C E .  ? 0.4718 0.3313 0.3720 -0.0469 0.0317  0.0374  2002 R1C A C23   
824 C  C24   . R1C E .  ? 0.3782 0.2791 0.3888 0.0050  0.0071  -0.0003 2002 R1C A C24   
825 C  C25   . R1C E .  ? 0.3961 0.3350 0.4986 -0.0467 0.0055  0.1165  2002 R1C A C25   
826 C  C26   . R1C E .  ? 0.3233 0.4417 0.3753 -0.0572 0.0581  0.0411  2002 R1C A C26   
827 C  C27   . R1C E .  ? 0.3625 0.3517 0.4199 -0.0142 0.1479  -0.0172 2002 R1C A C27   
828 C  C28   . R1C E .  ? 0.4011 0.3593 0.5117 -0.0697 0.0910  -0.0541 2002 R1C A C28   
829 C  C29   . R1C E .  ? 0.3305 0.4518 0.4496 -0.0994 0.0238  -0.0761 2002 R1C A C29   
830 C  C30   . R1C E .  ? 0.4287 0.4478 0.4381 -0.0527 0.0627  -0.0710 2002 R1C A C30   
831 C  C31   . R1C E .  ? 0.2175 0.3588 0.5627 -0.0735 0.1311  -0.1018 2002 R1C A C31   
832 C  C32   . R1C E .  ? 0.2683 0.4194 0.4348 -0.1211 0.0714  0.0565  2002 R1C A C32   
833 C  C33   . R1C E .  ? 0.2974 0.3824 0.4099 0.0228  0.0277  -0.0299 2002 R1C A C33   
834 C  C34   . R1C E .  ? 0.2692 0.4130 0.5938 -0.0054 0.0471  -0.0848 2002 R1C A C34   
835 C  C35   . R1C E .  ? 0.5182 0.3749 0.5934 -0.1475 0.1384  -0.1463 2002 R1C A C35   
836 C  C36   . R1C E .  ? 0.3007 0.3293 0.5173 -0.0305 0.0276  -0.1345 2002 R1C A C36   
837 C  C37   . R1C E .  ? 0.3434 0.3151 0.6171 0.0342  0.0939  -0.0231 2002 R1C A C37   
838 C  C38   . R1C E .  ? 0.3025 0.4875 0.3622 -0.0124 0.0058  -0.0869 2002 R1C A C38   
839 N  N1    . R1C E .  ? 0.3751 0.3542 0.4732 0.1297  0.1194  0.0282  2002 R1C A N1    
840 N  N2    . R1C E .  ? 0.5782 0.5006 0.3301 0.1345  -0.0773 -0.1477 2002 R1C A N2    
841 N  N3    . R1C E .  ? 0.4594 0.6830 0.3774 -0.1809 0.0561  0.0804  2002 R1C A N3    
842 N  N4    . R1C E .  ? 0.4169 0.6078 0.6520 0.0167  0.2175  0.1964  2002 R1C A N4    
843 C  C1    . R1C E .  ? 0.5384 0.4073 0.3049 0.0219  -0.0433 -0.1032 2002 R1C A C1    
844 C  C2    . R1C E .  ? 0.3278 0.2953 0.4201 0.0466  0.0844  -0.0586 2002 R1C A C2    
845 C  C3    . R1C E .  ? 0.3372 0.3323 0.3937 0.0957  0.0599  -0.0570 2002 R1C A C3    
846 C  C4    . R1C E .  ? 0.3855 0.4167 0.4062 0.0263  0.0948  0.0641  2002 R1C A C4    
847 C  C5    . R1C E .  ? 0.3581 0.4499 0.4766 0.0765  0.0628  0.0789  2002 R1C A C5    
848 C  C6    . R1C E .  ? 0.3976 0.3921 0.3837 -0.1451 0.0573  0.0533  2002 R1C A C6    
849 C  C7    . R1C E .  ? 0.4934 0.3734 0.4575 0.0455  -0.0798 -0.0042 2002 R1C A C7    
850 C  C8    . R1C E .  ? 0.3701 0.6084 0.4324 -0.0775 0.0448  -0.0154 2002 R1C A C8    
851 C  C9    . R1C E .  ? 0.4887 0.5966 0.5951 -0.0455 0.0707  -0.0047 2002 R1C A C9    
852 C  C10   . R1C E .  ? 0.3632 0.6749 0.4231 -0.1360 0.1076  0.2033  2002 R1C A C10   
853 C  C11   . R1C E .  ? 0.4339 0.4333 0.6768 0.1914  0.1160  0.1248  2002 R1C A C11   
854 C  C12   . R1C E .  ? 0.4635 0.4672 0.4736 0.0268  0.0904  0.1183  2002 R1C A C12   
855 C  C13   . R1C E .  ? 0.4824 0.5639 0.3588 0.0319  0.0873  0.0007  2002 R1C A C13   
856 C  C14   . R1C E .  ? 0.5108 0.4997 0.3614 -0.1301 -0.0523 0.0698  2002 R1C A C14   
857 C  C15   . R1C E .  ? 0.4936 0.4592 0.5331 0.1240  0.0285  0.1265  2002 R1C A C15   
858 C  C16   . R1C E .  ? 0.4228 0.5966 0.4338 -0.0534 0.0283  0.0340  2002 R1C A C16   
859 C  C17   . R1C E .  ? 0.5600 0.3008 0.6203 -0.0678 0.0768  0.0246  2002 R1C A C17   
860 C  C18   . R1C E .  ? 0.4667 0.3486 0.4954 -0.0643 0.0684  0.0297  2002 R1C A C18   
861 C  C19   . R1C E .  ? 0.4777 0.5980 0.4992 0.0588  0.1502  -0.0447 2002 R1C A C19   
862 C  C20   . R1C E .  ? 0.4952 0.5139 0.3743 -0.0961 -0.0518 -0.0344 2002 R1C A C20   
# 
